data_5LJO
#
_entry.id   5LJO
#
loop_
_entity.id
_entity.type
_entity.pdbx_description
1 polymer 'Outer membrane protein assembly factor BamB'
2 polymer 'Outer membrane protein assembly factor BamC'
3 polymer 'Outer membrane protein assembly factor BamD'
4 polymer 'Outer membrane protein assembly factor BamE'
5 polymer 'Outer membrane protein assembly factor BamA'
#
loop_
_entity_poly.entity_id
_entity_poly.type
_entity_poly.pdbx_seq_one_letter_code
_entity_poly.pdbx_strand_id
1 'polypeptide(L)'
;LFNSEEDVVKMSPLPTVENQFTPTTAWSTSVGSGIGNFYSNLHPALADNVVYAADRAGLVKALNADDGKEIWSVSLAEKD
GWFSKEPALLSGGVTVSGGHVYIGSEKAQVYALNTSDGTVAWQTKVAGEALSRPVVSDGLVLIHTSNGQLQALNEADGAV
KWTVNLDMPSLSLRGESAPTTAFGAAVVGGDNGRVSAVLMEQGQMIWQQRISQATGSTEIDRLSDVDTTPVVVNGVVFAL
AYNGNLTALDLRSGQIMWKRELGSVNDFIVDGNRIYLVDQNDRVMALTIDGGVTLWTQSDLLHRLLTSPVLYNGNLVVGD
SEGYLHWINVEDGRFVAQQKVDSSGFQTEPVAADGKLLIQAKDGTVYSITR
;
B
2 'polypeptide(L)'
;CSSDSRYKRQVSGDEAYLEAAPLAELHAPAGMILPVTSGDYAIPVTNGSGAVGKALDIRPPAQPLALVSGARTQFTGDTA
SLLVENGRGNTLWPQVVSVLQAKNYTITQRDDAGQTLTTDWVQWNRLDEDEQYRGRYQISVKPQGYQQAVTVKLLNLEQA
GKPVA
;
C
3 'polypeptide(L)'
;EVPDNPPNEIYATAQQKLQDGNWRQAITQLEALDNRYPFGPYSQQVQLDLIYAYYKNADLPLAQAAIDRFIRLNPTHPNI
DYVMYMRGLTNMALDDSALQGFFGVDRSDRDPQHARAAFSDFSKLVRGYPNSQYTTDATKRLVFLKDRLAKYEYSVAEYY
TERGAWVAVVNRVEGMLRDYPDTQATRDALPLMENAYRQMQMNAQAEKVAKIIAANSS
;
D
4 'polypeptide(L)'
;ERVVYRPDINQGNYLTANDVSKIRVGMTQQQVAYALGTPLMSDPFGTNTWFYVFRQQPGHEGVTQQTLTLTFNSSGVLTN
IDNKPAL
;
E
5 'polypeptide(L)'
;FVVKDIHFEGLQRVAVGAALLSMPVRTGDTVNDEDISNTIRALFATGNFEDVRVLRDGDTLLVQVKERPTIASITFSGNK
SVKDDMLKQNLEASGVRVGESLDRTTIADIEKGLEDFYYSVGKYSASVKAVVTPLPRNRVDLKLVFQEGVSAEIQQINIV
GNHAFTTDELISHFQLRDEVPWWNVVGDRKYQKQKLAGDLETLRSYYLDRGYARFNIDSTQVSLTPDKKGIYVTVNITEG
DQYKLSGVEVSGNLAGHSAEIEQLTKIEPGELYNGTKVTKMEDDIKKLLGRYGYAYPRVQSMPEINDADKTVKLRVNVDA
GNRFYVRKIRFEGNDTSKDAVLRREMRQMEGAWLGSDLVDQGKERLNRLGFFETVDTDTQRVPGSPDQVDVVYKVKERNT
GSFNFGIGYGTESGVSFQAGVQQDNWLGTGYAVGINGTKNDYQTYAELSVTNPYFTVDGVSLGGRLFYNDFQADDADLSD
YTNKSYGTDVTLGFPINEYNSLRAGLGYVHNSLSNMQPQVAMWRYLYSMGEHPSTSDQDNSFKTDDFTFNYGWTYNKLDR
GYFPTDGSRVNLTGKVTIPGSDNEYYKVTLDTATYVPIDDDHKWVVLGRTRWGYGDGLGGKEMPFYENFYAGGSSTVRGF
QSNTIGPKAVYFPHQASNYDPDYDYECATQDGAKDLCKSDDAVGGNAMAVASLEFITPTPFISDKYANSVRTSFFWDMGT
VWDTNWDSSQYSGYPDYSDPSNIRMSAGIALQWMSPLGPLVFSYAQPFKKYDGDKAEQFQFNI
;
A
#
# COMPACT_ATOMS: atom_id res chain seq x y z
N LEU A 1 15.55 -23.63 0.47
CA LEU A 1 14.19 -23.24 0.10
C LEU A 1 14.06 -22.90 -1.36
N PHE A 2 14.60 -21.74 -1.74
CA PHE A 2 14.45 -21.22 -3.09
C PHE A 2 15.14 -22.06 -4.14
N ASN A 3 16.11 -22.85 -3.71
CA ASN A 3 16.80 -23.76 -4.59
C ASN A 3 15.82 -24.81 -5.14
N SER A 4 14.81 -25.16 -4.34
CA SER A 4 13.81 -26.12 -4.76
C SER A 4 12.64 -25.42 -5.43
N GLU A 5 12.46 -24.14 -5.12
CA GLU A 5 11.37 -23.35 -5.70
C GLU A 5 11.59 -23.06 -7.19
N GLU A 6 12.84 -22.90 -7.61
CA GLU A 6 13.17 -22.61 -9.01
C GLU A 6 13.05 -23.82 -9.94
N ASP A 7 12.16 -23.73 -10.94
CA ASP A 7 11.93 -24.84 -11.87
C ASP A 7 12.92 -24.86 -13.03
N VAL A 8 14.16 -25.21 -12.73
CA VAL A 8 15.20 -25.21 -13.75
C VAL A 8 15.07 -26.38 -14.72
N VAL A 9 15.07 -26.06 -16.01
CA VAL A 9 14.95 -27.04 -17.08
C VAL A 9 16.24 -27.81 -17.32
N LYS A 10 16.14 -29.13 -17.31
CA LYS A 10 17.29 -29.99 -17.54
C LYS A 10 17.65 -30.12 -19.01
N MET A 11 18.95 -30.10 -19.25
CA MET A 11 19.52 -30.20 -20.58
C MET A 11 19.70 -31.65 -21.00
N SER A 12 19.72 -31.91 -22.30
CA SER A 12 20.10 -33.23 -22.78
C SER A 12 21.56 -33.29 -22.43
N PRO A 13 22.12 -34.45 -22.14
CA PRO A 13 23.48 -34.46 -21.64
C PRO A 13 24.46 -34.78 -22.74
N LEU A 14 24.85 -36.02 -22.91
CA LEU A 14 25.82 -36.26 -23.95
C LEU A 14 25.91 -37.71 -24.36
N PRO A 15 24.99 -38.14 -25.22
CA PRO A 15 24.92 -39.44 -25.85
C PRO A 15 26.18 -39.69 -26.66
N THR A 16 26.51 -40.96 -26.81
CA THR A 16 27.69 -41.46 -27.52
C THR A 16 28.97 -40.63 -27.42
N VAL A 17 29.73 -40.88 -26.35
CA VAL A 17 31.05 -40.30 -26.22
C VAL A 17 31.96 -40.96 -27.21
N GLU A 18 32.74 -40.19 -27.93
CA GLU A 18 33.63 -40.79 -28.90
C GLU A 18 35.08 -40.48 -28.76
N ASN A 19 35.84 -41.26 -29.50
CA ASN A 19 37.27 -41.19 -29.54
C ASN A 19 37.80 -41.84 -30.80
N GLN A 20 37.01 -41.80 -31.89
CA GLN A 20 37.40 -42.39 -33.17
C GLN A 20 38.71 -41.74 -33.55
N PHE A 21 38.74 -40.44 -33.32
CA PHE A 21 39.93 -39.64 -33.38
C PHE A 21 40.14 -39.19 -31.97
N THR A 22 40.70 -40.09 -31.17
CA THR A 22 40.85 -39.90 -29.74
C THR A 22 41.40 -38.53 -29.42
N PRO A 23 40.53 -37.60 -29.04
CA PRO A 23 40.77 -36.21 -28.77
C PRO A 23 41.54 -36.03 -27.50
N THR A 24 42.33 -34.97 -27.49
CA THR A 24 43.13 -34.59 -26.34
C THR A 24 43.46 -33.12 -26.41
N THR A 25 44.37 -32.68 -25.56
CA THR A 25 44.78 -31.31 -25.64
C THR A 25 46.24 -31.26 -25.94
N ALA A 26 46.61 -30.32 -26.79
CA ALA A 26 48.00 -30.12 -27.10
C ALA A 26 48.65 -29.56 -25.85
N TRP A 27 47.95 -28.64 -25.20
CA TRP A 27 48.37 -28.13 -23.92
C TRP A 27 47.27 -27.36 -23.22
N SER A 28 47.38 -27.26 -21.91
CA SER A 28 46.39 -26.59 -21.10
C SER A 28 46.96 -25.38 -20.39
N THR A 29 47.80 -24.61 -21.06
CA THR A 29 48.44 -23.42 -20.48
C THR A 29 47.38 -22.34 -20.26
N SER A 30 46.56 -22.52 -19.25
CA SER A 30 45.40 -21.70 -18.97
C SER A 30 45.61 -20.20 -18.85
N VAL A 31 46.46 -19.78 -17.90
CA VAL A 31 46.73 -18.38 -17.54
C VAL A 31 45.78 -17.89 -16.43
N GLY A 32 44.53 -18.35 -16.45
CA GLY A 32 43.56 -17.96 -15.42
C GLY A 32 42.48 -17.04 -15.94
N SER A 33 41.42 -16.88 -15.14
CA SER A 33 40.28 -16.01 -15.42
C SER A 33 40.63 -14.54 -15.64
N GLY A 34 39.91 -13.93 -16.59
CA GLY A 34 39.49 -14.55 -17.84
C GLY A 34 38.14 -14.00 -18.17
N ILE A 35 37.14 -14.87 -18.21
CA ILE A 35 35.78 -14.44 -18.48
C ILE A 35 34.96 -14.53 -17.22
N GLY A 36 35.18 -15.62 -16.49
CA GLY A 36 34.43 -15.87 -15.28
C GLY A 36 32.99 -16.03 -15.69
N ASN A 37 32.09 -15.51 -14.88
CA ASN A 37 30.69 -15.59 -15.24
C ASN A 37 30.21 -14.29 -15.86
N PHE A 38 31.15 -13.44 -16.27
CA PHE A 38 30.77 -12.20 -16.88
C PHE A 38 30.62 -12.43 -18.37
N TYR A 39 29.40 -12.33 -18.88
CA TYR A 39 29.20 -12.56 -20.30
C TYR A 39 29.97 -11.54 -21.13
N SER A 40 30.79 -12.02 -22.06
CA SER A 40 31.63 -11.12 -22.84
C SER A 40 32.00 -11.59 -24.24
N ASN A 41 32.21 -10.60 -25.11
CA ASN A 41 32.66 -10.82 -26.48
C ASN A 41 34.14 -11.16 -26.55
N LEU A 42 34.87 -10.93 -25.46
CA LEU A 42 36.28 -11.20 -25.45
C LEU A 42 36.53 -12.65 -25.78
N HIS A 43 37.34 -12.90 -26.81
CA HIS A 43 37.68 -14.24 -27.21
C HIS A 43 39.07 -14.18 -27.83
N PRO A 44 39.80 -15.30 -27.85
CA PRO A 44 41.17 -15.44 -28.28
C PRO A 44 41.37 -15.36 -29.78
N ALA A 45 42.62 -15.14 -30.17
CA ALA A 45 43.01 -15.12 -31.57
C ALA A 45 44.33 -15.88 -31.69
N LEU A 46 44.67 -16.32 -32.88
CA LEU A 46 45.89 -17.12 -33.04
C LEU A 46 46.52 -17.01 -34.42
N ALA A 47 47.79 -16.63 -34.46
CA ALA A 47 48.50 -16.55 -35.72
C ALA A 47 50.00 -16.57 -35.53
N ASP A 48 50.69 -17.22 -36.47
CA ASP A 48 52.16 -17.30 -36.48
C ASP A 48 52.72 -17.87 -35.20
N ASN A 49 52.03 -18.86 -34.66
CA ASN A 49 52.37 -19.50 -33.40
C ASN A 49 52.28 -18.56 -32.21
N VAL A 50 51.58 -17.45 -32.37
CA VAL A 50 51.40 -16.56 -31.26
C VAL A 50 49.98 -16.63 -30.78
N VAL A 51 49.82 -17.10 -29.58
CA VAL A 51 48.51 -17.21 -28.98
C VAL A 51 48.13 -15.88 -28.46
N TYR A 52 47.13 -15.28 -29.07
CA TYR A 52 46.70 -13.97 -28.66
C TYR A 52 45.61 -14.12 -27.63
N ALA A 53 46.06 -14.24 -26.38
CA ALA A 53 45.17 -14.48 -25.26
C ALA A 53 45.15 -13.30 -24.31
N ALA A 54 44.04 -13.15 -23.61
CA ALA A 54 43.95 -12.07 -22.64
C ALA A 54 42.83 -12.37 -21.67
N ASP A 55 42.99 -11.89 -20.45
CA ASP A 55 41.93 -12.05 -19.49
C ASP A 55 41.11 -10.77 -19.54
N ARG A 56 39.93 -10.76 -18.98
CA ARG A 56 39.11 -9.57 -18.99
C ARG A 56 39.63 -8.43 -18.14
N ALA A 57 40.05 -8.72 -16.92
CA ALA A 57 40.44 -7.68 -15.98
C ALA A 57 41.88 -7.17 -16.08
N GLY A 58 42.76 -7.83 -16.82
CA GLY A 58 44.14 -7.35 -16.80
C GLY A 58 45.02 -7.80 -17.96
N LEU A 59 45.63 -8.96 -17.74
CA LEU A 59 46.69 -9.51 -18.54
C LEU A 59 46.43 -9.77 -19.99
N VAL A 60 47.47 -9.51 -20.76
CA VAL A 60 47.50 -9.79 -22.17
C VAL A 60 48.67 -10.70 -22.44
N LYS A 61 48.40 -11.84 -23.00
CA LYS A 61 49.42 -12.83 -23.22
C LYS A 61 49.71 -13.13 -24.67
N ALA A 62 50.96 -13.43 -24.92
CA ALA A 62 51.39 -13.97 -26.18
C ALA A 62 52.01 -15.27 -25.82
N LEU A 63 51.35 -16.36 -26.17
CA LEU A 63 51.90 -17.64 -25.76
C LEU A 63 52.42 -18.35 -27.00
N ASN A 64 53.45 -19.13 -26.84
CA ASN A 64 54.03 -19.84 -27.95
C ASN A 64 53.27 -21.07 -28.25
N ALA A 65 52.68 -21.13 -29.44
CA ALA A 65 51.90 -22.28 -29.86
C ALA A 65 52.73 -23.56 -30.14
N ASP A 66 53.85 -23.76 -29.48
CA ASP A 66 54.57 -24.99 -29.56
C ASP A 66 54.41 -25.72 -28.24
N ASP A 67 53.73 -25.06 -27.29
CA ASP A 67 53.62 -25.60 -25.94
C ASP A 67 52.72 -24.77 -25.01
N GLY A 68 52.61 -23.48 -25.28
CA GLY A 68 51.83 -22.58 -24.46
C GLY A 68 52.75 -21.75 -23.61
N LYS A 69 53.92 -21.43 -24.17
CA LYS A 69 54.94 -20.68 -23.43
C LYS A 69 54.78 -19.19 -23.54
N GLU A 70 54.69 -18.54 -22.41
CA GLU A 70 54.55 -17.11 -22.45
C GLU A 70 55.69 -16.42 -23.17
N ILE A 71 55.41 -16.03 -24.41
CA ILE A 71 56.34 -15.27 -25.24
C ILE A 71 56.50 -13.90 -24.60
N TRP A 72 55.36 -13.27 -24.30
CA TRP A 72 55.36 -12.02 -23.57
C TRP A 72 54.05 -11.75 -22.89
N SER A 73 54.08 -10.80 -21.96
CA SER A 73 52.90 -10.43 -21.23
C SER A 73 52.89 -9.01 -20.78
N VAL A 74 51.74 -8.37 -20.94
CA VAL A 74 51.52 -7.01 -20.49
C VAL A 74 50.14 -7.00 -19.86
N SER A 75 49.63 -5.83 -19.57
CA SER A 75 48.31 -5.71 -19.00
C SER A 75 47.68 -4.41 -19.40
N LEU A 76 46.38 -4.44 -19.59
CA LEU A 76 45.67 -3.24 -19.96
C LEU A 76 45.00 -2.62 -18.76
N ALA A 77 45.31 -3.16 -17.58
CA ALA A 77 44.83 -2.56 -16.37
C ALA A 77 45.47 -1.19 -16.25
N GLU A 78 44.64 -0.15 -16.21
CA GLU A 78 45.15 1.21 -16.17
C GLU A 78 45.59 1.51 -14.75
N LYS A 79 46.88 1.78 -14.58
CA LYS A 79 47.50 1.96 -13.26
C LYS A 79 46.73 2.81 -12.22
N ASP A 80 45.91 3.76 -12.65
CA ASP A 80 45.15 4.54 -11.69
C ASP A 80 43.78 4.92 -12.25
N GLY A 81 43.07 5.80 -11.56
CA GLY A 81 41.74 6.19 -12.00
C GLY A 81 40.83 6.46 -10.81
N TRP A 82 39.76 5.69 -10.69
CA TRP A 82 38.78 5.85 -9.63
C TRP A 82 38.91 4.78 -8.56
N PHE A 83 39.97 3.98 -8.62
CA PHE A 83 40.13 2.92 -7.64
C PHE A 83 41.57 2.48 -7.40
N SER A 84 42.10 1.70 -8.33
CA SER A 84 43.46 1.17 -8.25
C SER A 84 43.68 0.24 -9.40
N LYS A 85 44.63 0.56 -10.26
CA LYS A 85 44.93 -0.31 -11.37
C LYS A 85 43.73 -0.60 -12.28
N GLU A 86 42.74 0.32 -12.32
CA GLU A 86 41.57 0.28 -13.22
C GLU A 86 41.61 -0.84 -14.26
N PRO A 87 41.33 -2.08 -13.84
CA PRO A 87 41.41 -3.33 -14.58
C PRO A 87 40.95 -3.18 -16.05
N ALA A 88 41.60 -3.95 -16.91
CA ALA A 88 41.39 -3.92 -18.36
C ALA A 88 39.93 -3.95 -18.74
N LEU A 89 39.18 -4.84 -18.08
CA LEU A 89 37.75 -5.03 -18.27
C LEU A 89 37.39 -4.91 -19.73
N LEU A 90 37.93 -5.82 -20.51
CA LEU A 90 37.78 -5.82 -21.95
C LEU A 90 36.37 -6.18 -22.38
N SER A 91 35.85 -5.53 -23.43
CA SER A 91 34.48 -5.78 -23.87
C SER A 91 34.41 -6.53 -25.18
N GLY A 92 35.36 -6.29 -26.07
CA GLY A 92 35.37 -6.92 -27.39
C GLY A 92 36.46 -7.96 -27.52
N GLY A 93 36.32 -8.81 -28.52
CA GLY A 93 37.28 -9.88 -28.81
C GLY A 93 38.63 -9.39 -29.30
N VAL A 94 39.55 -10.34 -29.40
CA VAL A 94 40.90 -10.05 -29.84
C VAL A 94 41.05 -10.03 -31.35
N THR A 95 41.44 -8.87 -31.89
CA THR A 95 41.67 -8.71 -33.32
C THR A 95 43.12 -8.40 -33.54
N VAL A 96 43.73 -9.04 -34.52
CA VAL A 96 45.14 -8.77 -34.77
C VAL A 96 45.36 -8.45 -36.23
N SER A 97 46.08 -7.36 -36.47
CA SER A 97 46.38 -6.97 -37.83
C SER A 97 47.66 -6.17 -37.86
N GLY A 98 48.51 -6.48 -38.83
CA GLY A 98 49.79 -5.81 -38.93
C GLY A 98 50.61 -6.16 -37.70
N GLY A 99 51.18 -5.14 -37.07
CA GLY A 99 51.94 -5.33 -35.86
C GLY A 99 51.13 -5.00 -34.62
N HIS A 100 49.81 -4.87 -34.77
CA HIS A 100 48.97 -4.49 -33.65
C HIS A 100 47.92 -5.51 -33.20
N VAL A 101 47.69 -5.58 -31.90
CA VAL A 101 46.63 -6.39 -31.34
C VAL A 101 45.52 -5.46 -30.91
N TYR A 102 44.36 -5.59 -31.52
CA TYR A 102 43.28 -4.67 -31.25
C TYR A 102 42.20 -5.20 -30.31
N ILE A 103 41.95 -4.48 -29.22
CA ILE A 103 40.87 -4.89 -28.30
C ILE A 103 40.06 -3.71 -27.75
N GLY A 104 38.73 -3.80 -27.84
CA GLY A 104 37.85 -2.78 -27.27
C GLY A 104 37.54 -3.09 -25.80
N SER A 105 37.53 -2.07 -24.93
CA SER A 105 37.26 -2.32 -23.51
C SER A 105 35.89 -1.82 -23.07
N GLU A 106 35.55 -2.18 -21.84
CA GLU A 106 34.33 -1.76 -21.17
C GLU A 106 34.40 -0.33 -20.69
N LYS A 107 35.56 0.30 -20.88
CA LYS A 107 35.78 1.68 -20.56
C LYS A 107 35.74 2.49 -21.84
N ALA A 108 35.27 1.84 -22.92
CA ALA A 108 35.19 2.42 -24.24
C ALA A 108 36.56 2.73 -24.79
N GLN A 109 37.55 1.92 -24.45
CA GLN A 109 38.87 2.21 -24.97
C GLN A 109 39.23 1.22 -26.04
N VAL A 110 39.95 1.67 -27.04
CA VAL A 110 40.39 0.75 -28.06
C VAL A 110 41.87 0.71 -28.04
N TYR A 111 42.43 -0.45 -27.77
CA TYR A 111 43.85 -0.57 -27.65
C TYR A 111 44.46 -1.25 -28.85
N ALA A 112 45.67 -0.85 -29.17
CA ALA A 112 46.47 -1.50 -30.20
C ALA A 112 47.80 -1.81 -29.59
N LEU A 113 48.12 -3.10 -29.45
CA LEU A 113 49.36 -3.49 -28.81
C LEU A 113 50.37 -4.06 -29.77
N ASN A 114 51.63 -3.81 -29.50
CA ASN A 114 52.69 -4.32 -30.32
C ASN A 114 52.79 -5.83 -30.20
N THR A 115 52.43 -6.54 -31.27
CA THR A 115 52.45 -8.01 -31.28
C THR A 115 53.77 -8.66 -30.83
N SER A 116 54.89 -7.95 -30.86
CA SER A 116 56.17 -8.51 -30.49
C SER A 116 56.52 -8.34 -29.01
N ASP A 117 55.80 -7.50 -28.29
CA ASP A 117 56.12 -7.30 -26.88
C ASP A 117 54.93 -6.86 -26.03
N GLY A 118 53.96 -6.19 -26.65
CA GLY A 118 52.75 -5.78 -25.96
C GLY A 118 52.65 -4.28 -25.77
N THR A 119 53.63 -3.54 -26.28
CA THR A 119 53.63 -2.10 -26.16
C THR A 119 52.38 -1.46 -26.68
N VAL A 120 51.76 -0.62 -25.86
CA VAL A 120 50.60 0.10 -26.32
C VAL A 120 50.96 0.95 -27.50
N ALA A 121 50.74 0.42 -28.70
CA ALA A 121 50.98 1.17 -29.93
C ALA A 121 50.12 2.41 -29.88
N TRP A 122 48.89 2.21 -29.43
CA TRP A 122 48.01 3.32 -29.17
C TRP A 122 46.77 2.90 -28.45
N GLN A 123 46.09 3.86 -27.85
CA GLN A 123 44.82 3.55 -27.25
C GLN A 123 43.96 4.77 -27.36
N THR A 124 42.72 4.57 -27.78
CA THR A 124 41.83 5.69 -28.01
C THR A 124 40.41 5.40 -27.56
N LYS A 125 39.80 6.39 -26.91
CA LYS A 125 38.44 6.25 -26.44
C LYS A 125 37.42 6.43 -27.54
N VAL A 126 36.39 5.60 -27.51
CA VAL A 126 35.31 5.66 -28.49
C VAL A 126 33.97 5.85 -27.80
N ALA A 127 32.91 5.93 -28.60
CA ALA A 127 31.58 6.17 -28.04
C ALA A 127 30.94 4.91 -27.45
N GLY A 128 31.42 4.51 -26.28
CA GLY A 128 30.87 3.37 -25.53
C GLY A 128 31.65 2.08 -25.75
N GLU A 129 31.42 1.10 -24.88
CA GLU A 129 32.07 -0.20 -24.98
C GLU A 129 31.44 -1.01 -26.10
N ALA A 130 32.11 -2.08 -26.51
CA ALA A 130 31.63 -2.80 -27.66
C ALA A 130 31.02 -4.14 -27.35
N LEU A 131 29.97 -4.48 -28.11
CA LEU A 131 29.39 -5.80 -28.03
C LEU A 131 30.07 -6.69 -29.03
N SER A 132 30.75 -6.06 -29.99
CA SER A 132 31.41 -6.84 -31.00
C SER A 132 32.90 -6.69 -31.03
N ARG A 133 33.55 -7.74 -31.50
CA ARG A 133 34.96 -7.66 -31.77
C ARG A 133 35.17 -6.71 -32.93
N PRO A 134 36.14 -5.80 -32.86
CA PRO A 134 36.43 -4.82 -33.88
C PRO A 134 37.01 -5.48 -35.11
N VAL A 135 36.64 -4.98 -36.26
CA VAL A 135 37.12 -5.55 -37.50
C VAL A 135 38.07 -4.60 -38.17
N VAL A 136 39.34 -4.91 -38.09
CA VAL A 136 40.34 -4.03 -38.62
C VAL A 136 40.72 -4.38 -40.03
N SER A 137 40.62 -3.41 -40.92
CA SER A 137 40.92 -3.61 -42.32
C SER A 137 40.93 -2.30 -43.08
N ASP A 138 41.87 -2.19 -44.02
CA ASP A 138 41.96 -1.04 -44.92
C ASP A 138 42.19 0.31 -44.24
N GLY A 139 42.86 0.32 -43.09
CA GLY A 139 43.12 1.58 -42.41
C GLY A 139 42.07 1.87 -41.36
N LEU A 140 41.01 1.04 -41.29
CA LEU A 140 39.94 1.29 -40.36
C LEU A 140 39.72 0.21 -39.33
N VAL A 141 39.32 0.65 -38.15
CA VAL A 141 38.91 -0.26 -37.10
C VAL A 141 37.42 -0.18 -37.06
N LEU A 142 36.73 -1.23 -37.48
CA LEU A 142 35.27 -1.19 -37.54
C LEU A 142 34.68 -1.66 -36.23
N ILE A 143 33.88 -0.80 -35.61
CA ILE A 143 33.38 -1.05 -34.27
C ILE A 143 31.87 -1.05 -34.11
N HIS A 144 31.36 -2.03 -33.37
CA HIS A 144 29.95 -2.04 -32.99
C HIS A 144 29.77 -1.97 -31.48
N THR A 145 29.19 -0.86 -31.05
CA THR A 145 29.01 -0.65 -29.63
C THR A 145 27.66 -1.01 -29.10
N SER A 146 27.62 -1.18 -27.78
CA SER A 146 26.42 -1.54 -27.03
C SER A 146 25.34 -0.47 -27.11
N ASN A 147 25.77 0.76 -27.37
CA ASN A 147 24.85 1.86 -27.55
C ASN A 147 24.51 2.06 -29.03
N GLY A 148 24.71 1.01 -29.84
CA GLY A 148 24.27 0.98 -31.23
C GLY A 148 25.11 1.80 -32.18
N GLN A 149 26.37 2.06 -31.88
CA GLN A 149 27.09 2.89 -32.82
C GLN A 149 28.07 2.14 -33.68
N LEU A 150 28.17 2.58 -34.92
CA LEU A 150 29.13 2.09 -35.88
C LEU A 150 30.26 3.02 -35.93
N GLN A 151 31.43 2.56 -35.57
CA GLN A 151 32.52 3.49 -35.58
C GLN A 151 33.69 3.01 -36.38
N ALA A 152 34.36 3.94 -37.02
CA ALA A 152 35.55 3.58 -37.75
C ALA A 152 36.68 4.40 -37.23
N LEU A 153 37.75 3.73 -36.85
CA LEU A 153 38.92 4.45 -36.35
C LEU A 153 40.11 4.25 -37.25
N ASN A 154 41.06 5.14 -37.16
CA ASN A 154 42.32 4.92 -37.85
C ASN A 154 43.08 3.83 -37.16
N GLU A 155 43.24 2.69 -37.80
CA GLU A 155 43.97 1.57 -37.18
C GLU A 155 45.40 1.92 -36.70
N ALA A 156 45.97 3.02 -37.19
CA ALA A 156 47.32 3.44 -36.80
C ALA A 156 47.34 4.36 -35.55
N ASP A 157 46.21 4.91 -35.13
CA ASP A 157 46.21 5.79 -33.96
C ASP A 157 44.87 5.83 -33.20
N GLY A 158 43.78 5.56 -33.90
CA GLY A 158 42.48 5.53 -33.29
C GLY A 158 41.65 6.74 -33.64
N ALA A 159 42.15 7.57 -34.54
CA ALA A 159 41.43 8.75 -34.94
C ALA A 159 40.05 8.37 -35.42
N VAL A 160 39.04 9.05 -34.91
CA VAL A 160 37.69 8.72 -35.29
C VAL A 160 37.40 9.18 -36.69
N LYS A 161 36.93 8.27 -37.50
CA LYS A 161 36.59 8.57 -38.86
C LYS A 161 35.12 8.86 -38.94
N TRP A 162 34.35 8.06 -38.21
CA TRP A 162 32.93 8.34 -38.07
C TRP A 162 32.25 7.51 -37.02
N THR A 163 31.06 7.97 -36.64
CA THR A 163 30.17 7.29 -35.71
C THR A 163 28.77 7.32 -36.30
N VAL A 164 28.17 6.15 -36.50
CA VAL A 164 26.84 6.09 -37.09
C VAL A 164 25.83 5.33 -36.24
N ASN A 165 24.66 5.93 -36.04
CA ASN A 165 23.62 5.28 -35.26
C ASN A 165 23.05 4.10 -36.02
N LEU A 166 23.08 2.93 -35.39
CA LEU A 166 22.61 1.71 -36.01
C LEU A 166 21.24 1.26 -35.51
N ASP A 167 20.92 0.00 -35.80
CA ASP A 167 19.67 -0.66 -35.45
C ASP A 167 19.52 -0.90 -33.95
N MET A 168 19.25 0.16 -33.20
CA MET A 168 19.09 0.07 -31.75
C MET A 168 17.75 -0.52 -31.30
N PRO A 169 17.78 -1.58 -30.47
CA PRO A 169 16.67 -2.25 -29.82
C PRO A 169 16.27 -1.55 -28.53
N SER A 170 15.28 -2.14 -27.86
CA SER A 170 14.73 -1.61 -26.61
C SER A 170 15.73 -1.45 -25.46
N LEU A 171 16.77 -2.26 -25.43
CA LEU A 171 17.82 -2.23 -24.38
C LEU A 171 19.10 -2.79 -24.96
N SER A 172 20.03 -3.25 -24.14
CA SER A 172 21.22 -3.84 -24.73
C SER A 172 21.01 -5.32 -24.93
N LEU A 173 20.44 -5.62 -26.08
CA LEU A 173 20.20 -6.99 -26.44
C LEU A 173 21.53 -7.58 -26.88
N ARG A 174 22.07 -8.51 -26.09
CA ARG A 174 23.40 -9.03 -26.37
C ARG A 174 23.53 -9.81 -27.64
N GLY A 175 24.60 -9.54 -28.35
CA GLY A 175 24.91 -10.22 -29.59
C GLY A 175 25.96 -9.45 -30.35
N GLU A 176 26.78 -10.18 -31.09
CA GLU A 176 27.85 -9.55 -31.85
C GLU A 176 27.40 -9.10 -33.19
N SER A 177 27.29 -7.79 -33.38
CA SER A 177 26.92 -7.25 -34.67
C SER A 177 28.19 -6.72 -35.30
N ALA A 178 29.14 -7.60 -35.59
CA ALA A 178 30.38 -7.09 -36.13
C ALA A 178 30.20 -6.85 -37.62
N PRO A 179 30.68 -5.73 -38.12
CA PRO A 179 30.66 -5.33 -39.50
C PRO A 179 31.69 -6.13 -40.25
N THR A 180 31.29 -6.70 -41.37
CA THR A 180 32.20 -7.47 -42.18
C THR A 180 32.39 -6.71 -43.45
N THR A 181 33.43 -6.99 -44.21
CA THR A 181 33.60 -6.20 -45.41
C THR A 181 33.46 -7.02 -46.67
N ALA A 182 33.04 -6.34 -47.72
CA ALA A 182 32.88 -6.97 -49.02
C ALA A 182 32.68 -5.91 -50.08
N PHE A 183 33.65 -5.85 -51.00
CA PHE A 183 33.59 -4.93 -52.13
C PHE A 183 33.50 -3.45 -51.73
N GLY A 184 34.04 -3.10 -50.56
CA GLY A 184 34.00 -1.72 -50.10
C GLY A 184 32.80 -1.42 -49.20
N ALA A 185 31.92 -2.39 -48.99
CA ALA A 185 30.76 -2.18 -48.15
C ALA A 185 30.90 -2.96 -46.85
N ALA A 186 30.41 -2.37 -45.78
CA ALA A 186 30.40 -3.01 -44.48
C ALA A 186 29.05 -3.67 -44.31
N VAL A 187 29.03 -4.90 -43.87
CA VAL A 187 27.79 -5.62 -43.74
C VAL A 187 27.59 -6.01 -42.30
N VAL A 188 26.45 -5.65 -41.75
CA VAL A 188 26.23 -5.91 -40.33
C VAL A 188 24.76 -6.10 -40.01
N GLY A 189 24.47 -6.98 -39.07
CA GLY A 189 23.08 -7.18 -38.64
C GLY A 189 22.66 -6.07 -37.68
N GLY A 190 21.84 -6.43 -36.72
CA GLY A 190 21.38 -5.46 -35.74
C GLY A 190 20.61 -6.16 -34.66
N ASP A 191 20.72 -5.63 -33.46
CA ASP A 191 20.12 -6.27 -32.31
C ASP A 191 18.62 -6.03 -32.19
N ASN A 192 18.08 -5.20 -33.07
CA ASN A 192 16.65 -4.98 -33.13
C ASN A 192 15.99 -5.73 -34.30
N GLY A 193 16.73 -6.62 -34.97
CA GLY A 193 16.12 -7.41 -36.03
C GLY A 193 16.35 -6.93 -37.47
N ARG A 194 17.02 -5.79 -37.69
CA ARG A 194 17.32 -5.37 -39.07
C ARG A 194 18.76 -5.72 -39.43
N VAL A 195 19.08 -5.58 -40.71
CA VAL A 195 20.41 -5.85 -41.24
C VAL A 195 20.73 -4.84 -42.32
N SER A 196 21.98 -4.42 -42.42
CA SER A 196 22.28 -3.41 -43.41
C SER A 196 23.65 -3.49 -44.04
N ALA A 197 23.77 -2.80 -45.16
CA ALA A 197 25.04 -2.61 -45.82
C ALA A 197 25.34 -1.14 -45.77
N VAL A 198 26.54 -0.81 -45.36
CA VAL A 198 26.98 0.57 -45.18
C VAL A 198 28.30 0.78 -45.87
N LEU A 199 28.41 1.78 -46.71
CA LEU A 199 29.69 2.02 -47.36
C LEU A 199 30.77 2.07 -46.35
N MET A 200 31.60 1.03 -46.34
CA MET A 200 32.70 0.89 -45.40
C MET A 200 33.66 2.04 -45.50
N GLU A 201 33.82 2.53 -46.71
CA GLU A 201 34.73 3.61 -46.98
C GLU A 201 34.38 4.90 -46.26
N GLN A 202 33.08 5.22 -46.14
CA GLN A 202 32.71 6.48 -45.51
C GLN A 202 31.59 6.38 -44.47
N GLY A 203 31.16 5.18 -44.14
CA GLY A 203 30.06 5.03 -43.20
C GLY A 203 28.75 5.46 -43.83
N GLN A 204 28.60 5.23 -45.13
CA GLN A 204 27.42 5.68 -45.85
C GLN A 204 26.43 4.58 -46.19
N MET A 205 25.36 4.48 -45.40
CA MET A 205 24.31 3.48 -45.59
C MET A 205 23.95 3.19 -47.03
N ILE A 206 24.09 1.94 -47.41
CA ILE A 206 23.75 1.48 -48.74
C ILE A 206 22.30 1.03 -48.74
N TRP A 207 21.97 0.12 -47.82
CA TRP A 207 20.60 -0.33 -47.67
C TRP A 207 20.36 -1.00 -46.33
N GLN A 208 19.13 -0.94 -45.84
CA GLN A 208 18.81 -1.62 -44.59
C GLN A 208 17.49 -2.36 -44.71
N GLN A 209 17.49 -3.60 -44.24
CA GLN A 209 16.37 -4.51 -44.35
C GLN A 209 15.95 -5.12 -43.03
N ARG A 210 14.66 -4.99 -42.72
CA ARG A 210 14.16 -5.64 -41.53
C ARG A 210 14.01 -7.12 -41.76
N ILE A 211 14.57 -7.91 -40.84
CA ILE A 211 14.49 -9.34 -40.99
C ILE A 211 13.48 -9.99 -40.06
N SER A 212 13.60 -9.72 -38.76
CA SER A 212 12.67 -10.36 -37.83
C SER A 212 12.39 -9.56 -36.55
N GLN A 213 11.75 -10.22 -35.57
CA GLN A 213 11.32 -9.54 -34.33
C GLN A 213 12.34 -9.64 -33.20
N ALA A 214 12.40 -8.60 -32.36
CA ALA A 214 13.33 -8.59 -31.22
C ALA A 214 12.59 -8.33 -29.91
N THR A 215 13.33 -8.30 -28.81
CA THR A 215 12.69 -8.11 -27.51
C THR A 215 12.23 -6.69 -27.22
N GLY A 216 10.96 -6.62 -26.82
CA GLY A 216 10.23 -5.40 -26.52
C GLY A 216 8.93 -5.56 -27.28
N SER A 217 7.80 -5.68 -26.57
CA SER A 217 6.44 -6.01 -27.11
C SER A 217 6.31 -7.36 -27.89
N THR A 218 7.37 -7.79 -28.56
CA THR A 218 7.50 -9.07 -29.21
C THR A 218 8.65 -9.79 -28.54
N GLU A 219 8.69 -9.74 -27.20
CA GLU A 219 9.78 -10.30 -26.40
C GLU A 219 10.16 -11.69 -26.86
N ILE A 220 11.43 -11.86 -27.21
CA ILE A 220 11.89 -13.13 -27.73
C ILE A 220 12.65 -13.96 -26.68
N ASP A 221 13.66 -14.70 -27.13
CA ASP A 221 14.44 -15.57 -26.27
C ASP A 221 15.61 -14.87 -25.61
N ARG A 222 15.37 -14.27 -24.44
CA ARG A 222 16.42 -13.62 -23.63
C ARG A 222 17.50 -14.68 -23.24
N LEU A 223 17.13 -15.96 -23.26
CA LEU A 223 18.04 -17.08 -23.07
C LEU A 223 19.05 -17.20 -24.21
N SER A 224 18.56 -17.03 -25.45
CA SER A 224 19.33 -17.21 -26.68
C SER A 224 20.56 -16.31 -26.81
N ASP A 225 21.59 -16.86 -27.47
CA ASP A 225 22.90 -16.23 -27.67
C ASP A 225 23.16 -16.33 -29.17
N VAL A 226 22.68 -15.36 -29.96
CA VAL A 226 22.73 -15.56 -31.40
C VAL A 226 24.10 -15.14 -32.03
N ASP A 227 24.07 -14.28 -33.03
CA ASP A 227 25.21 -13.92 -33.83
C ASP A 227 24.78 -12.97 -34.92
N THR A 228 24.72 -11.69 -34.65
CA THR A 228 24.35 -10.73 -35.68
C THR A 228 25.52 -10.34 -36.61
N THR A 229 26.62 -11.12 -36.58
CA THR A 229 27.73 -10.91 -37.49
C THR A 229 27.44 -11.79 -38.69
N PRO A 230 27.26 -11.20 -39.86
CA PRO A 230 26.93 -11.84 -41.11
C PRO A 230 28.06 -12.59 -41.75
N VAL A 231 27.71 -13.59 -42.53
CA VAL A 231 28.66 -14.33 -43.33
C VAL A 231 28.36 -14.05 -44.77
N VAL A 232 29.10 -13.12 -45.33
CA VAL A 232 28.86 -12.71 -46.68
C VAL A 232 29.54 -13.69 -47.63
N VAL A 233 28.75 -14.31 -48.48
CA VAL A 233 29.29 -15.26 -49.43
C VAL A 233 28.93 -14.80 -50.83
N ASN A 234 29.94 -14.39 -51.59
CA ASN A 234 29.67 -13.88 -52.92
C ASN A 234 28.66 -12.73 -52.79
N GLY A 235 27.74 -12.60 -53.74
CA GLY A 235 26.75 -11.53 -53.70
C GLY A 235 25.54 -11.80 -52.77
N VAL A 236 25.61 -12.81 -51.90
CA VAL A 236 24.51 -13.09 -50.97
C VAL A 236 25.00 -13.13 -49.53
N VAL A 237 24.30 -12.44 -48.66
CA VAL A 237 24.68 -12.40 -47.28
C VAL A 237 23.91 -13.41 -46.48
N PHE A 238 24.61 -14.24 -45.73
CA PHE A 238 23.95 -15.24 -44.91
C PHE A 238 24.11 -14.85 -43.44
N ALA A 239 22.99 -14.59 -42.76
CA ALA A 239 23.11 -14.12 -41.39
C ALA A 239 21.90 -14.39 -40.54
N LEU A 240 22.10 -14.33 -39.23
CA LEU A 240 20.99 -14.51 -38.32
C LEU A 240 20.48 -13.16 -37.86
N ALA A 241 19.16 -13.05 -37.75
CA ALA A 241 18.51 -11.88 -37.22
C ALA A 241 18.83 -11.85 -35.76
N TYR A 242 18.58 -10.75 -35.09
CA TYR A 242 18.87 -10.74 -33.68
C TYR A 242 18.24 -11.92 -32.94
N ASN A 243 17.04 -12.30 -33.35
CA ASN A 243 16.36 -13.40 -32.73
C ASN A 243 16.66 -14.73 -33.35
N GLY A 244 17.77 -14.87 -34.05
CA GLY A 244 18.20 -16.15 -34.59
C GLY A 244 17.51 -16.61 -35.83
N ASN A 245 16.67 -15.78 -36.42
CA ASN A 245 16.05 -16.18 -37.65
C ASN A 245 17.05 -16.07 -38.79
N LEU A 246 17.11 -17.12 -39.61
CA LEU A 246 18.15 -17.17 -40.64
C LEU A 246 17.72 -16.56 -41.92
N THR A 247 18.55 -15.74 -42.51
CA THR A 247 18.16 -15.17 -43.78
C THR A 247 19.32 -15.02 -44.74
N ALA A 248 18.99 -15.15 -46.00
CA ALA A 248 19.93 -14.95 -47.08
C ALA A 248 19.43 -13.80 -47.91
N LEU A 249 20.31 -12.87 -48.26
CA LEU A 249 19.83 -11.74 -49.04
C LEU A 249 20.85 -11.13 -49.98
N ASP A 250 20.35 -10.30 -50.89
CA ASP A 250 21.21 -9.63 -51.85
C ASP A 250 22.15 -8.67 -51.18
N LEU A 251 23.42 -8.99 -51.24
CA LEU A 251 24.47 -8.14 -50.72
C LEU A 251 24.33 -6.66 -51.07
N ARG A 252 23.86 -6.36 -52.28
CA ARG A 252 23.76 -5.00 -52.73
C ARG A 252 22.34 -4.45 -52.79
N SER A 253 21.36 -5.16 -52.23
CA SER A 253 19.98 -4.68 -52.30
C SER A 253 19.21 -4.95 -51.02
N GLY A 254 19.56 -6.01 -50.30
CA GLY A 254 18.86 -6.38 -49.09
C GLY A 254 17.66 -7.22 -49.36
N GLN A 255 17.56 -7.72 -50.59
CA GLN A 255 16.40 -8.49 -50.97
C GLN A 255 16.54 -9.89 -50.46
N ILE A 256 15.47 -10.43 -49.92
CA ILE A 256 15.59 -11.72 -49.29
C ILE A 256 15.59 -12.83 -50.32
N MET A 257 16.69 -13.56 -50.37
CA MET A 257 16.84 -14.69 -51.27
C MET A 257 16.01 -15.81 -50.72
N TRP A 258 16.07 -15.95 -49.40
CA TRP A 258 15.27 -16.91 -48.66
C TRP A 258 15.53 -16.76 -47.19
N LYS A 259 14.67 -17.31 -46.35
CA LYS A 259 14.93 -17.24 -44.94
C LYS A 259 14.27 -18.36 -44.17
N ARG A 260 14.75 -18.58 -42.96
CA ARG A 260 14.21 -19.52 -42.04
C ARG A 260 13.75 -18.74 -40.86
N GLU A 261 12.78 -17.87 -41.08
CA GLU A 261 12.29 -17.11 -39.97
C GLU A 261 11.35 -18.02 -39.22
N LEU A 262 11.91 -18.74 -38.24
CA LEU A 262 11.13 -19.75 -37.55
C LEU A 262 11.70 -20.25 -36.23
N GLY A 263 12.72 -19.61 -35.69
CA GLY A 263 13.30 -20.06 -34.44
C GLY A 263 14.66 -19.44 -34.19
N SER A 264 15.00 -19.24 -32.92
CA SER A 264 16.22 -18.52 -32.59
C SER A 264 17.49 -19.33 -32.65
N VAL A 265 18.02 -19.51 -33.84
CA VAL A 265 19.27 -20.21 -33.97
C VAL A 265 20.34 -19.40 -33.28
N ASN A 266 21.15 -20.07 -32.50
CA ASN A 266 22.21 -19.40 -31.78
C ASN A 266 23.46 -19.14 -32.63
N ASP A 267 24.18 -20.18 -32.99
CA ASP A 267 25.44 -19.97 -33.69
C ASP A 267 25.44 -20.55 -35.08
N PHE A 268 26.21 -19.96 -36.01
CA PHE A 268 26.23 -20.58 -37.32
C PHE A 268 27.48 -20.27 -38.12
N ILE A 269 27.82 -21.17 -39.03
CA ILE A 269 28.85 -20.97 -40.03
C ILE A 269 28.32 -21.44 -41.37
N VAL A 270 28.80 -20.86 -42.45
CA VAL A 270 28.30 -21.27 -43.75
C VAL A 270 29.33 -22.03 -44.54
N ASP A 271 29.28 -23.35 -44.46
CA ASP A 271 30.25 -24.14 -45.18
C ASP A 271 29.82 -24.41 -46.60
N GLY A 272 29.94 -23.41 -47.45
CA GLY A 272 29.57 -23.56 -48.85
C GLY A 272 28.07 -23.71 -49.02
N ASN A 273 27.60 -24.94 -48.87
CA ASN A 273 26.18 -25.24 -48.96
C ASN A 273 25.73 -26.04 -47.76
N ARG A 274 26.51 -26.00 -46.70
CA ARG A 274 26.18 -26.67 -45.45
C ARG A 274 26.35 -25.69 -44.31
N ILE A 275 25.27 -25.02 -43.99
CA ILE A 275 25.30 -24.06 -42.93
C ILE A 275 25.23 -24.81 -41.64
N TYR A 276 26.30 -24.80 -40.86
CA TYR A 276 26.28 -25.55 -39.64
C TYR A 276 25.82 -24.65 -38.55
N LEU A 277 24.92 -25.14 -37.70
CA LEU A 277 24.43 -24.25 -36.70
C LEU A 277 24.01 -24.90 -35.41
N VAL A 278 23.90 -24.05 -34.40
CA VAL A 278 23.47 -24.38 -33.07
C VAL A 278 22.14 -23.69 -32.83
N ASP A 279 21.04 -24.46 -32.91
CA ASP A 279 19.65 -24.03 -32.72
C ASP A 279 19.43 -23.26 -31.41
N GLN A 280 18.24 -22.69 -31.24
CA GLN A 280 17.84 -22.06 -29.98
C GLN A 280 17.96 -23.05 -28.85
N ASN A 281 17.66 -24.30 -29.18
CA ASN A 281 17.69 -25.38 -28.24
C ASN A 281 19.02 -26.09 -28.25
N ASP A 282 20.04 -25.45 -28.81
CA ASP A 282 21.38 -25.98 -28.89
C ASP A 282 21.40 -27.35 -29.53
N ARG A 283 20.74 -27.40 -30.67
CA ARG A 283 20.66 -28.59 -31.51
C ARG A 283 21.50 -28.36 -32.73
N VAL A 284 22.23 -29.38 -33.13
CA VAL A 284 23.12 -29.22 -34.25
C VAL A 284 22.40 -29.47 -35.55
N MET A 285 22.60 -28.60 -36.51
CA MET A 285 21.96 -28.83 -37.81
C MET A 285 22.75 -28.28 -38.97
N ALA A 286 22.66 -28.97 -40.12
CA ALA A 286 23.27 -28.48 -41.33
C ALA A 286 22.18 -28.11 -42.32
N LEU A 287 22.27 -26.91 -42.90
CA LEU A 287 21.28 -26.45 -43.89
C LEU A 287 21.85 -26.06 -45.24
N THR A 288 21.04 -26.21 -46.29
CA THR A 288 21.47 -25.75 -47.61
C THR A 288 21.47 -24.22 -47.68
N ILE A 289 21.98 -23.69 -48.78
CA ILE A 289 22.06 -22.24 -48.97
C ILE A 289 21.15 -21.75 -50.08
N ASP A 290 20.23 -22.60 -50.51
CA ASP A 290 19.25 -22.29 -51.53
C ASP A 290 17.86 -22.36 -50.93
N GLY A 291 17.82 -22.18 -49.63
CA GLY A 291 16.64 -22.34 -48.81
C GLY A 291 17.17 -23.18 -47.70
N GLY A 292 16.80 -22.89 -46.46
CA GLY A 292 17.34 -23.66 -45.35
C GLY A 292 16.80 -25.08 -45.29
N VAL A 293 17.33 -25.95 -46.15
CA VAL A 293 16.91 -27.33 -46.19
C VAL A 293 17.78 -28.18 -45.31
N THR A 294 17.14 -28.92 -44.40
CA THR A 294 17.88 -29.74 -43.47
C THR A 294 18.64 -30.83 -44.18
N LEU A 295 19.92 -30.87 -43.90
CA LEU A 295 20.82 -31.86 -44.42
C LEU A 295 20.99 -32.92 -43.36
N TRP A 296 21.09 -32.47 -42.12
CA TRP A 296 21.11 -33.38 -40.99
C TRP A 296 21.02 -32.63 -39.69
N THR A 297 20.71 -33.34 -38.62
CA THR A 297 20.63 -32.72 -37.32
C THR A 297 21.00 -33.67 -36.19
N GLN A 298 21.28 -33.08 -35.02
CA GLN A 298 21.67 -33.84 -33.84
C GLN A 298 21.25 -33.14 -32.54
N SER A 299 20.30 -33.76 -31.84
CA SER A 299 19.80 -33.22 -30.56
C SER A 299 20.46 -33.86 -29.34
N ASP A 300 21.54 -34.60 -29.54
CA ASP A 300 22.26 -35.24 -28.44
C ASP A 300 22.66 -34.26 -27.35
N LEU A 301 23.08 -33.07 -27.78
CA LEU A 301 23.51 -32.03 -26.88
C LEU A 301 22.45 -30.95 -26.73
N LEU A 302 21.19 -31.33 -26.83
CA LEU A 302 20.10 -30.38 -26.75
C LEU A 302 20.18 -29.61 -25.44
N HIS A 303 20.11 -28.30 -25.57
CA HIS A 303 20.18 -27.32 -24.49
C HIS A 303 21.53 -27.21 -23.80
N ARG A 304 22.55 -27.88 -24.33
CA ARG A 304 23.88 -27.74 -23.76
C ARG A 304 24.41 -26.38 -24.11
N LEU A 305 25.22 -25.79 -23.25
CA LEU A 305 25.64 -24.42 -23.52
C LEU A 305 26.80 -24.35 -24.48
N LEU A 306 26.49 -24.63 -25.73
CA LEU A 306 27.44 -24.75 -26.81
C LEU A 306 28.05 -23.45 -27.32
N THR A 307 29.29 -23.54 -27.80
CA THR A 307 29.97 -22.42 -28.42
C THR A 307 29.57 -22.38 -29.87
N SER A 308 30.25 -21.56 -30.63
CA SER A 308 30.00 -21.56 -32.05
C SER A 308 30.64 -22.80 -32.62
N PRO A 309 30.23 -23.19 -33.83
CA PRO A 309 30.73 -24.34 -34.57
C PRO A 309 31.85 -23.92 -35.49
N VAL A 310 32.92 -24.69 -35.51
CA VAL A 310 34.02 -24.43 -36.44
C VAL A 310 34.46 -25.74 -37.04
N LEU A 311 35.18 -25.71 -38.14
CA LEU A 311 35.65 -26.94 -38.71
C LEU A 311 37.13 -27.10 -38.44
N TYR A 312 37.54 -28.30 -38.05
CA TYR A 312 38.94 -28.53 -37.78
C TYR A 312 39.28 -29.98 -37.98
N ASN A 313 40.32 -30.22 -38.77
CA ASN A 313 40.76 -31.56 -39.11
C ASN A 313 39.64 -32.43 -39.66
N GLY A 314 38.77 -31.84 -40.47
CA GLY A 314 37.69 -32.56 -41.11
C GLY A 314 36.46 -32.81 -40.23
N ASN A 315 36.42 -32.26 -39.02
CA ASN A 315 35.25 -32.47 -38.18
C ASN A 315 34.62 -31.19 -37.67
N LEU A 316 33.35 -31.28 -37.35
CA LEU A 316 32.60 -30.14 -36.86
C LEU A 316 32.85 -30.02 -35.37
N VAL A 317 33.48 -28.92 -34.99
CA VAL A 317 33.92 -28.70 -33.64
C VAL A 317 33.10 -27.70 -32.86
N VAL A 318 32.68 -28.10 -31.67
CA VAL A 318 31.96 -27.20 -30.80
C VAL A 318 32.21 -27.58 -29.34
N GLY A 319 32.37 -26.58 -28.48
CA GLY A 319 32.59 -26.87 -27.06
C GLY A 319 31.41 -26.36 -26.28
N ASP A 320 31.52 -26.32 -24.95
CA ASP A 320 30.42 -25.76 -24.19
C ASP A 320 30.87 -25.19 -22.86
N SER A 321 29.93 -24.54 -22.15
CA SER A 321 30.20 -23.93 -20.84
C SER A 321 30.36 -24.96 -19.74
N GLU A 322 30.06 -26.20 -20.05
CA GLU A 322 30.26 -27.30 -19.14
C GLU A 322 31.71 -27.80 -19.17
N GLY A 323 32.49 -27.39 -20.20
CA GLY A 323 33.88 -27.82 -20.32
C GLY A 323 34.08 -29.01 -21.29
N TYR A 324 33.05 -29.38 -22.03
CA TYR A 324 33.12 -30.50 -22.95
C TYR A 324 33.39 -30.05 -24.37
N LEU A 325 34.19 -30.81 -25.08
CA LEU A 325 34.50 -30.53 -26.48
C LEU A 325 33.90 -31.61 -27.35
N HIS A 326 33.39 -31.25 -28.52
CA HIS A 326 32.76 -32.27 -29.33
C HIS A 326 33.18 -32.20 -30.79
N TRP A 327 33.33 -33.37 -31.40
CA TRP A 327 33.66 -33.49 -32.82
C TRP A 327 32.59 -34.29 -33.51
N ILE A 328 31.92 -33.65 -34.44
CA ILE A 328 30.82 -34.25 -35.15
C ILE A 328 31.14 -34.51 -36.62
N ASN A 329 30.64 -35.62 -37.11
CA ASN A 329 30.85 -35.94 -38.50
C ASN A 329 30.14 -34.96 -39.36
N VAL A 330 30.91 -34.02 -39.92
CA VAL A 330 30.50 -33.00 -40.89
C VAL A 330 29.25 -33.30 -41.75
N GLU A 331 29.12 -34.55 -42.20
CA GLU A 331 27.95 -34.98 -42.94
C GLU A 331 26.96 -35.54 -41.93
N ASP A 332 26.47 -36.74 -42.10
CA ASP A 332 25.63 -37.24 -41.04
C ASP A 332 26.57 -37.86 -40.01
N GLY A 333 26.91 -37.06 -39.00
CA GLY A 333 25.98 -36.16 -38.32
C GLY A 333 26.01 -36.48 -36.84
N ARG A 334 26.95 -37.33 -36.45
CA ARG A 334 27.09 -37.77 -35.07
C ARG A 334 28.52 -37.75 -34.60
N PHE A 335 28.70 -38.04 -33.32
CA PHE A 335 30.03 -38.04 -32.72
C PHE A 335 31.09 -38.82 -33.44
N VAL A 336 32.25 -38.22 -33.42
CA VAL A 336 33.51 -38.70 -33.97
C VAL A 336 34.54 -38.69 -32.88
N ALA A 337 34.47 -37.67 -32.06
CA ALA A 337 35.34 -37.58 -30.92
C ALA A 337 34.65 -36.70 -29.88
N GLN A 338 35.03 -36.88 -28.62
CA GLN A 338 34.49 -36.04 -27.57
C GLN A 338 35.51 -35.94 -26.44
N GLN A 339 35.68 -34.75 -25.89
CA GLN A 339 36.68 -34.54 -24.86
C GLN A 339 36.33 -33.52 -23.83
N LYS A 340 36.11 -33.96 -22.61
CA LYS A 340 35.90 -32.98 -21.57
C LYS A 340 37.23 -32.45 -21.13
N VAL A 341 37.70 -31.39 -21.78
CA VAL A 341 38.99 -30.83 -21.44
C VAL A 341 38.99 -30.18 -20.06
N ASP A 342 37.84 -29.70 -19.62
CA ASP A 342 37.78 -29.12 -18.28
C ASP A 342 36.34 -29.07 -17.78
N SER A 343 36.09 -28.23 -16.80
CA SER A 343 34.76 -27.98 -16.29
C SER A 343 34.55 -26.47 -16.22
N SER A 344 35.65 -25.71 -16.34
CA SER A 344 35.65 -24.26 -16.31
C SER A 344 34.59 -23.68 -17.20
N GLY A 345 34.51 -24.18 -18.42
CA GLY A 345 33.45 -23.77 -19.31
C GLY A 345 33.86 -22.81 -20.38
N PHE A 346 33.41 -23.11 -21.59
CA PHE A 346 33.68 -22.31 -22.76
C PHE A 346 32.46 -21.57 -23.27
N GLN A 347 32.70 -20.35 -23.70
CA GLN A 347 31.69 -19.48 -24.29
C GLN A 347 32.30 -18.73 -25.44
N THR A 348 33.60 -18.46 -25.33
CA THR A 348 34.33 -17.73 -26.33
C THR A 348 34.42 -18.51 -27.61
N GLU A 349 34.87 -17.85 -28.64
CA GLU A 349 35.00 -18.49 -29.93
C GLU A 349 36.15 -19.48 -29.94
N PRO A 350 35.94 -20.65 -30.54
CA PRO A 350 36.96 -21.64 -30.82
C PRO A 350 37.71 -21.12 -32.02
N VAL A 351 39.02 -21.28 -32.01
CA VAL A 351 39.85 -20.74 -33.04
C VAL A 351 40.59 -21.80 -33.82
N ALA A 352 39.88 -22.39 -34.77
CA ALA A 352 40.46 -23.39 -35.65
C ALA A 352 41.29 -22.69 -36.71
N ALA A 353 42.45 -22.17 -36.31
CA ALA A 353 43.28 -21.37 -37.19
C ALA A 353 44.74 -21.54 -36.87
N ASP A 354 45.59 -21.14 -37.81
CA ASP A 354 47.04 -21.28 -37.69
C ASP A 354 47.42 -22.77 -37.63
N GLY A 355 46.53 -23.63 -38.16
CA GLY A 355 46.68 -25.08 -38.15
C GLY A 355 46.33 -25.68 -36.78
N LYS A 356 45.88 -24.84 -35.86
CA LYS A 356 45.60 -25.21 -34.50
C LYS A 356 44.12 -25.08 -34.16
N LEU A 357 43.82 -25.32 -32.90
CA LEU A 357 42.47 -25.15 -32.38
C LEU A 357 42.57 -24.54 -30.98
N LEU A 358 42.47 -23.23 -30.92
CA LEU A 358 42.58 -22.49 -29.68
C LEU A 358 41.25 -22.11 -29.07
N ILE A 359 41.04 -22.49 -27.82
CA ILE A 359 39.79 -22.21 -27.15
C ILE A 359 40.02 -21.52 -25.82
N GLN A 360 39.02 -20.78 -25.35
CA GLN A 360 39.18 -20.07 -24.10
C GLN A 360 38.00 -20.24 -23.13
N ALA A 361 38.28 -20.88 -22.01
CA ALA A 361 37.32 -21.11 -20.93
C ALA A 361 37.18 -19.89 -20.03
N LYS A 362 36.29 -20.00 -19.06
CA LYS A 362 36.04 -18.93 -18.11
C LYS A 362 37.19 -18.63 -17.17
N ASP A 363 37.84 -19.68 -16.68
CA ASP A 363 38.93 -19.53 -15.73
C ASP A 363 40.10 -20.37 -16.12
N GLY A 364 39.82 -21.52 -16.74
CA GLY A 364 40.86 -22.36 -17.28
C GLY A 364 41.33 -21.81 -18.63
N THR A 365 40.71 -20.72 -19.07
CA THR A 365 40.97 -20.02 -20.29
C THR A 365 41.71 -20.81 -21.36
N VAL A 366 42.99 -20.58 -21.52
CA VAL A 366 43.65 -21.13 -22.69
C VAL A 366 43.91 -22.62 -22.75
N TYR A 367 43.38 -23.22 -23.82
CA TYR A 367 43.68 -24.61 -24.15
C TYR A 367 43.93 -24.75 -25.64
N SER A 368 44.92 -25.55 -25.99
CA SER A 368 45.12 -25.86 -27.39
C SER A 368 44.72 -27.27 -27.55
N ILE A 369 43.82 -27.50 -28.48
CA ILE A 369 43.23 -28.81 -28.65
C ILE A 369 43.67 -29.55 -29.88
N THR A 370 43.86 -30.85 -29.73
CA THR A 370 44.25 -31.73 -30.82
C THR A 370 43.63 -33.10 -30.66
N ARG A 371 44.04 -34.06 -31.48
CA ARG A 371 43.49 -35.40 -31.39
C ARG A 371 44.55 -36.46 -31.62
N CYS B 1 -28.24 -15.10 11.14
CA CYS B 1 -27.22 -15.90 11.78
C CYS B 1 -27.44 -15.92 13.29
N SER B 2 -26.68 -15.10 14.03
CA SER B 2 -26.85 -14.99 15.47
C SER B 2 -27.56 -13.69 15.83
N SER B 3 -28.83 -13.79 16.23
CA SER B 3 -29.60 -12.60 16.57
C SER B 3 -30.60 -12.87 17.69
N ASP B 4 -31.06 -11.81 18.33
CA ASP B 4 -31.98 -11.93 19.45
C ASP B 4 -33.44 -12.06 19.00
N SER B 5 -33.80 -13.25 18.50
CA SER B 5 -35.16 -13.63 18.09
C SER B 5 -35.80 -12.82 16.95
N ARG B 6 -35.75 -13.39 15.73
CA ARG B 6 -36.34 -12.87 14.47
C ARG B 6 -35.32 -12.06 13.68
N TYR B 7 -35.80 -11.13 12.84
CA TYR B 7 -35.01 -10.22 11.99
C TYR B 7 -35.02 -10.67 10.53
N LYS B 8 -36.19 -11.02 10.00
CA LYS B 8 -36.25 -11.43 8.59
C LYS B 8 -36.85 -10.31 7.76
N ARG B 9 -37.87 -9.64 8.32
CA ARG B 9 -38.47 -8.48 7.67
C ARG B 9 -38.55 -7.31 8.64
N GLN B 10 -37.45 -6.59 8.71
CA GLN B 10 -37.34 -5.40 9.54
C GLN B 10 -36.01 -4.75 9.29
N VAL B 11 -35.80 -3.61 9.92
CA VAL B 11 -34.55 -2.91 9.81
C VAL B 11 -33.78 -3.10 11.11
N SER B 12 -32.47 -2.99 11.04
CA SER B 12 -31.66 -3.15 12.22
C SER B 12 -31.78 -1.93 13.12
N GLY B 13 -31.55 -2.15 14.41
CA GLY B 13 -31.62 -1.07 15.39
C GLY B 13 -33.05 -0.59 15.60
N ASP B 14 -33.18 0.69 15.91
CA ASP B 14 -34.48 1.32 16.15
C ASP B 14 -35.05 1.92 14.88
N GLU B 15 -36.17 2.62 15.00
CA GLU B 15 -36.77 3.27 13.85
C GLU B 15 -36.65 4.77 14.00
N ALA B 16 -35.46 5.24 14.38
CA ALA B 16 -35.14 6.65 14.64
C ALA B 16 -35.73 7.63 13.65
N TYR B 17 -35.75 7.25 12.38
CA TYR B 17 -36.22 8.12 11.33
C TYR B 17 -37.72 8.32 11.32
N LEU B 18 -38.42 7.47 12.06
CA LEU B 18 -39.85 7.56 12.22
C LEU B 18 -40.13 8.16 13.57
N GLU B 19 -39.31 7.76 14.54
CA GLU B 19 -39.40 8.17 15.93
C GLU B 19 -39.18 9.67 16.10
N ALA B 20 -38.27 10.22 15.30
CA ALA B 20 -37.93 11.63 15.35
C ALA B 20 -39.09 12.55 14.98
N ALA B 21 -39.10 13.71 15.63
CA ALA B 21 -40.10 14.75 15.44
C ALA B 21 -39.88 15.54 14.14
N PRO B 22 -40.92 16.24 13.65
CA PRO B 22 -40.95 17.15 12.51
C PRO B 22 -40.18 18.41 12.84
N LEU B 23 -39.82 19.17 11.82
CA LEU B 23 -38.93 20.31 12.03
C LEU B 23 -39.63 21.68 12.09
N ALA B 24 -39.17 22.49 13.04
CA ALA B 24 -39.73 23.82 13.33
C ALA B 24 -39.26 24.87 12.34
N GLU B 25 -39.84 24.84 11.14
CA GLU B 25 -39.45 25.78 10.09
C GLU B 25 -39.39 27.21 10.63
N LEU B 26 -38.43 27.96 10.13
CA LEU B 26 -38.24 29.32 10.57
C LEU B 26 -39.03 30.32 9.74
N HIS B 27 -39.63 31.26 10.43
CA HIS B 27 -40.42 32.33 9.85
C HIS B 27 -39.79 33.67 10.15
N ALA B 28 -38.76 34.02 9.39
CA ALA B 28 -38.06 35.30 9.56
C ALA B 28 -39.02 36.45 9.30
N PRO B 29 -38.84 37.58 10.01
CA PRO B 29 -39.63 38.80 9.97
C PRO B 29 -39.42 39.51 8.65
N ALA B 30 -40.32 40.43 8.34
CA ALA B 30 -40.29 41.13 7.07
C ALA B 30 -38.96 41.78 6.81
N GLY B 31 -38.46 41.58 5.59
CA GLY B 31 -37.20 42.11 5.13
C GLY B 31 -36.04 41.15 5.39
N MET B 32 -36.23 40.16 6.26
CA MET B 32 -35.11 39.30 6.56
C MET B 32 -35.19 38.04 5.75
N ILE B 33 -34.85 38.18 4.48
CA ILE B 33 -34.86 37.07 3.55
C ILE B 33 -33.48 36.51 3.33
N LEU B 34 -33.26 35.33 3.88
CA LEU B 34 -31.96 34.69 3.78
C LEU B 34 -32.00 33.60 2.73
N PRO B 35 -30.87 33.24 2.13
CA PRO B 35 -30.64 32.22 1.11
C PRO B 35 -30.64 30.84 1.73
N VAL B 36 -31.74 30.50 2.37
CA VAL B 36 -31.92 29.27 3.10
C VAL B 36 -32.42 28.12 2.25
N THR B 37 -32.34 28.29 0.93
CA THR B 37 -32.72 27.29 -0.02
C THR B 37 -31.51 26.95 -0.84
N SER B 38 -30.34 27.18 -0.25
CA SER B 38 -29.08 26.97 -0.93
C SER B 38 -28.54 25.55 -0.74
N GLY B 39 -29.24 24.72 0.04
CA GLY B 39 -28.80 23.37 0.26
C GLY B 39 -29.28 22.43 -0.84
N ASP B 40 -29.07 21.14 -0.62
CA ASP B 40 -29.48 20.11 -1.55
C ASP B 40 -30.68 19.36 -1.04
N TYR B 41 -31.49 20.01 -0.21
CA TYR B 41 -32.58 19.32 0.44
C TYR B 41 -33.85 19.31 -0.38
N ALA B 42 -33.75 18.64 -1.53
CA ALA B 42 -34.86 18.48 -2.46
C ALA B 42 -35.76 17.36 -1.99
N ILE B 43 -36.52 17.67 -0.94
CA ILE B 43 -37.42 16.70 -0.33
C ILE B 43 -38.87 17.03 -0.67
N PRO B 44 -39.53 16.22 -1.50
CA PRO B 44 -40.91 16.32 -1.91
C PRO B 44 -41.78 15.89 -0.75
N VAL B 45 -42.97 16.44 -0.65
CA VAL B 45 -43.85 16.10 0.45
C VAL B 45 -45.17 15.51 -0.03
N THR B 46 -45.39 14.25 0.33
CA THR B 46 -46.61 13.58 -0.03
C THR B 46 -46.87 12.36 0.84
N ASN B 47 -48.00 11.72 0.61
CA ASN B 47 -48.36 10.50 1.33
C ASN B 47 -48.20 9.30 0.45
N GLY B 48 -46.97 9.06 0.01
CA GLY B 48 -46.67 7.92 -0.82
C GLY B 48 -45.26 7.45 -0.49
N SER B 49 -45.08 6.13 -0.56
CA SER B 49 -46.12 5.21 -0.14
C SER B 49 -45.53 4.05 0.64
N GLY B 50 -46.36 3.03 0.82
CA GLY B 50 -45.98 1.82 1.51
C GLY B 50 -45.98 2.00 3.01
N ALA B 51 -45.50 0.96 3.69
CA ALA B 51 -45.39 0.95 5.13
C ALA B 51 -44.08 1.59 5.55
N VAL B 52 -43.86 1.67 6.86
CA VAL B 52 -42.61 2.24 7.36
C VAL B 52 -41.96 1.36 8.42
N GLY B 53 -40.66 1.53 8.60
CA GLY B 53 -39.89 0.83 9.61
C GLY B 53 -39.98 -0.67 9.43
N LYS B 54 -40.19 -1.40 10.52
CA LYS B 54 -40.36 -2.85 10.44
C LYS B 54 -41.52 -3.28 9.57
N ALA B 55 -42.56 -2.45 9.50
CA ALA B 55 -43.72 -2.79 8.71
C ALA B 55 -43.37 -2.77 7.22
N LEU B 56 -42.31 -2.05 6.87
CA LEU B 56 -41.86 -2.00 5.51
C LEU B 56 -40.91 -3.12 5.21
N ASP B 57 -41.29 -3.98 4.29
CA ASP B 57 -40.44 -5.06 3.92
C ASP B 57 -39.17 -4.56 3.29
N ILE B 58 -38.06 -5.18 3.66
CA ILE B 58 -36.81 -4.87 2.99
C ILE B 58 -36.42 -6.10 2.21
N ARG B 59 -37.41 -6.96 1.97
CA ARG B 59 -37.26 -8.16 1.20
C ARG B 59 -36.61 -7.86 -0.11
N PRO B 60 -35.75 -8.74 -0.59
CA PRO B 60 -35.21 -8.64 -1.91
C PRO B 60 -36.45 -8.86 -2.76
N PRO B 61 -36.79 -7.92 -3.64
CA PRO B 61 -37.95 -7.88 -4.51
C PRO B 61 -38.09 -9.14 -5.30
N ALA B 62 -39.32 -9.45 -5.65
CA ALA B 62 -39.61 -10.68 -6.38
C ALA B 62 -39.07 -10.69 -7.81
N GLN B 63 -38.71 -11.90 -8.23
CA GLN B 63 -38.26 -12.30 -9.56
C GLN B 63 -38.17 -13.83 -9.54
N PRO B 64 -38.96 -14.52 -10.36
CA PRO B 64 -39.07 -15.96 -10.49
C PRO B 64 -37.83 -16.56 -11.13
N LEU B 65 -37.75 -17.87 -11.12
CA LEU B 65 -36.64 -18.56 -11.74
C LEU B 65 -36.99 -19.01 -13.12
N ALA B 66 -35.98 -19.39 -13.88
CA ALA B 66 -36.18 -19.86 -15.23
C ALA B 66 -36.67 -21.29 -15.17
N LEU B 67 -37.95 -21.42 -14.81
CA LEU B 67 -38.61 -22.70 -14.65
C LEU B 67 -38.71 -23.41 -15.98
N VAL B 68 -38.84 -22.61 -17.03
CA VAL B 68 -38.87 -23.09 -18.40
C VAL B 68 -37.82 -22.32 -19.21
N SER B 69 -37.35 -22.94 -20.29
CA SER B 69 -36.28 -22.38 -21.09
C SER B 69 -36.66 -21.06 -21.74
N GLY B 70 -35.78 -20.08 -21.58
CA GLY B 70 -35.96 -18.76 -22.19
C GLY B 70 -36.94 -17.87 -21.41
N ALA B 71 -37.38 -18.32 -20.23
CA ALA B 71 -38.35 -17.57 -19.45
C ALA B 71 -37.90 -16.16 -19.11
N ARG B 72 -38.75 -15.19 -19.42
CA ARG B 72 -38.52 -13.77 -19.09
C ARG B 72 -38.79 -13.46 -17.62
N THR B 73 -38.01 -14.09 -16.75
CA THR B 73 -38.10 -14.02 -15.30
C THR B 73 -38.22 -12.66 -14.66
N GLN B 74 -39.43 -12.23 -14.34
CA GLN B 74 -39.57 -11.00 -13.54
C GLN B 74 -40.97 -10.76 -13.04
N PHE B 75 -41.10 -10.77 -11.74
CA PHE B 75 -42.36 -10.51 -11.10
C PHE B 75 -42.59 -9.01 -11.11
N THR B 76 -43.75 -8.60 -11.58
CA THR B 76 -44.08 -7.19 -11.60
C THR B 76 -45.54 -7.02 -11.34
N GLY B 77 -45.91 -6.02 -10.55
CA GLY B 77 -47.31 -5.88 -10.20
C GLY B 77 -47.68 -7.10 -9.36
N ASP B 78 -48.47 -7.99 -9.96
CA ASP B 78 -48.85 -9.24 -9.32
C ASP B 78 -48.51 -10.41 -10.23
N THR B 79 -47.78 -10.14 -11.32
CA THR B 79 -47.52 -11.15 -12.32
C THR B 79 -46.09 -11.60 -12.43
N ALA B 80 -45.88 -12.91 -12.38
CA ALA B 80 -44.56 -13.45 -12.58
C ALA B 80 -44.38 -13.70 -14.07
N SER B 81 -43.53 -12.89 -14.68
CA SER B 81 -43.25 -13.01 -16.10
C SER B 81 -42.35 -14.19 -16.37
N LEU B 82 -42.73 -15.02 -17.34
CA LEU B 82 -41.94 -16.19 -17.75
C LEU B 82 -42.17 -16.50 -19.23
N LEU B 83 -42.08 -15.47 -20.08
CA LEU B 83 -42.37 -15.61 -21.52
C LEU B 83 -41.39 -16.56 -22.19
N VAL B 84 -41.87 -17.37 -23.15
CA VAL B 84 -41.01 -18.39 -23.80
C VAL B 84 -41.00 -18.40 -25.34
N GLU B 85 -39.79 -18.42 -25.91
CA GLU B 85 -39.58 -18.47 -27.36
C GLU B 85 -39.35 -19.89 -27.91
N ASN B 86 -40.42 -20.59 -28.27
CA ASN B 86 -40.31 -21.93 -28.85
C ASN B 86 -40.34 -21.92 -30.39
N GLY B 87 -41.27 -22.69 -30.98
CA GLY B 87 -41.39 -22.78 -32.43
C GLY B 87 -42.84 -22.79 -32.92
N ARG B 88 -43.79 -23.12 -32.02
CA ARG B 88 -45.19 -23.17 -32.39
C ARG B 88 -46.07 -22.53 -31.31
N GLY B 89 -47.22 -22.00 -31.73
CA GLY B 89 -48.15 -21.31 -30.81
C GLY B 89 -49.10 -22.20 -30.00
N ASN B 90 -48.71 -23.43 -29.69
CA ASN B 90 -49.50 -24.32 -28.85
C ASN B 90 -48.59 -25.31 -28.15
N THR B 91 -47.54 -24.79 -27.54
CA THR B 91 -46.56 -25.63 -26.86
C THR B 91 -46.54 -25.33 -25.38
N LEU B 92 -46.74 -24.06 -25.05
CA LEU B 92 -46.75 -23.67 -23.67
C LEU B 92 -48.02 -24.12 -22.99
N TRP B 93 -49.12 -24.17 -23.72
CA TRP B 93 -50.35 -24.60 -23.09
C TRP B 93 -50.30 -26.03 -22.54
N PRO B 94 -49.73 -27.01 -23.28
CA PRO B 94 -49.58 -28.37 -22.79
C PRO B 94 -48.43 -28.46 -21.81
N GLN B 95 -47.42 -27.58 -21.97
CA GLN B 95 -46.34 -27.55 -21.01
C GLN B 95 -46.86 -27.11 -19.67
N VAL B 96 -47.74 -26.09 -19.68
CA VAL B 96 -48.39 -25.60 -18.49
C VAL B 96 -49.24 -26.66 -17.85
N VAL B 97 -50.04 -27.38 -18.63
CA VAL B 97 -50.84 -28.46 -18.05
C VAL B 97 -49.94 -29.45 -17.29
N SER B 98 -48.82 -29.83 -17.91
CA SER B 98 -47.86 -30.72 -17.27
C SER B 98 -47.31 -30.12 -15.98
N VAL B 99 -46.88 -28.85 -16.05
CA VAL B 99 -46.33 -28.14 -14.90
C VAL B 99 -47.33 -28.00 -13.77
N LEU B 100 -48.57 -27.68 -14.10
CA LEU B 100 -49.61 -27.54 -13.10
C LEU B 100 -49.77 -28.80 -12.30
N GLN B 101 -49.75 -29.94 -12.98
CA GLN B 101 -49.91 -31.18 -12.27
C GLN B 101 -48.60 -31.71 -11.73
N ALA B 102 -47.47 -31.17 -12.24
CA ALA B 102 -46.18 -31.46 -11.64
C ALA B 102 -46.13 -30.76 -10.28
N LYS B 103 -46.74 -29.58 -10.21
CA LYS B 103 -46.85 -28.79 -9.01
C LYS B 103 -48.04 -29.21 -8.15
N ASN B 104 -48.98 -29.95 -8.75
CA ASN B 104 -50.17 -30.47 -8.08
C ASN B 104 -51.12 -29.36 -7.69
N TYR B 105 -51.36 -28.46 -8.62
CA TYR B 105 -52.25 -27.34 -8.36
C TYR B 105 -53.72 -27.69 -8.63
N THR B 106 -54.59 -27.17 -7.76
CA THR B 106 -56.03 -27.35 -7.91
C THR B 106 -56.58 -26.23 -8.75
N ILE B 107 -57.30 -26.60 -9.80
CA ILE B 107 -57.78 -25.65 -10.78
C ILE B 107 -59.28 -25.38 -10.68
N THR B 108 -59.64 -24.09 -10.60
CA THR B 108 -61.02 -23.65 -10.53
C THR B 108 -61.71 -23.73 -11.89
N GLN B 109 -61.03 -23.27 -12.94
CA GLN B 109 -61.59 -23.31 -14.28
C GLN B 109 -60.51 -23.49 -15.34
N ARG B 110 -60.84 -24.24 -16.38
CA ARG B 110 -59.89 -24.55 -17.43
C ARG B 110 -60.29 -24.03 -18.80
N ASP B 111 -59.56 -23.05 -19.30
CA ASP B 111 -59.84 -22.53 -20.63
C ASP B 111 -59.12 -23.35 -21.67
N ASP B 112 -59.70 -24.52 -21.94
CA ASP B 112 -59.17 -25.45 -22.91
C ASP B 112 -59.47 -24.99 -24.33
N ALA B 113 -60.46 -24.12 -24.48
CA ALA B 113 -60.79 -23.55 -25.78
C ALA B 113 -59.65 -22.64 -26.22
N GLY B 114 -59.15 -21.88 -25.25
CA GLY B 114 -58.00 -21.02 -25.45
C GLY B 114 -56.76 -21.70 -24.86
N GLN B 115 -56.04 -20.97 -24.04
CA GLN B 115 -54.83 -21.50 -23.42
C GLN B 115 -54.62 -20.86 -22.05
N THR B 116 -55.69 -20.79 -21.25
CA THR B 116 -55.59 -20.13 -19.94
C THR B 116 -56.29 -20.96 -18.84
N LEU B 117 -56.12 -20.55 -17.58
CA LEU B 117 -56.85 -21.20 -16.49
C LEU B 117 -56.88 -20.41 -15.19
N THR B 118 -57.88 -20.69 -14.37
CA THR B 118 -58.04 -20.04 -13.08
C THR B 118 -57.80 -21.07 -11.98
N THR B 119 -56.90 -20.77 -11.05
CA THR B 119 -56.61 -21.69 -9.96
C THR B 119 -57.06 -21.14 -8.62
N ASP B 120 -57.14 -22.02 -7.62
CA ASP B 120 -57.48 -21.63 -6.25
C ASP B 120 -56.20 -21.28 -5.47
N TRP B 121 -56.31 -21.13 -4.15
CA TRP B 121 -55.15 -20.79 -3.34
C TRP B 121 -54.31 -22.00 -2.95
N VAL B 122 -53.02 -21.90 -3.23
CA VAL B 122 -52.06 -22.95 -2.86
C VAL B 122 -51.06 -22.40 -1.85
N GLN B 123 -50.85 -23.11 -0.76
CA GLN B 123 -49.99 -22.64 0.32
C GLN B 123 -48.50 -22.83 0.07
N TRP B 124 -47.74 -21.78 0.38
CA TRP B 124 -46.29 -21.75 0.23
C TRP B 124 -45.64 -20.75 1.20
N ASN B 125 -44.39 -20.98 1.55
CA ASN B 125 -43.71 -20.05 2.44
C ASN B 125 -42.21 -20.19 2.37
N ARG B 126 -41.51 -19.36 3.14
CA ARG B 126 -40.07 -19.44 3.22
C ARG B 126 -39.58 -18.75 4.48
N LEU B 127 -38.80 -19.47 5.27
CA LEU B 127 -38.27 -19.00 6.55
C LEU B 127 -37.32 -17.80 6.48
N ASP B 128 -37.04 -17.28 5.29
CA ASP B 128 -36.25 -16.08 5.15
C ASP B 128 -37.12 -14.84 5.31
N GLU B 129 -38.40 -15.08 5.67
CA GLU B 129 -39.41 -14.08 5.90
C GLU B 129 -40.16 -14.45 7.16
N ASP B 130 -40.60 -13.44 7.89
CA ASP B 130 -41.31 -13.66 9.15
C ASP B 130 -42.79 -14.11 9.00
N GLU B 131 -43.25 -14.41 7.76
CA GLU B 131 -44.62 -14.86 7.50
C GLU B 131 -44.76 -15.99 6.47
N GLN B 132 -45.94 -16.59 6.46
CA GLN B 132 -46.30 -17.70 5.55
C GLN B 132 -47.47 -17.33 4.66
N TYR B 133 -47.50 -17.82 3.41
CA TYR B 133 -48.54 -17.37 2.46
C TYR B 133 -49.24 -18.46 1.65
N ARG B 134 -50.24 -18.01 0.88
CA ARG B 134 -51.02 -18.80 -0.06
C ARG B 134 -51.23 -17.96 -1.31
N GLY B 135 -51.29 -18.59 -2.48
CA GLY B 135 -51.49 -17.78 -3.67
C GLY B 135 -52.51 -18.35 -4.64
N ARG B 136 -53.39 -17.47 -5.12
CA ARG B 136 -54.38 -17.78 -6.13
C ARG B 136 -53.90 -17.20 -7.44
N TYR B 137 -53.84 -18.00 -8.51
CA TYR B 137 -53.30 -17.48 -9.76
C TYR B 137 -54.16 -17.66 -11.01
N GLN B 138 -54.02 -16.68 -11.92
CA GLN B 138 -54.61 -16.71 -13.24
C GLN B 138 -53.51 -16.94 -14.23
N ILE B 139 -53.54 -18.07 -14.90
CA ILE B 139 -52.48 -18.40 -15.82
C ILE B 139 -52.93 -18.12 -17.23
N SER B 140 -52.11 -17.38 -17.96
CA SER B 140 -52.46 -17.07 -19.33
C SER B 140 -51.32 -17.24 -20.31
N VAL B 141 -51.48 -18.24 -21.19
CA VAL B 141 -50.52 -18.48 -22.25
C VAL B 141 -50.97 -17.72 -23.48
N LYS B 142 -50.10 -16.86 -23.99
CA LYS B 142 -50.44 -16.00 -25.11
C LYS B 142 -49.70 -16.34 -26.40
N PRO B 143 -50.24 -17.26 -27.20
CA PRO B 143 -49.72 -17.70 -28.51
C PRO B 143 -49.35 -16.56 -29.45
N GLN B 144 -48.17 -15.97 -29.29
CA GLN B 144 -47.70 -14.89 -30.19
C GLN B 144 -47.10 -15.45 -31.49
N GLY B 145 -46.98 -16.77 -31.56
CA GLY B 145 -46.44 -17.48 -32.70
C GLY B 145 -45.43 -18.47 -32.20
N TYR B 146 -44.18 -18.35 -32.61
CA TYR B 146 -43.14 -19.23 -32.08
C TYR B 146 -42.94 -18.96 -30.59
N GLN B 147 -43.22 -17.73 -30.20
CA GLN B 147 -43.15 -17.29 -28.82
C GLN B 147 -44.52 -17.25 -28.20
N GLN B 148 -44.61 -17.68 -26.96
CA GLN B 148 -45.87 -17.63 -26.26
C GLN B 148 -45.61 -16.93 -24.95
N ALA B 149 -46.34 -15.85 -24.69
CA ALA B 149 -46.07 -15.14 -23.45
C ALA B 149 -46.68 -15.90 -22.29
N VAL B 150 -46.02 -15.86 -21.14
CA VAL B 150 -46.55 -16.57 -19.99
C VAL B 150 -46.80 -15.63 -18.83
N THR B 151 -48.09 -15.44 -18.56
CA THR B 151 -48.55 -14.61 -17.47
C THR B 151 -48.94 -15.44 -16.27
N VAL B 152 -48.20 -15.29 -15.18
CA VAL B 152 -48.56 -15.94 -13.94
C VAL B 152 -49.09 -14.89 -12.98
N LYS B 153 -50.40 -14.67 -13.03
CA LYS B 153 -51.01 -13.56 -12.28
C LYS B 153 -51.55 -13.91 -10.92
N LEU B 154 -50.95 -13.36 -9.90
CA LEU B 154 -51.39 -13.58 -8.55
C LEU B 154 -52.72 -12.88 -8.33
N LEU B 155 -53.79 -13.66 -8.51
CA LEU B 155 -55.16 -13.20 -8.30
C LEU B 155 -55.41 -12.82 -6.86
N ASN B 156 -54.69 -13.46 -5.94
CA ASN B 156 -54.81 -13.09 -4.53
C ASN B 156 -53.76 -13.70 -3.63
N LEU B 157 -53.10 -12.83 -2.89
CA LEU B 157 -52.15 -13.25 -1.89
C LEU B 157 -52.90 -13.46 -0.60
N GLU B 158 -52.77 -14.62 0.00
CA GLU B 158 -53.46 -14.91 1.25
C GLU B 158 -52.44 -15.33 2.28
N GLN B 159 -52.35 -14.61 3.39
CA GLN B 159 -51.30 -14.92 4.34
C GLN B 159 -51.71 -16.08 5.21
N ALA B 160 -51.45 -17.28 4.72
CA ALA B 160 -51.76 -18.54 5.40
C ALA B 160 -53.19 -18.55 5.93
N GLY B 161 -54.13 -18.05 5.13
CA GLY B 161 -55.53 -17.98 5.51
C GLY B 161 -56.06 -16.54 5.60
N LYS B 162 -55.17 -15.56 5.64
CA LYS B 162 -55.58 -14.16 5.75
C LYS B 162 -55.44 -13.38 4.42
N PRO B 163 -56.47 -13.43 3.57
CA PRO B 163 -56.53 -12.77 2.25
C PRO B 163 -55.93 -11.36 2.28
N VAL B 164 -54.70 -11.24 1.82
CA VAL B 164 -53.98 -9.97 1.79
C VAL B 164 -54.53 -9.06 0.70
N ALA B 165 -54.85 -7.82 1.07
CA ALA B 165 -55.36 -6.84 0.13
C ALA B 165 -54.28 -5.82 -0.21
N GLU C 1 -16.33 -24.30 -2.24
CA GLU C 1 -17.11 -25.07 -1.28
C GLU C 1 -18.50 -25.37 -1.80
N VAL C 2 -18.96 -24.54 -2.74
CA VAL C 2 -20.28 -24.72 -3.32
C VAL C 2 -20.25 -25.71 -4.48
N PRO C 3 -21.07 -26.77 -4.44
CA PRO C 3 -21.23 -27.79 -5.46
C PRO C 3 -21.99 -27.20 -6.65
N ASP C 4 -21.63 -27.61 -7.85
CA ASP C 4 -22.29 -27.04 -9.02
C ASP C 4 -23.59 -27.78 -9.30
N ASN C 5 -24.67 -27.05 -9.17
CA ASN C 5 -26.01 -27.55 -9.42
C ASN C 5 -26.61 -26.65 -10.48
N PRO C 6 -27.81 -26.93 -10.97
CA PRO C 6 -28.54 -26.09 -11.88
C PRO C 6 -28.67 -24.78 -11.17
N PRO C 7 -28.66 -23.67 -11.87
CA PRO C 7 -28.70 -22.33 -11.33
C PRO C 7 -29.99 -22.11 -10.56
N ASN C 8 -31.04 -22.82 -10.96
CA ASN C 8 -32.30 -22.75 -10.26
C ASN C 8 -32.17 -23.44 -8.93
N GLU C 9 -31.44 -24.56 -8.94
CA GLU C 9 -31.20 -25.36 -7.75
C GLU C 9 -30.26 -24.68 -6.79
N ILE C 10 -29.23 -24.02 -7.32
CA ILE C 10 -28.28 -23.30 -6.50
C ILE C 10 -29.02 -22.15 -5.85
N TYR C 11 -29.82 -21.47 -6.65
CA TYR C 11 -30.63 -20.37 -6.18
C TYR C 11 -31.52 -20.84 -5.05
N ALA C 12 -32.22 -21.94 -5.29
CA ALA C 12 -33.09 -22.53 -4.28
C ALA C 12 -32.32 -22.88 -3.03
N THR C 13 -31.11 -23.40 -3.21
CA THR C 13 -30.24 -23.74 -2.08
C THR C 13 -29.93 -22.49 -1.28
N ALA C 14 -29.64 -21.39 -1.98
CA ALA C 14 -29.39 -20.12 -1.32
C ALA C 14 -30.62 -19.72 -0.52
N GLN C 15 -31.80 -19.95 -1.11
CA GLN C 15 -33.06 -19.62 -0.44
C GLN C 15 -33.21 -20.44 0.81
N GLN C 16 -32.77 -21.68 0.77
CA GLN C 16 -32.80 -22.58 1.91
C GLN C 16 -31.86 -22.09 3.00
N LYS C 17 -30.75 -21.53 2.61
CA LYS C 17 -29.84 -20.95 3.58
C LYS C 17 -30.41 -19.64 4.12
N LEU C 18 -31.17 -18.93 3.29
CA LEU C 18 -31.88 -17.76 3.76
C LEU C 18 -32.96 -18.21 4.73
N GLN C 19 -33.55 -19.39 4.47
CA GLN C 19 -34.55 -19.99 5.35
C GLN C 19 -33.93 -20.26 6.70
N ASP C 20 -32.71 -20.79 6.69
CA ASP C 20 -31.97 -21.02 7.91
C ASP C 20 -31.74 -19.71 8.63
N GLY C 21 -31.51 -18.67 7.85
CA GLY C 21 -31.23 -17.34 8.37
C GLY C 21 -29.74 -17.14 8.33
N ASN C 22 -29.01 -18.17 7.93
CA ASN C 22 -27.58 -18.05 7.86
C ASN C 22 -27.24 -17.31 6.61
N TRP C 23 -27.18 -16.00 6.76
CA TRP C 23 -26.95 -15.08 5.69
C TRP C 23 -25.62 -15.35 5.04
N ARG C 24 -24.63 -15.73 5.84
CA ARG C 24 -23.29 -16.02 5.34
C ARG C 24 -23.32 -17.15 4.33
N GLN C 25 -24.09 -18.18 4.65
CA GLN C 25 -24.24 -19.32 3.78
C GLN C 25 -25.08 -19.01 2.58
N ALA C 26 -26.13 -18.23 2.78
CA ALA C 26 -26.99 -17.85 1.68
C ALA C 26 -26.21 -17.08 0.66
N ILE C 27 -25.44 -16.11 1.16
CA ILE C 27 -24.56 -15.30 0.35
C ILE C 27 -23.55 -16.15 -0.37
N THR C 28 -22.95 -17.09 0.34
CA THR C 28 -21.99 -18.00 -0.27
C THR C 28 -22.57 -18.65 -1.53
N GLN C 29 -23.80 -19.14 -1.43
CA GLN C 29 -24.47 -19.76 -2.57
C GLN C 29 -24.81 -18.76 -3.66
N LEU C 30 -25.30 -17.59 -3.27
CA LEU C 30 -25.69 -16.56 -4.20
C LEU C 30 -24.52 -16.07 -5.03
N GLU C 31 -23.39 -15.89 -4.37
CA GLU C 31 -22.20 -15.46 -5.05
C GLU C 31 -21.73 -16.54 -5.99
N ALA C 32 -21.72 -17.78 -5.51
CA ALA C 32 -21.32 -18.92 -6.31
C ALA C 32 -22.22 -19.04 -7.51
N LEU C 33 -23.50 -18.79 -7.33
CA LEU C 33 -24.45 -18.85 -8.41
C LEU C 33 -24.08 -17.89 -9.50
N ASP C 34 -23.85 -16.62 -9.18
CA ASP C 34 -23.43 -15.73 -10.24
C ASP C 34 -22.03 -16.05 -10.74
N ASN C 35 -21.22 -16.75 -9.96
CA ASN C 35 -19.92 -17.13 -10.44
C ASN C 35 -19.96 -18.40 -11.29
N ARG C 36 -21.06 -19.15 -11.23
CA ARG C 36 -21.18 -20.37 -12.00
C ARG C 36 -22.11 -20.17 -13.18
N TYR C 37 -23.07 -19.27 -12.99
CA TYR C 37 -24.08 -18.91 -13.96
C TYR C 37 -24.40 -17.41 -13.93
N PRO C 38 -23.42 -16.53 -14.20
CA PRO C 38 -23.48 -15.06 -14.22
C PRO C 38 -24.49 -14.51 -15.20
N PHE C 39 -24.80 -15.32 -16.20
CA PHE C 39 -25.74 -14.98 -17.24
C PHE C 39 -27.15 -15.46 -16.93
N GLY C 40 -27.38 -15.96 -15.71
CA GLY C 40 -28.72 -16.42 -15.37
C GLY C 40 -29.69 -15.25 -15.45
N PRO C 41 -30.92 -15.48 -15.93
CA PRO C 41 -32.04 -14.55 -16.10
C PRO C 41 -32.34 -13.78 -14.82
N TYR C 42 -32.11 -14.44 -13.70
CA TYR C 42 -32.34 -13.90 -12.39
C TYR C 42 -31.07 -13.64 -11.63
N SER C 43 -29.96 -13.40 -12.35
CA SER C 43 -28.73 -13.01 -11.71
C SER C 43 -28.93 -11.66 -11.04
N GLN C 44 -29.90 -10.90 -11.58
CA GLN C 44 -30.29 -9.62 -11.05
C GLN C 44 -30.95 -9.84 -9.71
N GLN C 45 -31.75 -10.90 -9.61
CA GLN C 45 -32.38 -11.27 -8.37
C GLN C 45 -31.38 -11.71 -7.37
N VAL C 46 -30.37 -12.43 -7.84
CA VAL C 46 -29.29 -12.87 -6.98
C VAL C 46 -28.64 -11.66 -6.37
N GLN C 47 -28.40 -10.64 -7.18
CA GLN C 47 -27.83 -9.40 -6.66
C GLN C 47 -28.77 -8.76 -5.65
N LEU C 48 -30.08 -8.79 -5.90
CA LEU C 48 -31.05 -8.25 -4.96
C LEU C 48 -31.04 -9.03 -3.66
N ASP C 49 -30.89 -10.34 -3.78
CA ASP C 49 -30.85 -11.24 -2.65
C ASP C 49 -29.62 -10.94 -1.84
N LEU C 50 -28.52 -10.69 -2.54
CA LEU C 50 -27.29 -10.32 -1.91
C LEU C 50 -27.37 -8.98 -1.22
N ILE C 51 -28.05 -8.01 -1.84
CA ILE C 51 -28.20 -6.72 -1.19
C ILE C 51 -28.88 -6.92 0.15
N TYR C 52 -29.96 -7.67 0.12
CA TYR C 52 -30.72 -8.04 1.28
C TYR C 52 -29.89 -8.78 2.31
N ALA C 53 -29.26 -9.87 1.88
CA ALA C 53 -28.48 -10.72 2.76
C ALA C 53 -27.27 -9.99 3.34
N TYR C 54 -26.64 -9.13 2.54
CA TYR C 54 -25.50 -8.36 3.02
C TYR C 54 -25.97 -7.40 4.08
N TYR C 55 -27.14 -6.80 3.88
CA TYR C 55 -27.69 -5.94 4.92
C TYR C 55 -27.89 -6.76 6.17
N LYS C 56 -28.51 -7.92 5.99
CA LYS C 56 -28.78 -8.82 7.08
C LYS C 56 -27.53 -9.34 7.76
N ASN C 57 -26.43 -9.46 7.01
CA ASN C 57 -25.18 -9.91 7.57
C ASN C 57 -24.23 -8.77 7.88
N ALA C 58 -24.74 -7.53 7.95
CA ALA C 58 -23.93 -6.34 8.24
C ALA C 58 -22.80 -6.08 7.23
N ASP C 59 -22.86 -6.67 6.05
CA ASP C 59 -21.85 -6.51 5.01
C ASP C 59 -22.21 -5.34 4.14
N LEU C 60 -22.37 -4.19 4.76
CA LEU C 60 -22.87 -2.99 4.12
C LEU C 60 -22.02 -2.50 2.95
N PRO C 61 -20.69 -2.60 3.00
CA PRO C 61 -19.79 -2.29 1.89
C PRO C 61 -20.10 -3.14 0.68
N LEU C 62 -20.56 -4.36 0.92
CA LEU C 62 -20.83 -5.26 -0.15
C LEU C 62 -22.23 -5.09 -0.64
N ALA C 63 -23.13 -4.70 0.26
CA ALA C 63 -24.48 -4.39 -0.13
C ALA C 63 -24.41 -3.22 -1.09
N GLN C 64 -23.60 -2.24 -0.71
CA GLN C 64 -23.35 -1.05 -1.49
C GLN C 64 -22.84 -1.42 -2.87
N ALA C 65 -21.82 -2.28 -2.92
CA ALA C 65 -21.24 -2.75 -4.17
C ALA C 65 -22.27 -3.48 -5.03
N ALA C 66 -23.10 -4.31 -4.41
CA ALA C 66 -24.14 -5.04 -5.13
C ALA C 66 -25.10 -4.07 -5.76
N ILE C 67 -25.45 -3.01 -5.03
CA ILE C 67 -26.31 -1.98 -5.52
C ILE C 67 -25.68 -1.26 -6.69
N ASP C 68 -24.41 -0.91 -6.57
CA ASP C 68 -23.69 -0.27 -7.65
C ASP C 68 -23.79 -1.09 -8.92
N ARG C 69 -23.59 -2.39 -8.77
CA ARG C 69 -23.70 -3.28 -9.89
C ARG C 69 -25.10 -3.32 -10.43
N PHE C 70 -26.09 -3.42 -9.56
CA PHE C 70 -27.48 -3.47 -9.99
C PHE C 70 -27.79 -2.29 -10.85
N ILE C 71 -27.35 -1.10 -10.42
CA ILE C 71 -27.56 0.12 -11.15
C ILE C 71 -26.95 0.08 -12.52
N ARG C 72 -25.72 -0.39 -12.60
CA ARG C 72 -25.03 -0.46 -13.87
C ARG C 72 -25.50 -1.59 -14.77
N LEU C 73 -26.01 -2.64 -14.15
CA LEU C 73 -26.52 -3.79 -14.89
C LEU C 73 -27.97 -3.59 -15.25
N ASN C 74 -28.66 -2.75 -14.47
CA ASN C 74 -30.05 -2.46 -14.70
C ASN C 74 -30.36 -0.98 -14.47
N PRO C 75 -29.85 -0.08 -15.32
CA PRO C 75 -30.03 1.37 -15.30
C PRO C 75 -31.50 1.73 -15.11
N THR C 76 -32.37 0.95 -15.75
CA THR C 76 -33.80 1.10 -15.61
C THR C 76 -34.37 -0.24 -15.24
N HIS C 77 -35.16 -0.26 -14.18
CA HIS C 77 -35.73 -1.50 -13.72
C HIS C 77 -36.82 -1.25 -12.69
N PRO C 78 -37.90 -2.04 -12.71
CA PRO C 78 -39.03 -1.99 -11.79
C PRO C 78 -38.64 -2.07 -10.32
N ASN C 79 -37.54 -2.75 -10.02
CA ASN C 79 -37.12 -2.90 -8.64
C ASN C 79 -36.10 -1.87 -8.17
N ILE C 80 -35.84 -0.84 -8.98
CA ILE C 80 -34.89 0.17 -8.54
C ILE C 80 -35.34 0.88 -7.29
N ASP C 81 -36.63 1.18 -7.16
CA ASP C 81 -37.11 1.83 -5.94
C ASP C 81 -36.48 1.19 -4.69
N TYR C 82 -36.50 -0.14 -4.64
CA TYR C 82 -35.88 -0.93 -3.59
C TYR C 82 -34.42 -0.70 -3.51
N VAL C 83 -33.76 -0.84 -4.64
CA VAL C 83 -32.33 -0.70 -4.73
C VAL C 83 -31.85 0.65 -4.22
N MET C 84 -32.54 1.70 -4.63
CA MET C 84 -32.28 3.07 -4.23
C MET C 84 -32.50 3.22 -2.73
N TYR C 85 -33.62 2.66 -2.25
CA TYR C 85 -33.95 2.65 -0.85
C TYR C 85 -32.84 2.00 -0.06
N MET C 86 -32.45 0.83 -0.50
CA MET C 86 -31.41 0.07 0.15
C MET C 86 -30.09 0.76 0.08
N ARG C 87 -29.86 1.53 -0.97
CA ARG C 87 -28.62 2.25 -1.07
C ARG C 87 -28.55 3.22 0.07
N GLY C 88 -29.64 3.94 0.28
CA GLY C 88 -29.73 4.87 1.37
C GLY C 88 -29.67 4.17 2.70
N LEU C 89 -30.42 3.07 2.82
CA LEU C 89 -30.49 2.30 4.06
C LEU C 89 -29.13 1.80 4.45
N THR C 90 -28.45 1.23 3.48
CA THR C 90 -27.11 0.71 3.60
C THR C 90 -26.18 1.76 4.08
N ASN C 91 -26.17 2.89 3.38
CA ASN C 91 -25.30 3.99 3.70
C ASN C 91 -25.64 4.59 5.04
N MET C 92 -26.92 4.65 5.37
CA MET C 92 -27.34 5.14 6.66
C MET C 92 -26.76 4.31 7.77
N ALA C 93 -26.96 3.00 7.68
CA ALA C 93 -26.47 2.06 8.66
C ALA C 93 -24.97 2.05 8.68
N LEU C 94 -24.37 2.22 7.52
CA LEU C 94 -22.94 2.27 7.38
C LEU C 94 -22.41 3.46 8.16
N ASP C 95 -23.16 4.56 8.13
CA ASP C 95 -22.80 5.75 8.86
C ASP C 95 -22.95 5.58 10.38
N ASP C 96 -24.13 5.09 10.81
CA ASP C 96 -24.40 4.91 12.22
C ASP C 96 -24.82 3.49 12.57
N SER C 97 -24.02 2.83 13.40
CA SER C 97 -24.34 1.48 13.83
C SER C 97 -23.66 1.05 15.14
N ALA C 98 -22.91 1.95 15.77
CA ALA C 98 -22.18 1.60 16.98
C ALA C 98 -23.10 1.29 18.15
N LEU C 99 -22.68 0.31 18.95
CA LEU C 99 -23.41 -0.15 20.12
C LEU C 99 -23.54 0.89 21.21
N GLN C 100 -22.74 1.95 21.14
CA GLN C 100 -22.77 3.07 22.07
C GLN C 100 -24.17 3.64 22.33
N GLY C 101 -25.08 3.49 21.34
CA GLY C 101 -26.45 3.98 21.48
C GLY C 101 -27.15 3.30 22.65
N PHE C 102 -26.77 2.05 22.92
CA PHE C 102 -27.28 1.28 24.04
C PHE C 102 -27.10 1.99 25.36
N PHE C 103 -26.00 2.72 25.48
CA PHE C 103 -25.63 3.38 26.70
C PHE C 103 -26.11 4.82 26.73
N GLY C 104 -26.93 5.21 25.75
CA GLY C 104 -27.42 6.56 25.67
C GLY C 104 -26.38 7.50 25.07
N VAL C 105 -25.37 6.95 24.39
CA VAL C 105 -24.32 7.80 23.85
C VAL C 105 -24.58 8.12 22.39
N ASP C 106 -24.83 9.40 22.14
CA ASP C 106 -25.19 9.95 20.84
C ASP C 106 -24.08 9.87 19.77
N ARG C 107 -24.51 9.77 18.51
CA ARG C 107 -23.62 9.74 17.36
C ARG C 107 -23.78 10.92 16.41
N SER C 108 -24.63 11.88 16.75
CA SER C 108 -24.81 13.04 15.88
C SER C 108 -23.54 13.87 15.76
N ASP C 109 -22.62 13.71 16.73
CA ASP C 109 -21.33 14.37 16.71
C ASP C 109 -20.26 13.63 15.87
N ARG C 110 -20.70 12.60 15.14
CA ARG C 110 -19.83 11.92 14.19
C ARG C 110 -20.17 12.43 12.80
N ASP C 111 -19.18 12.55 11.94
CA ASP C 111 -19.44 13.11 10.62
C ASP C 111 -20.30 12.20 9.78
N PRO C 112 -21.55 12.61 9.49
CA PRO C 112 -22.55 11.94 8.64
C PRO C 112 -22.11 11.71 7.20
N GLN C 113 -21.01 11.00 7.02
CA GLN C 113 -20.45 10.72 5.72
C GLN C 113 -21.37 9.94 4.83
N HIS C 114 -21.77 8.80 5.34
CA HIS C 114 -22.57 7.91 4.55
C HIS C 114 -23.99 8.31 4.74
N ALA C 115 -24.25 9.03 5.82
CA ALA C 115 -25.58 9.55 6.03
C ALA C 115 -25.89 10.58 4.96
N ARG C 116 -24.94 11.46 4.66
CA ARG C 116 -25.14 12.42 3.58
C ARG C 116 -25.32 11.70 2.27
N ALA C 117 -24.55 10.62 2.06
CA ALA C 117 -24.73 9.83 0.88
C ALA C 117 -26.16 9.29 0.84
N ALA C 118 -26.61 8.77 1.98
CA ALA C 118 -27.95 8.24 2.14
C ALA C 118 -28.99 9.30 1.92
N PHE C 119 -28.69 10.54 2.32
CA PHE C 119 -29.62 11.63 2.12
C PHE C 119 -29.92 11.72 0.67
N SER C 120 -28.85 11.77 -0.13
CA SER C 120 -28.99 11.86 -1.55
C SER C 120 -29.73 10.66 -2.10
N ASP C 121 -29.34 9.46 -1.65
CA ASP C 121 -29.93 8.21 -2.09
C ASP C 121 -31.44 8.23 -1.93
N PHE C 122 -31.86 8.59 -0.73
CA PHE C 122 -33.27 8.63 -0.43
C PHE C 122 -33.95 9.76 -1.13
N SER C 123 -33.26 10.88 -1.34
CA SER C 123 -33.92 11.98 -1.99
C SER C 123 -34.16 11.62 -3.45
N LYS C 124 -33.27 10.81 -4.02
CA LYS C 124 -33.44 10.32 -5.38
C LYS C 124 -34.61 9.40 -5.43
N LEU C 125 -34.73 8.55 -4.42
CA LEU C 125 -35.83 7.63 -4.31
C LEU C 125 -37.16 8.32 -4.26
N VAL C 126 -37.30 9.28 -3.36
CA VAL C 126 -38.59 9.92 -3.19
C VAL C 126 -38.93 10.82 -4.35
N ARG C 127 -37.93 11.35 -5.06
CA ARG C 127 -38.26 12.17 -6.20
C ARG C 127 -38.55 11.33 -7.43
N GLY C 128 -37.65 10.39 -7.73
CA GLY C 128 -37.77 9.51 -8.88
C GLY C 128 -38.94 8.56 -8.75
N TYR C 129 -39.19 8.12 -7.53
CA TYR C 129 -40.28 7.22 -7.25
C TYR C 129 -41.20 7.87 -6.23
N PRO C 130 -41.91 8.94 -6.65
CA PRO C 130 -42.77 9.84 -5.85
C PRO C 130 -43.76 9.17 -4.92
N ASN C 131 -44.07 7.91 -5.17
CA ASN C 131 -45.02 7.22 -4.34
C ASN C 131 -44.77 5.74 -4.31
N SER C 132 -43.50 5.33 -4.36
CA SER C 132 -43.22 3.90 -4.30
C SER C 132 -43.50 3.39 -2.93
N GLN C 133 -43.52 2.08 -2.83
CA GLN C 133 -43.69 1.38 -1.59
C GLN C 133 -42.61 1.66 -0.53
N TYR C 134 -41.51 2.34 -0.91
CA TYR C 134 -40.47 2.62 0.06
C TYR C 134 -40.36 4.12 0.33
N THR C 135 -41.14 4.91 -0.41
CA THR C 135 -41.06 6.35 -0.38
C THR C 135 -41.48 7.00 0.93
N THR C 136 -42.55 6.51 1.57
CA THR C 136 -42.97 7.14 2.82
C THR C 136 -41.87 7.06 3.86
N ASP C 137 -41.32 5.88 4.00
CA ASP C 137 -40.27 5.63 4.96
C ASP C 137 -39.06 6.48 4.64
N ALA C 138 -38.66 6.48 3.37
CA ALA C 138 -37.53 7.26 2.92
C ALA C 138 -37.72 8.74 3.18
N THR C 139 -38.94 9.23 2.97
CA THR C 139 -39.23 10.63 3.20
C THR C 139 -38.99 10.98 4.65
N LYS C 140 -39.48 10.13 5.53
CA LYS C 140 -39.26 10.31 6.95
C LYS C 140 -37.79 10.31 7.27
N ARG C 141 -37.05 9.46 6.58
CA ARG C 141 -35.64 9.38 6.78
C ARG C 141 -34.94 10.65 6.40
N LEU C 142 -35.39 11.26 5.32
CA LEU C 142 -34.83 12.52 4.89
C LEU C 142 -35.04 13.61 5.91
N VAL C 143 -36.21 13.61 6.54
CA VAL C 143 -36.53 14.60 7.55
C VAL C 143 -35.67 14.44 8.79
N PHE C 144 -35.65 13.24 9.34
CA PHE C 144 -34.85 13.01 10.51
C PHE C 144 -33.38 13.18 10.24
N LEU C 145 -32.92 12.63 9.14
CA LEU C 145 -31.55 12.78 8.80
C LEU C 145 -31.13 14.21 8.74
N LYS C 146 -31.92 15.05 8.07
CA LYS C 146 -31.61 16.47 8.04
C LYS C 146 -31.36 17.00 9.44
N ASP C 147 -32.21 16.61 10.37
CA ASP C 147 -32.04 17.02 11.75
C ASP C 147 -30.71 16.52 12.30
N ARG C 148 -30.37 15.25 12.05
CA ARG C 148 -29.07 14.72 12.46
C ARG C 148 -27.93 15.55 11.92
N LEU C 149 -28.04 15.90 10.65
CA LEU C 149 -27.02 16.64 9.94
C LEU C 149 -26.84 17.97 10.63
N ALA C 150 -27.97 18.55 11.03
CA ALA C 150 -27.98 19.79 11.74
C ALA C 150 -27.34 19.65 13.08
N LYS C 151 -27.62 18.56 13.79
CA LYS C 151 -27.03 18.34 15.09
C LYS C 151 -25.53 18.32 15.02
N TYR C 152 -25.01 17.67 13.97
CA TYR C 152 -23.60 17.62 13.78
C TYR C 152 -23.05 19.01 13.58
N GLU C 153 -23.63 19.73 12.63
CA GLU C 153 -23.16 21.05 12.30
C GLU C 153 -23.34 22.03 13.43
N TYR C 154 -24.42 21.85 14.16
CA TYR C 154 -24.74 22.64 15.31
C TYR C 154 -23.64 22.47 16.33
N SER C 155 -23.30 21.21 16.60
CA SER C 155 -22.24 20.87 17.51
C SER C 155 -20.94 21.54 17.09
N VAL C 156 -20.70 21.58 15.78
CA VAL C 156 -19.51 22.24 15.26
C VAL C 156 -19.51 23.71 15.61
N ALA C 157 -20.66 24.37 15.41
CA ALA C 157 -20.80 25.77 15.74
C ALA C 157 -20.55 25.97 17.23
N GLU C 158 -21.03 25.04 18.04
CA GLU C 158 -20.81 25.09 19.48
C GLU C 158 -19.35 25.01 19.80
N TYR C 159 -18.62 24.14 19.10
CA TYR C 159 -17.20 24.07 19.30
C TYR C 159 -16.54 25.41 19.08
N TYR C 160 -16.87 26.04 17.95
CA TYR C 160 -16.25 27.33 17.64
C TYR C 160 -16.71 28.40 18.60
N THR C 161 -17.94 28.26 19.10
CA THR C 161 -18.48 29.17 20.09
C THR C 161 -17.65 29.10 21.34
N GLU C 162 -17.36 27.88 21.74
CA GLU C 162 -16.53 27.61 22.90
C GLU C 162 -15.13 28.11 22.68
N ARG C 163 -14.61 27.87 21.48
CA ARG C 163 -13.28 28.30 21.11
C ARG C 163 -13.13 29.81 21.08
N GLY C 164 -14.16 30.49 20.61
CA GLY C 164 -14.10 31.93 20.49
C GLY C 164 -13.99 32.33 19.02
N ALA C 165 -14.08 31.36 18.12
CA ALA C 165 -13.97 31.64 16.70
C ALA C 165 -15.30 32.16 16.17
N TRP C 166 -15.60 33.40 16.51
CA TRP C 166 -16.88 34.02 16.22
C TRP C 166 -17.22 34.07 14.76
N VAL C 167 -16.21 34.27 13.93
CA VAL C 167 -16.41 34.29 12.50
C VAL C 167 -16.89 32.95 12.03
N ALA C 168 -16.22 31.92 12.50
CA ALA C 168 -16.56 30.56 12.17
C ALA C 168 -17.94 30.25 12.66
N VAL C 169 -18.26 30.69 13.89
CA VAL C 169 -19.57 30.46 14.45
C VAL C 169 -20.65 30.95 13.53
N VAL C 170 -20.53 32.21 13.12
CA VAL C 170 -21.51 32.80 12.25
C VAL C 170 -21.63 32.06 10.96
N ASN C 171 -20.49 31.75 10.36
CA ASN C 171 -20.51 31.04 9.11
C ASN C 171 -21.07 29.65 9.21
N ARG C 172 -20.85 28.99 10.33
CA ARG C 172 -21.37 27.65 10.53
C ARG C 172 -22.86 27.67 10.75
N VAL C 173 -23.35 28.68 11.47
CA VAL C 173 -24.78 28.83 11.67
C VAL C 173 -25.43 29.17 10.36
N GLU C 174 -24.78 30.08 9.64
CA GLU C 174 -25.24 30.50 8.35
C GLU C 174 -25.30 29.35 7.40
N GLY C 175 -24.29 28.48 7.47
CA GLY C 175 -24.27 27.30 6.62
C GLY C 175 -25.50 26.44 6.88
N MET C 176 -25.83 26.25 8.16
CA MET C 176 -27.01 25.47 8.50
C MET C 176 -28.24 26.08 7.88
N LEU C 177 -28.35 27.40 8.01
CA LEU C 177 -29.46 28.15 7.47
C LEU C 177 -29.56 28.02 5.98
N ARG C 178 -28.44 28.12 5.31
CA ARG C 178 -28.39 28.03 3.86
C ARG C 178 -28.84 26.66 3.40
N ASP C 179 -28.47 25.66 4.17
CA ASP C 179 -28.91 24.32 3.88
C ASP C 179 -30.40 24.16 4.11
N TYR C 180 -30.88 24.62 5.26
CA TYR C 180 -32.28 24.56 5.64
C TYR C 180 -32.61 25.44 6.85
N PRO C 181 -33.80 26.01 6.87
CA PRO C 181 -34.33 26.85 7.92
C PRO C 181 -35.37 26.10 8.69
N ASP C 182 -35.03 25.01 9.36
CA ASP C 182 -36.12 24.30 10.01
C ASP C 182 -35.83 23.44 11.22
N THR C 183 -34.66 22.88 11.31
CA THR C 183 -34.42 22.03 12.47
C THR C 183 -34.41 22.83 13.75
N GLN C 184 -34.59 22.15 14.87
CA GLN C 184 -34.53 22.83 16.14
C GLN C 184 -33.12 23.33 16.36
N ALA C 185 -32.15 22.55 15.88
CA ALA C 185 -30.76 22.93 15.96
C ALA C 185 -30.57 24.24 15.24
N THR C 186 -31.28 24.44 14.12
CA THR C 186 -31.24 25.70 13.39
C THR C 186 -31.77 26.81 14.27
N ARG C 187 -32.89 26.55 14.94
CA ARG C 187 -33.48 27.54 15.84
C ARG C 187 -32.52 27.88 16.98
N ASP C 188 -31.75 26.90 17.43
CA ASP C 188 -30.79 27.08 18.51
C ASP C 188 -29.51 27.75 18.01
N ALA C 189 -29.14 27.43 16.79
CA ALA C 189 -27.97 27.98 16.16
C ALA C 189 -28.12 29.46 15.97
N LEU C 190 -29.33 29.86 15.62
CA LEU C 190 -29.69 31.25 15.38
C LEU C 190 -29.13 32.23 16.44
N PRO C 191 -29.29 31.99 17.76
CA PRO C 191 -28.76 32.83 18.81
C PRO C 191 -27.28 32.65 18.98
N LEU C 192 -26.73 31.49 18.60
CA LEU C 192 -25.28 31.36 18.68
C LEU C 192 -24.65 32.39 17.75
N MET C 193 -25.26 32.57 16.58
CA MET C 193 -24.82 33.57 15.62
C MET C 193 -24.86 34.96 16.22
N GLU C 194 -25.99 35.29 16.82
CA GLU C 194 -26.17 36.58 17.44
C GLU C 194 -25.10 36.88 18.47
N ASN C 195 -24.81 35.88 19.29
CA ASN C 195 -23.80 36.01 20.31
C ASN C 195 -22.48 36.38 19.70
N ALA C 196 -22.12 35.66 18.65
CA ALA C 196 -20.89 35.91 17.94
C ALA C 196 -20.83 37.33 17.44
N TYR C 197 -21.96 37.85 16.93
CA TYR C 197 -21.96 39.21 16.45
C TYR C 197 -21.65 40.20 17.54
N ARG C 198 -22.20 39.98 18.72
CA ARG C 198 -21.85 40.84 19.84
C ARG C 198 -20.41 40.71 20.21
N GLN C 199 -19.89 39.50 20.13
CA GLN C 199 -18.51 39.25 20.43
C GLN C 199 -17.59 39.89 19.41
N MET C 200 -18.12 40.14 18.23
CA MET C 200 -17.40 40.83 17.19
C MET C 200 -17.74 42.31 17.10
N GLN C 201 -18.46 42.85 18.11
CA GLN C 201 -18.86 44.25 18.11
C GLN C 201 -19.68 44.61 16.89
N MET C 202 -20.51 43.65 16.50
CA MET C 202 -21.41 43.73 15.37
C MET C 202 -22.81 43.74 15.89
N ASN C 203 -22.98 44.38 17.05
CA ASN C 203 -24.27 44.49 17.71
C ASN C 203 -25.45 44.75 16.80
N ALA C 204 -25.30 45.62 15.80
CA ALA C 204 -26.40 45.90 14.90
C ALA C 204 -26.80 44.64 14.16
N GLN C 205 -25.80 43.86 13.78
CA GLN C 205 -26.01 42.63 13.07
C GLN C 205 -26.63 41.63 14.04
N ALA C 206 -26.20 41.70 15.29
CA ALA C 206 -26.75 40.86 16.34
C ALA C 206 -28.23 41.15 16.52
N GLU C 207 -28.58 42.43 16.47
CA GLU C 207 -29.96 42.87 16.61
C GLU C 207 -30.80 42.33 15.49
N LYS C 208 -30.25 42.29 14.29
CA LYS C 208 -30.96 41.73 13.16
C LYS C 208 -31.35 40.29 13.46
N VAL C 209 -30.40 39.54 14.04
CA VAL C 209 -30.66 38.17 14.38
C VAL C 209 -31.70 38.06 15.48
N ALA C 210 -31.60 38.94 16.46
CA ALA C 210 -32.55 38.98 17.57
C ALA C 210 -33.95 39.14 17.05
N LYS C 211 -34.12 39.97 16.03
CA LYS C 211 -35.41 40.20 15.41
C LYS C 211 -35.91 38.92 14.79
N ILE C 212 -35.00 38.17 14.18
CA ILE C 212 -35.36 36.89 13.60
C ILE C 212 -35.81 35.94 14.69
N ILE C 213 -35.07 35.92 15.79
CA ILE C 213 -35.40 35.09 16.93
C ILE C 213 -36.76 35.43 17.46
N ALA C 214 -37.06 36.72 17.55
CA ALA C 214 -38.35 37.16 18.01
C ALA C 214 -39.45 36.59 17.13
N ALA C 215 -39.26 36.67 15.82
CA ALA C 215 -40.23 36.11 14.89
C ALA C 215 -40.38 34.61 15.10
N ASN C 216 -39.27 33.95 15.42
CA ASN C 216 -39.26 32.53 15.67
C ASN C 216 -39.28 32.15 17.14
N SER C 217 -39.69 33.08 18.01
CA SER C 217 -39.75 32.90 19.48
C SER C 217 -40.80 31.90 20.00
N SER C 218 -40.94 30.74 19.36
CA SER C 218 -41.92 29.74 19.74
C SER C 218 -41.62 28.42 19.04
N GLU D 1 -8.24 33.62 34.20
CA GLU D 1 -8.09 34.43 35.40
C GLU D 1 -6.62 34.79 35.59
N ARG D 2 -6.08 34.51 36.77
CA ARG D 2 -4.67 34.78 37.08
C ARG D 2 -3.74 33.75 36.46
N VAL D 3 -3.76 33.67 35.14
CA VAL D 3 -3.01 32.67 34.41
C VAL D 3 -2.12 33.35 33.39
N VAL D 4 -0.90 32.87 33.25
CA VAL D 4 0.04 33.43 32.29
C VAL D 4 -0.07 32.76 30.93
N TYR D 5 -0.10 31.43 30.90
CA TYR D 5 -0.21 30.72 29.63
C TYR D 5 -1.59 30.76 29.02
N ARG D 6 -1.61 31.00 27.72
CA ARG D 6 -2.81 30.99 26.93
C ARG D 6 -2.43 30.81 25.46
N PRO D 7 -2.98 29.80 24.79
CA PRO D 7 -2.82 29.54 23.38
C PRO D 7 -3.38 30.75 22.66
N ASP D 8 -2.60 31.31 21.75
CA ASP D 8 -3.11 32.46 21.04
C ASP D 8 -4.20 32.08 20.09
N ILE D 9 -5.13 32.99 19.92
CA ILE D 9 -6.24 32.79 19.03
C ILE D 9 -6.06 33.77 17.93
N ASN D 10 -6.19 33.33 16.71
CA ASN D 10 -5.94 34.20 15.59
C ASN D 10 -7.22 34.45 14.83
N GLN D 11 -7.14 34.49 13.50
CA GLN D 11 -8.25 34.71 12.59
C GLN D 11 -7.65 35.02 11.21
N GLY D 12 -8.01 36.13 10.61
CA GLY D 12 -7.57 36.46 9.27
C GLY D 12 -8.71 37.16 8.61
N ASN D 13 -8.96 36.88 7.33
CA ASN D 13 -10.05 37.53 6.65
C ASN D 13 -10.01 39.04 6.79
N TYR D 14 -8.90 39.68 6.50
CA TYR D 14 -8.89 41.12 6.70
C TYR D 14 -8.07 41.84 5.66
N LEU D 15 -8.25 43.15 5.62
CA LEU D 15 -7.53 43.98 4.67
C LEU D 15 -6.51 44.83 5.39
N THR D 16 -5.34 44.98 4.77
CA THR D 16 -4.29 45.82 5.32
C THR D 16 -4.54 47.24 4.90
N ALA D 17 -3.79 48.18 5.46
CA ALA D 17 -3.93 49.58 5.10
C ALA D 17 -3.69 49.77 3.60
N ASN D 18 -2.78 48.97 3.06
CA ASN D 18 -2.48 49.01 1.65
C ASN D 18 -3.69 48.57 0.87
N ASP D 19 -4.32 47.50 1.35
CA ASP D 19 -5.50 46.97 0.71
C ASP D 19 -6.64 47.96 0.78
N VAL D 20 -6.70 48.72 1.87
CA VAL D 20 -7.69 49.75 2.00
C VAL D 20 -7.51 50.81 0.93
N SER D 21 -6.26 51.27 0.76
CA SER D 21 -5.97 52.30 -0.22
C SER D 21 -6.24 51.85 -1.65
N LYS D 22 -6.18 50.53 -1.89
CA LYS D 22 -6.46 49.97 -3.21
C LYS D 22 -7.88 50.25 -3.70
N ILE D 23 -8.82 50.48 -2.78
CA ILE D 23 -10.20 50.68 -3.20
C ILE D 23 -10.80 51.96 -2.68
N ARG D 24 -12.07 52.19 -3.01
CA ARG D 24 -12.78 53.38 -2.60
C ARG D 24 -14.25 53.28 -2.95
N VAL D 25 -15.05 54.05 -2.23
CA VAL D 25 -16.50 54.08 -2.42
C VAL D 25 -16.83 54.46 -3.83
N GLY D 26 -17.73 53.69 -4.44
CA GLY D 26 -18.10 53.86 -5.82
C GLY D 26 -17.63 52.66 -6.63
N MET D 27 -16.61 51.97 -6.15
CA MET D 27 -16.14 50.78 -6.83
C MET D 27 -17.11 49.64 -6.62
N THR D 28 -17.22 48.75 -7.60
CA THR D 28 -18.13 47.64 -7.48
C THR D 28 -17.48 46.52 -6.73
N GLN D 29 -18.28 45.53 -6.35
CA GLN D 29 -17.76 44.35 -5.69
C GLN D 29 -16.68 43.73 -6.48
N GLN D 30 -16.86 43.68 -7.79
CA GLN D 30 -15.86 43.09 -8.64
C GLN D 30 -14.64 43.94 -8.72
N GLN D 31 -14.82 45.25 -8.78
CA GLN D 31 -13.66 46.11 -8.81
C GLN D 31 -12.81 45.93 -7.58
N VAL D 32 -13.46 45.69 -6.46
CA VAL D 32 -12.78 45.38 -5.23
C VAL D 32 -12.14 43.99 -5.32
N ALA D 33 -12.95 43.02 -5.78
CA ALA D 33 -12.56 41.63 -5.90
C ALA D 33 -11.33 41.43 -6.74
N TYR D 34 -11.13 42.28 -7.74
CA TYR D 34 -9.98 42.22 -8.62
C TYR D 34 -8.63 42.14 -7.90
N ALA D 35 -8.59 42.45 -6.61
CA ALA D 35 -7.38 42.27 -5.86
C ALA D 35 -7.67 41.92 -4.42
N LEU D 36 -8.92 42.11 -3.97
CA LEU D 36 -9.25 41.78 -2.60
C LEU D 36 -10.21 40.59 -2.53
N GLY D 37 -10.47 39.97 -3.68
CA GLY D 37 -11.32 38.80 -3.82
C GLY D 37 -12.66 38.91 -3.13
N THR D 38 -12.81 38.16 -2.06
CA THR D 38 -14.04 38.11 -1.28
C THR D 38 -13.72 37.96 0.17
N PRO D 39 -14.57 38.45 1.04
CA PRO D 39 -14.55 38.24 2.44
C PRO D 39 -15.06 36.87 2.60
N LEU D 40 -14.91 36.36 3.79
CA LEU D 40 -15.48 35.07 4.10
C LEU D 40 -16.75 35.29 4.93
N MET D 41 -17.49 36.36 4.60
CA MET D 41 -18.73 36.72 5.27
C MET D 41 -19.43 37.89 4.58
N SER D 42 -20.76 37.79 4.47
CA SER D 42 -21.58 38.87 3.92
C SER D 42 -22.82 39.07 4.78
N ASP D 43 -23.79 39.84 4.29
CA ASP D 43 -25.01 40.10 5.06
C ASP D 43 -26.14 39.19 4.66
N PRO D 44 -26.31 38.06 5.37
CA PRO D 44 -27.33 37.01 5.14
C PRO D 44 -28.65 37.43 4.47
N PHE D 45 -29.10 38.66 4.66
CA PHE D 45 -30.35 39.03 4.03
C PHE D 45 -30.51 40.51 3.80
N GLY D 46 -29.42 41.25 3.84
CA GLY D 46 -29.54 42.69 3.73
C GLY D 46 -29.14 43.17 2.37
N THR D 47 -27.85 43.33 2.19
CA THR D 47 -27.31 43.80 0.94
C THR D 47 -26.01 43.10 0.61
N ASN D 48 -25.23 43.73 -0.23
CA ASN D 48 -23.98 43.20 -0.72
C ASN D 48 -22.74 43.51 0.14
N THR D 49 -22.96 43.82 1.44
CA THR D 49 -21.86 44.16 2.34
C THR D 49 -20.86 43.05 2.52
N TRP D 50 -19.59 43.41 2.44
CA TRP D 50 -18.50 42.49 2.66
C TRP D 50 -17.87 42.65 4.02
N PHE D 51 -17.61 41.54 4.69
CA PHE D 51 -17.06 41.59 6.03
C PHE D 51 -15.66 41.03 6.12
N TYR D 52 -14.70 41.93 6.30
CA TYR D 52 -13.28 41.64 6.43
C TYR D 52 -12.74 42.02 7.81
N VAL D 53 -13.00 41.18 8.80
CA VAL D 53 -12.53 41.48 10.15
C VAL D 53 -11.40 40.63 10.66
N PHE D 54 -10.42 41.33 11.22
CA PHE D 54 -9.25 40.76 11.87
C PHE D 54 -9.41 40.66 13.36
N ARG D 55 -9.10 39.49 13.90
CA ARG D 55 -9.09 39.29 15.34
C ARG D 55 -7.89 38.44 15.73
N GLN D 56 -7.39 38.63 16.95
CA GLN D 56 -6.29 37.80 17.43
C GLN D 56 -5.93 38.04 18.89
N GLN D 57 -6.11 37.01 19.74
CA GLN D 57 -5.78 37.08 21.16
C GLN D 57 -4.32 36.82 21.45
N PRO D 58 -3.68 37.70 22.23
CA PRO D 58 -2.28 37.57 22.65
C PRO D 58 -2.21 37.16 24.11
N GLY D 59 -2.07 35.87 24.35
CA GLY D 59 -1.94 35.26 25.68
C GLY D 59 -2.45 36.06 26.90
N HIS D 60 -3.78 36.20 27.03
CA HIS D 60 -4.44 36.92 28.14
C HIS D 60 -4.24 38.43 28.17
N GLU D 61 -3.69 39.01 27.11
CA GLU D 61 -3.44 40.44 27.09
C GLU D 61 -4.45 41.14 26.21
N GLY D 62 -5.72 40.87 26.46
CA GLY D 62 -6.80 41.44 25.67
C GLY D 62 -6.88 40.70 24.36
N VAL D 63 -7.31 41.41 23.31
CA VAL D 63 -7.44 40.83 21.99
C VAL D 63 -7.24 41.92 20.95
N THR D 64 -6.54 41.60 19.88
CA THR D 64 -6.33 42.58 18.84
C THR D 64 -7.49 42.52 17.86
N GLN D 65 -7.68 43.62 17.13
CA GLN D 65 -8.83 43.71 16.26
C GLN D 65 -8.86 44.84 15.24
N GLN D 66 -9.28 44.49 14.04
CA GLN D 66 -9.52 45.43 12.98
C GLN D 66 -10.73 44.99 12.20
N THR D 67 -11.88 45.53 12.54
CA THR D 67 -13.09 45.12 11.84
C THR D 67 -13.40 45.99 10.64
N LEU D 68 -13.26 45.45 9.45
CA LEU D 68 -13.57 46.26 8.30
C LEU D 68 -14.68 45.70 7.46
N THR D 69 -15.73 46.48 7.26
CA THR D 69 -16.78 45.99 6.39
C THR D 69 -17.01 46.97 5.28
N LEU D 70 -17.47 46.47 4.16
CA LEU D 70 -17.70 47.24 2.97
C LEU D 70 -19.12 47.16 2.54
N THR D 71 -19.92 48.16 2.80
CA THR D 71 -21.30 48.05 2.37
C THR D 71 -21.48 48.46 0.95
N PHE D 72 -21.97 47.52 0.18
CA PHE D 72 -22.27 47.73 -1.22
C PHE D 72 -23.78 47.75 -1.36
N ASN D 73 -24.26 48.48 -2.34
CA ASN D 73 -25.69 48.54 -2.58
C ASN D 73 -26.13 47.36 -3.43
N SER D 74 -27.39 47.36 -3.81
CA SER D 74 -27.99 46.28 -4.60
C SER D 74 -27.34 46.05 -5.96
N SER D 75 -26.67 47.06 -6.50
CA SER D 75 -26.01 46.92 -7.79
C SER D 75 -24.57 46.47 -7.61
N GLY D 76 -24.17 46.21 -6.36
CA GLY D 76 -22.83 45.78 -6.09
C GLY D 76 -21.88 46.96 -5.98
N VAL D 77 -22.41 48.18 -5.87
CA VAL D 77 -21.55 49.35 -5.79
C VAL D 77 -21.30 49.75 -4.36
N LEU D 78 -20.03 49.91 -4.05
CA LEU D 78 -19.60 50.26 -2.71
C LEU D 78 -20.11 51.60 -2.29
N THR D 79 -20.78 51.62 -1.15
CA THR D 79 -21.31 52.83 -0.58
C THR D 79 -20.62 53.21 0.72
N ASN D 80 -20.07 52.24 1.45
CA ASN D 80 -19.44 52.59 2.72
C ASN D 80 -18.31 51.70 3.18
N ILE D 81 -17.13 52.29 3.37
CA ILE D 81 -15.99 51.55 3.91
C ILE D 81 -15.89 51.72 5.41
N ASP D 82 -16.44 50.77 6.13
CA ASP D 82 -16.41 50.83 7.57
C ASP D 82 -15.19 50.18 8.15
N ASN D 83 -14.07 50.90 8.11
CA ASN D 83 -12.80 50.37 8.62
C ASN D 83 -12.64 50.49 10.13
N LYS D 84 -13.51 49.82 10.87
CA LYS D 84 -13.48 49.84 12.33
C LYS D 84 -12.21 49.19 12.85
N PRO D 85 -11.61 49.73 13.89
CA PRO D 85 -10.40 49.22 14.53
C PRO D 85 -10.80 48.25 15.64
N ALA D 86 -10.03 48.22 16.72
CA ALA D 86 -10.35 47.38 17.86
C ALA D 86 -11.45 47.99 18.69
N LEU D 87 -12.28 47.13 19.27
CA LEU D 87 -13.36 47.59 20.13
C LEU D 87 -14.20 48.64 19.43
N PHE E 1 -33.35 -16.80 -51.00
CA PHE E 1 -34.49 -17.25 -50.22
C PHE E 1 -34.87 -16.15 -49.26
N VAL E 2 -35.84 -16.43 -48.41
CA VAL E 2 -36.21 -15.56 -47.31
C VAL E 2 -36.38 -16.46 -46.12
N VAL E 3 -35.69 -16.17 -45.02
CA VAL E 3 -35.83 -17.10 -43.90
C VAL E 3 -37.24 -17.22 -43.39
N LYS E 4 -37.72 -18.45 -43.33
CA LYS E 4 -39.04 -18.77 -42.82
C LYS E 4 -39.05 -18.60 -41.32
N ASP E 5 -38.14 -19.31 -40.67
CA ASP E 5 -37.94 -19.16 -39.24
C ASP E 5 -36.53 -19.65 -38.95
N ILE E 6 -36.09 -19.49 -37.72
CA ILE E 6 -34.73 -19.88 -37.36
C ILE E 6 -34.64 -20.88 -36.22
N HIS E 7 -34.06 -22.05 -36.49
CA HIS E 7 -33.87 -23.03 -35.45
C HIS E 7 -32.65 -22.66 -34.59
N PHE E 8 -32.92 -21.83 -33.59
CA PHE E 8 -31.89 -21.30 -32.67
C PHE E 8 -31.23 -22.36 -31.80
N GLU E 9 -30.26 -23.05 -32.36
CA GLU E 9 -29.47 -24.02 -31.63
C GLU E 9 -28.17 -23.34 -31.21
N GLY E 10 -27.48 -23.89 -30.21
CA GLY E 10 -26.21 -23.30 -29.74
C GLY E 10 -26.37 -21.90 -29.16
N LEU E 11 -26.89 -21.85 -27.95
CA LEU E 11 -27.20 -20.60 -27.29
C LEU E 11 -26.49 -20.42 -25.94
N GLN E 12 -27.06 -21.06 -24.91
CA GLN E 12 -26.63 -21.06 -23.49
C GLN E 12 -26.24 -19.70 -22.89
N ARG E 13 -25.14 -19.11 -23.34
CA ARG E 13 -24.67 -17.83 -22.84
C ARG E 13 -25.41 -16.71 -23.57
N VAL E 14 -25.79 -17.00 -24.82
CA VAL E 14 -26.50 -16.08 -25.69
C VAL E 14 -27.98 -16.43 -25.77
N ALA E 15 -28.82 -15.43 -25.56
CA ALA E 15 -30.27 -15.61 -25.63
C ALA E 15 -30.74 -15.82 -27.05
N VAL E 16 -31.93 -16.41 -27.20
CA VAL E 16 -32.55 -16.65 -28.50
C VAL E 16 -32.63 -15.37 -29.32
N GLY E 17 -33.20 -14.33 -28.70
CA GLY E 17 -33.38 -13.04 -29.33
C GLY E 17 -32.04 -12.36 -29.60
N ALA E 18 -31.08 -12.56 -28.70
CA ALA E 18 -29.76 -11.99 -28.88
C ALA E 18 -29.12 -12.56 -30.14
N ALA E 19 -29.29 -13.87 -30.34
CA ALA E 19 -28.78 -14.54 -31.52
C ALA E 19 -29.49 -14.01 -32.75
N LEU E 20 -30.82 -13.85 -32.67
CA LEU E 20 -31.61 -13.31 -33.75
C LEU E 20 -31.08 -11.96 -34.22
N LEU E 21 -30.81 -11.09 -33.25
CA LEU E 21 -30.29 -9.76 -33.54
C LEU E 21 -28.88 -9.83 -34.10
N SER E 22 -28.08 -10.77 -33.61
CA SER E 22 -26.72 -10.96 -34.09
C SER E 22 -26.71 -11.37 -35.56
N MET E 23 -27.67 -12.21 -35.93
CA MET E 23 -27.79 -12.70 -37.30
C MET E 23 -28.21 -11.61 -38.28
N PRO E 24 -27.63 -11.62 -39.48
CA PRO E 24 -27.97 -10.80 -40.64
C PRO E 24 -29.29 -11.28 -41.24
N VAL E 25 -29.62 -12.54 -40.94
CA VAL E 25 -30.76 -13.24 -41.48
C VAL E 25 -31.83 -13.53 -40.45
N ARG E 26 -32.29 -12.51 -39.73
CA ARG E 26 -33.34 -12.69 -38.73
C ARG E 26 -34.63 -13.15 -39.40
N THR E 27 -35.52 -13.80 -38.66
CA THR E 27 -36.78 -14.30 -39.21
C THR E 27 -37.55 -13.19 -39.97
N GLY E 28 -37.89 -13.48 -41.24
CA GLY E 28 -38.58 -12.55 -42.12
C GLY E 28 -37.62 -11.77 -43.04
N ASP E 29 -36.32 -11.84 -42.76
CA ASP E 29 -35.31 -11.12 -43.53
C ASP E 29 -34.72 -11.99 -44.65
N THR E 30 -34.80 -11.50 -45.89
CA THR E 30 -34.25 -12.15 -47.08
C THR E 30 -32.87 -12.82 -46.82
N VAL E 31 -32.70 -14.02 -47.35
CA VAL E 31 -31.45 -14.78 -47.18
C VAL E 31 -30.75 -15.18 -48.47
N ASN E 32 -29.63 -14.54 -48.73
CA ASN E 32 -28.79 -14.93 -49.85
C ASN E 32 -27.79 -15.96 -49.37
N ASP E 33 -27.21 -16.71 -50.29
CA ASP E 33 -26.19 -17.69 -49.90
C ASP E 33 -24.99 -16.99 -49.26
N GLU E 34 -24.74 -15.77 -49.71
CA GLU E 34 -23.69 -14.94 -49.15
C GLU E 34 -24.06 -14.50 -47.74
N ASP E 35 -25.36 -14.31 -47.51
CA ASP E 35 -25.85 -13.92 -46.20
C ASP E 35 -25.74 -15.07 -45.23
N ILE E 36 -25.84 -16.30 -45.75
CA ILE E 36 -25.60 -17.47 -44.92
C ILE E 36 -24.17 -17.42 -44.41
N SER E 37 -23.23 -17.15 -45.32
CA SER E 37 -21.83 -17.00 -44.94
C SER E 37 -21.64 -15.83 -43.97
N ASN E 38 -22.32 -14.72 -44.25
CA ASN E 38 -22.27 -13.54 -43.40
C ASN E 38 -22.78 -13.85 -42.01
N THR E 39 -23.82 -14.66 -41.95
CA THR E 39 -24.40 -15.06 -40.70
C THR E 39 -23.47 -15.95 -39.93
N ILE E 40 -22.82 -16.86 -40.63
CA ILE E 40 -21.87 -17.73 -39.98
C ILE E 40 -20.79 -16.93 -39.28
N ARG E 41 -20.20 -15.98 -40.00
CA ARG E 41 -19.16 -15.16 -39.41
C ARG E 41 -19.71 -14.11 -38.43
N ALA E 42 -20.97 -13.71 -38.59
CA ALA E 42 -21.59 -12.77 -37.66
C ALA E 42 -21.79 -13.43 -36.32
N LEU E 43 -22.19 -14.70 -36.36
CA LEU E 43 -22.36 -15.46 -35.15
C LEU E 43 -21.00 -15.74 -34.52
N PHE E 44 -19.99 -15.99 -35.35
CA PHE E 44 -18.65 -16.12 -34.81
C PHE E 44 -18.19 -14.83 -34.16
N ALA E 45 -18.59 -13.70 -34.75
CA ALA E 45 -18.26 -12.36 -34.26
C ALA E 45 -18.89 -12.04 -32.89
N THR E 46 -19.81 -12.88 -32.40
CA THR E 46 -20.37 -12.65 -31.08
C THR E 46 -19.34 -12.98 -30.03
N GLY E 47 -18.41 -13.85 -30.40
CA GLY E 47 -17.36 -14.29 -29.49
C GLY E 47 -17.87 -15.39 -28.56
N ASN E 48 -19.10 -15.86 -28.75
CA ASN E 48 -19.64 -16.88 -27.87
C ASN E 48 -19.95 -18.18 -28.57
N PHE E 49 -19.62 -18.27 -29.85
CA PHE E 49 -19.96 -19.45 -30.62
C PHE E 49 -18.76 -20.15 -31.21
N GLU E 50 -18.37 -21.25 -30.56
CA GLU E 50 -17.23 -22.06 -30.97
C GLU E 50 -17.35 -22.52 -32.40
N ASP E 51 -18.55 -22.91 -32.79
CA ASP E 51 -18.80 -23.29 -34.16
C ASP E 51 -20.13 -22.74 -34.59
N VAL E 52 -20.24 -22.46 -35.87
CA VAL E 52 -21.48 -21.95 -36.43
C VAL E 52 -21.72 -22.63 -37.77
N ARG E 53 -22.86 -23.30 -37.87
CA ARG E 53 -23.17 -23.98 -39.12
C ARG E 53 -24.55 -23.60 -39.61
N VAL E 54 -24.62 -22.49 -40.36
CA VAL E 54 -25.90 -21.99 -40.84
C VAL E 54 -26.35 -22.78 -42.05
N LEU E 55 -27.50 -23.41 -41.93
CA LEU E 55 -28.08 -24.23 -42.97
C LEU E 55 -29.55 -23.87 -43.14
N ARG E 56 -30.28 -24.61 -43.97
CA ARG E 56 -31.70 -24.34 -44.08
C ARG E 56 -32.47 -25.49 -44.73
N ASP E 57 -33.72 -25.62 -44.32
CA ASP E 57 -34.63 -26.60 -44.89
C ASP E 57 -35.40 -25.91 -45.99
N GLY E 58 -34.83 -25.86 -47.19
CA GLY E 58 -35.44 -25.16 -48.32
C GLY E 58 -35.21 -23.65 -48.20
N ASP E 59 -35.82 -23.07 -47.18
CA ASP E 59 -35.71 -21.67 -46.86
C ASP E 59 -35.88 -21.42 -45.34
N THR E 60 -36.10 -22.48 -44.57
CA THR E 60 -36.22 -22.32 -43.13
C THR E 60 -34.85 -22.50 -42.52
N LEU E 61 -34.28 -21.43 -42.00
CA LEU E 61 -32.93 -21.53 -41.47
C LEU E 61 -32.83 -22.33 -40.19
N LEU E 62 -31.70 -22.99 -40.05
CA LEU E 62 -31.39 -23.71 -38.84
C LEU E 62 -29.92 -23.53 -38.66
N VAL E 63 -29.45 -23.37 -37.43
CA VAL E 63 -28.02 -23.14 -37.34
C VAL E 63 -27.41 -24.00 -36.27
N GLN E 64 -26.58 -24.95 -36.66
CA GLN E 64 -25.98 -25.88 -35.72
C GLN E 64 -24.77 -25.28 -34.98
N VAL E 65 -25.04 -24.30 -34.13
CA VAL E 65 -24.02 -23.62 -33.34
C VAL E 65 -23.49 -24.40 -32.15
N LYS E 66 -22.18 -24.31 -31.93
CA LYS E 66 -21.55 -24.86 -30.75
C LYS E 66 -21.05 -23.68 -29.91
N GLU E 67 -21.51 -23.57 -28.68
CA GLU E 67 -21.08 -22.47 -27.83
C GLU E 67 -19.62 -22.61 -27.38
N ARG E 68 -18.91 -21.48 -27.26
CA ARG E 68 -17.53 -21.52 -26.72
C ARG E 68 -17.39 -20.96 -25.29
N PRO E 69 -18.48 -20.58 -24.59
CA PRO E 69 -18.44 -20.16 -23.17
C PRO E 69 -18.45 -21.40 -22.27
N THR E 70 -18.95 -21.21 -21.05
CA THR E 70 -18.75 -20.00 -20.26
C THR E 70 -17.69 -20.28 -19.23
N ILE E 71 -16.75 -19.39 -19.10
CA ILE E 71 -15.71 -19.60 -18.13
C ILE E 71 -16.34 -19.72 -16.77
N ALA E 72 -16.34 -20.94 -16.25
CA ALA E 72 -16.91 -21.21 -14.94
C ALA E 72 -15.88 -20.92 -13.89
N SER E 73 -14.63 -21.26 -14.18
CA SER E 73 -13.58 -20.95 -13.25
C SER E 73 -12.25 -20.81 -13.93
N ILE E 74 -11.27 -20.43 -13.13
CA ILE E 74 -9.91 -20.23 -13.55
C ILE E 74 -9.02 -20.74 -12.43
N THR E 75 -8.03 -21.56 -12.76
CA THR E 75 -7.17 -22.12 -11.72
C THR E 75 -5.74 -21.65 -11.89
N PHE E 76 -5.10 -21.27 -10.81
CA PHE E 76 -3.72 -20.81 -10.88
C PHE E 76 -2.81 -21.76 -10.12
N SER E 77 -1.86 -22.37 -10.83
CA SER E 77 -0.96 -23.32 -10.18
C SER E 77 0.48 -23.18 -10.62
N GLY E 78 1.36 -23.04 -9.62
CA GLY E 78 2.79 -22.89 -9.87
C GLY E 78 3.22 -21.43 -9.82
N ASN E 79 2.27 -20.52 -9.60
CA ASN E 79 2.55 -19.09 -9.58
C ASN E 79 3.41 -18.57 -8.41
N LYS E 80 3.75 -19.45 -7.47
CA LYS E 80 4.64 -19.11 -6.36
C LYS E 80 4.20 -17.85 -5.62
N SER E 81 5.12 -16.89 -5.47
CA SER E 81 4.86 -15.65 -4.77
C SER E 81 4.02 -14.67 -5.57
N VAL E 82 3.78 -14.96 -6.85
CA VAL E 82 2.97 -14.07 -7.66
C VAL E 82 1.51 -14.25 -7.36
N LYS E 83 0.87 -13.15 -7.03
CA LYS E 83 -0.54 -13.18 -6.75
C LYS E 83 -1.34 -13.57 -7.97
N ASP E 84 -2.09 -14.66 -7.84
CA ASP E 84 -2.96 -15.16 -8.89
C ASP E 84 -3.79 -14.07 -9.55
N ASP E 85 -4.28 -13.15 -8.74
CA ASP E 85 -5.06 -12.03 -9.21
C ASP E 85 -4.30 -11.17 -10.20
N MET E 86 -3.00 -10.95 -9.97
CA MET E 86 -2.19 -10.14 -10.86
C MET E 86 -2.16 -10.77 -12.22
N LEU E 87 -1.97 -12.07 -12.19
CA LEU E 87 -1.95 -12.88 -13.38
C LEU E 87 -3.32 -12.80 -14.06
N LYS E 88 -4.35 -12.86 -13.23
CA LYS E 88 -5.72 -12.75 -13.66
C LYS E 88 -6.01 -11.39 -14.26
N GLN E 89 -5.40 -10.34 -13.73
CA GLN E 89 -5.62 -9.00 -14.27
C GLN E 89 -5.21 -8.93 -15.71
N ASN E 90 -4.10 -9.57 -16.07
CA ASN E 90 -3.70 -9.59 -17.47
C ASN E 90 -4.66 -10.43 -18.28
N LEU E 91 -5.09 -11.54 -17.70
CA LEU E 91 -6.06 -12.41 -18.34
C LEU E 91 -7.34 -11.62 -18.64
N GLU E 92 -7.78 -10.85 -17.65
CA GLU E 92 -8.92 -9.97 -17.72
C GLU E 92 -8.69 -8.87 -18.74
N ALA E 93 -7.46 -8.36 -18.83
CA ALA E 93 -7.12 -7.33 -19.80
C ALA E 93 -7.37 -7.84 -21.21
N SER E 94 -7.17 -9.14 -21.44
CA SER E 94 -7.45 -9.75 -22.74
C SER E 94 -8.94 -10.11 -22.91
N GLY E 95 -9.79 -9.69 -21.97
CA GLY E 95 -11.22 -9.95 -22.03
C GLY E 95 -11.59 -11.30 -21.47
N VAL E 96 -10.68 -11.92 -20.72
CA VAL E 96 -10.95 -13.26 -20.22
C VAL E 96 -11.12 -13.32 -18.71
N ARG E 97 -12.28 -13.82 -18.30
CA ARG E 97 -12.59 -13.96 -16.89
C ARG E 97 -13.82 -14.82 -16.73
N VAL E 98 -14.15 -15.15 -15.50
CA VAL E 98 -15.33 -15.95 -15.24
C VAL E 98 -16.56 -15.24 -15.74
N GLY E 99 -17.36 -15.96 -16.51
CA GLY E 99 -18.56 -15.43 -17.13
C GLY E 99 -18.34 -15.07 -18.60
N GLU E 100 -17.08 -15.04 -19.03
CA GLU E 100 -16.80 -14.73 -20.41
C GLU E 100 -16.76 -15.97 -21.26
N SER E 101 -16.70 -15.76 -22.56
CA SER E 101 -16.57 -16.87 -23.47
C SER E 101 -15.14 -17.36 -23.49
N LEU E 102 -14.92 -18.59 -23.90
CA LEU E 102 -13.55 -19.07 -24.03
C LEU E 102 -13.09 -19.19 -25.47
N ASP E 103 -12.44 -18.16 -25.96
CA ASP E 103 -11.91 -18.27 -27.30
C ASP E 103 -10.54 -18.90 -27.24
N ARG E 104 -10.53 -20.22 -27.31
CA ARG E 104 -9.30 -21.01 -27.22
C ARG E 104 -8.18 -20.60 -28.16
N THR E 105 -8.51 -19.97 -29.29
CA THR E 105 -7.47 -19.62 -30.24
C THR E 105 -6.61 -18.46 -29.73
N THR E 106 -7.07 -17.78 -28.68
CA THR E 106 -6.32 -16.68 -28.09
C THR E 106 -5.48 -17.15 -26.92
N ILE E 107 -5.52 -18.44 -26.61
CA ILE E 107 -4.74 -18.97 -25.51
C ILE E 107 -3.27 -18.70 -25.64
N ALA E 108 -2.73 -18.87 -26.84
CA ALA E 108 -1.31 -18.62 -27.05
C ALA E 108 -0.97 -17.18 -26.69
N ASP E 109 -1.87 -16.25 -27.04
CA ASP E 109 -1.68 -14.84 -26.75
C ASP E 109 -1.74 -14.58 -25.27
N ILE E 110 -2.65 -15.28 -24.59
CA ILE E 110 -2.78 -15.19 -23.16
C ILE E 110 -1.52 -15.65 -22.50
N GLU E 111 -1.03 -16.81 -22.95
CA GLU E 111 0.16 -17.40 -22.43
C GLU E 111 1.34 -16.47 -22.64
N LYS E 112 1.40 -15.86 -23.83
CA LYS E 112 2.42 -14.87 -24.11
C LYS E 112 2.36 -13.76 -23.09
N GLY E 113 1.17 -13.21 -22.86
CA GLY E 113 0.96 -12.14 -21.91
C GLY E 113 1.44 -12.51 -20.52
N LEU E 114 1.20 -13.76 -20.12
CA LEU E 114 1.64 -14.25 -18.84
C LEU E 114 3.16 -14.38 -18.77
N GLU E 115 3.78 -14.73 -19.88
CA GLU E 115 5.22 -14.84 -19.92
C GLU E 115 5.83 -13.43 -20.02
N ASP E 116 5.09 -12.51 -20.63
CA ASP E 116 5.46 -11.11 -20.72
C ASP E 116 5.34 -10.49 -19.36
N PHE E 117 4.36 -10.96 -18.60
CA PHE E 117 4.21 -10.56 -17.24
C PHE E 117 5.48 -10.88 -16.50
N TYR E 118 5.92 -12.13 -16.59
CA TYR E 118 7.14 -12.52 -15.91
C TYR E 118 8.31 -11.73 -16.37
N TYR E 119 8.36 -11.44 -17.66
CA TYR E 119 9.40 -10.61 -18.22
C TYR E 119 9.47 -9.30 -17.44
N SER E 120 8.33 -8.62 -17.32
CA SER E 120 8.29 -7.34 -16.61
C SER E 120 8.59 -7.48 -15.11
N VAL E 121 8.26 -8.64 -14.54
CA VAL E 121 8.54 -8.94 -13.14
C VAL E 121 10.00 -8.90 -12.78
N GLY E 122 10.89 -9.11 -13.74
CA GLY E 122 12.28 -9.22 -13.42
C GLY E 122 12.66 -10.68 -13.52
N LYS E 123 11.70 -11.47 -14.00
CA LYS E 123 11.87 -12.87 -14.25
C LYS E 123 11.76 -12.99 -15.73
N TYR E 124 11.87 -14.19 -16.24
CA TYR E 124 11.54 -14.41 -17.63
C TYR E 124 11.64 -15.87 -17.91
N SER E 125 12.52 -16.55 -17.18
CA SER E 125 12.60 -17.97 -17.35
C SER E 125 11.39 -18.57 -16.69
N ALA E 126 10.33 -18.60 -17.46
CA ALA E 126 9.08 -19.11 -17.02
C ALA E 126 8.22 -19.39 -18.20
N SER E 127 7.38 -20.38 -18.09
CA SER E 127 6.49 -20.66 -19.18
C SER E 127 5.18 -21.11 -18.66
N VAL E 128 4.14 -20.78 -19.39
CA VAL E 128 2.84 -21.11 -18.88
C VAL E 128 2.04 -21.97 -19.81
N LYS E 129 1.01 -22.60 -19.27
CA LYS E 129 0.16 -23.46 -20.05
C LYS E 129 -1.29 -23.46 -19.61
N ALA E 130 -2.17 -23.08 -20.53
CA ALA E 130 -3.59 -23.12 -20.22
C ALA E 130 -4.13 -24.52 -20.44
N VAL E 131 -4.96 -24.95 -19.51
CA VAL E 131 -5.59 -26.25 -19.52
C VAL E 131 -7.09 -26.06 -19.38
N VAL E 132 -7.85 -26.59 -20.31
CA VAL E 132 -9.28 -26.37 -20.28
C VAL E 132 -10.10 -27.58 -19.89
N THR E 133 -10.77 -27.49 -18.74
CA THR E 133 -11.67 -28.56 -18.32
C THR E 133 -13.12 -28.16 -18.58
N PRO E 134 -13.90 -28.98 -19.29
CA PRO E 134 -15.29 -28.77 -19.62
C PRO E 134 -16.23 -29.01 -18.45
N LEU E 135 -17.28 -28.21 -18.41
CA LEU E 135 -18.34 -28.25 -17.42
C LEU E 135 -19.70 -28.24 -18.12
N PRO E 136 -20.74 -28.81 -17.49
CA PRO E 136 -22.12 -28.92 -17.95
C PRO E 136 -22.57 -27.67 -18.67
N ARG E 137 -23.08 -27.91 -19.90
CA ARG E 137 -23.63 -26.95 -20.86
C ARG E 137 -22.61 -26.52 -21.92
N ASN E 138 -21.49 -25.99 -21.46
CA ASN E 138 -20.41 -25.54 -22.34
C ASN E 138 -19.18 -25.06 -21.56
N ARG E 139 -19.41 -24.72 -20.30
CA ARG E 139 -18.51 -24.12 -19.37
C ARG E 139 -17.13 -24.68 -19.21
N VAL E 140 -16.19 -23.79 -18.86
CA VAL E 140 -14.82 -24.23 -18.71
C VAL E 140 -14.10 -23.76 -17.44
N ASP E 141 -13.13 -24.56 -17.02
CA ASP E 141 -12.23 -24.25 -15.91
C ASP E 141 -10.85 -24.03 -16.47
N LEU E 142 -10.44 -22.79 -16.50
CA LEU E 142 -9.19 -22.43 -17.13
C LEU E 142 -8.00 -22.59 -16.22
N LYS E 143 -7.50 -23.80 -16.14
CA LYS E 143 -6.33 -24.02 -15.32
C LYS E 143 -5.08 -23.51 -15.97
N LEU E 144 -4.33 -22.76 -15.21
CA LEU E 144 -3.13 -22.14 -15.70
C LEU E 144 -1.90 -22.65 -14.97
N VAL E 145 -0.98 -23.21 -15.74
CA VAL E 145 0.28 -23.70 -15.21
C VAL E 145 1.32 -22.60 -15.30
N PHE E 146 2.02 -22.36 -14.21
CA PHE E 146 3.04 -21.31 -14.19
C PHE E 146 4.42 -21.86 -13.90
N GLN E 147 5.08 -22.41 -14.92
CA GLN E 147 6.40 -22.99 -14.74
C GLN E 147 7.45 -21.93 -14.47
N GLU E 148 7.53 -21.44 -13.24
CA GLU E 148 8.50 -20.39 -12.95
C GLU E 148 9.89 -20.97 -12.81
N GLY E 149 10.64 -20.90 -13.91
CA GLY E 149 11.98 -21.44 -14.01
C GLY E 149 13.01 -20.78 -13.12
N VAL E 150 13.07 -19.44 -13.14
CA VAL E 150 14.05 -18.66 -12.37
C VAL E 150 14.14 -17.19 -12.79
N SER E 151 14.16 -16.32 -11.78
CA SER E 151 14.28 -14.88 -11.94
C SER E 151 15.64 -14.41 -12.43
N ALA E 152 15.67 -13.19 -12.96
CA ALA E 152 16.91 -12.59 -13.41
C ALA E 152 17.72 -12.09 -12.24
N GLU E 153 18.98 -11.81 -12.46
CA GLU E 153 19.82 -11.35 -11.38
C GLU E 153 20.76 -10.26 -11.82
N ILE E 154 20.89 -9.25 -10.98
CA ILE E 154 21.72 -8.13 -11.31
C ILE E 154 23.17 -8.54 -11.18
N GLN E 155 23.89 -8.41 -12.28
CA GLN E 155 25.27 -8.83 -12.36
C GLN E 155 26.30 -7.72 -12.31
N GLN E 156 26.11 -6.65 -13.10
CA GLN E 156 27.11 -5.57 -13.06
C GLN E 156 26.76 -4.32 -13.86
N ILE E 157 26.64 -3.21 -13.14
CA ILE E 157 26.35 -1.92 -13.75
C ILE E 157 27.62 -1.26 -14.28
N ASN E 158 27.67 -1.02 -15.58
CA ASN E 158 28.81 -0.40 -16.23
C ASN E 158 28.56 1.05 -16.65
N ILE E 159 29.11 1.99 -15.91
CA ILE E 159 28.92 3.39 -16.22
C ILE E 159 30.06 3.98 -17.02
N VAL E 160 29.73 4.53 -18.17
CA VAL E 160 30.71 5.19 -19.02
C VAL E 160 30.27 6.62 -19.27
N GLY E 161 31.24 7.47 -19.59
CA GLY E 161 30.97 8.90 -19.77
C GLY E 161 31.27 9.66 -18.47
N ASN E 162 31.60 8.91 -17.42
CA ASN E 162 31.98 9.43 -16.14
C ASN E 162 33.43 9.84 -16.18
N HIS E 163 33.82 10.74 -15.30
CA HIS E 163 35.21 11.19 -15.27
C HIS E 163 35.75 11.35 -13.87
N ALA E 164 34.90 11.76 -12.93
CA ALA E 164 35.38 11.98 -11.58
C ALA E 164 34.96 10.96 -10.54
N PHE E 165 33.95 10.14 -10.79
CA PHE E 165 33.54 9.25 -9.71
C PHE E 165 33.65 7.79 -9.98
N THR E 166 33.83 7.03 -8.91
CA THR E 166 33.97 5.59 -9.00
C THR E 166 32.65 4.98 -9.39
N THR E 167 32.67 4.13 -10.41
CA THR E 167 31.44 3.47 -10.84
C THR E 167 30.74 2.84 -9.63
N ASP E 168 31.53 2.14 -8.84
CA ASP E 168 31.07 1.45 -7.66
C ASP E 168 30.55 2.36 -6.56
N GLU E 169 31.12 3.56 -6.39
CA GLU E 169 30.60 4.39 -5.31
C GLU E 169 29.24 4.87 -5.71
N LEU E 170 29.03 5.05 -7.00
CA LEU E 170 27.73 5.47 -7.48
C LEU E 170 26.76 4.34 -7.25
N ILE E 171 27.21 3.12 -7.53
CA ILE E 171 26.42 1.92 -7.30
C ILE E 171 26.02 1.76 -5.86
N SER E 172 26.89 2.13 -4.92
CA SER E 172 26.56 2.01 -3.51
C SER E 172 25.39 2.90 -3.10
N HIS E 173 25.02 3.89 -3.93
CA HIS E 173 23.91 4.75 -3.62
C HIS E 173 22.67 4.35 -4.40
N PHE E 174 22.78 3.27 -5.16
CA PHE E 174 21.70 2.82 -6.02
C PHE E 174 20.85 1.75 -5.40
N GLN E 175 19.59 1.72 -5.82
CA GLN E 175 18.62 0.74 -5.41
C GLN E 175 18.96 -0.63 -5.97
N LEU E 176 19.48 -0.64 -7.20
CA LEU E 176 19.91 -1.88 -7.81
C LEU E 176 21.06 -2.49 -7.01
N ARG E 177 21.13 -3.81 -7.07
CA ARG E 177 22.09 -4.59 -6.32
C ARG E 177 22.88 -5.52 -7.19
N ASP E 178 24.03 -5.08 -7.69
CA ASP E 178 24.86 -5.97 -8.50
C ASP E 178 25.85 -6.79 -7.68
N GLU E 179 25.63 -6.86 -6.36
CA GLU E 179 26.44 -7.64 -5.43
C GLU E 179 25.99 -7.43 -3.99
N VAL E 180 25.64 -8.52 -3.33
CA VAL E 180 25.18 -8.50 -1.95
C VAL E 180 25.92 -9.52 -1.09
N PRO E 181 26.89 -9.08 -0.29
CA PRO E 181 27.69 -9.85 0.66
C PRO E 181 26.82 -10.44 1.73
N TRP E 182 27.18 -11.62 2.23
CA TRP E 182 26.40 -12.20 3.32
C TRP E 182 26.58 -11.41 4.60
N TRP E 183 27.73 -10.79 4.74
CA TRP E 183 28.02 -9.92 5.86
C TRP E 183 27.46 -8.50 5.65
N ASN E 184 26.76 -8.27 4.54
CA ASN E 184 26.19 -6.98 4.24
C ASN E 184 24.94 -7.14 3.41
N VAL E 185 24.01 -7.97 3.88
CA VAL E 185 22.79 -8.20 3.11
C VAL E 185 21.83 -7.04 3.19
N VAL E 186 22.04 -6.08 2.31
CA VAL E 186 21.21 -4.89 2.21
C VAL E 186 20.23 -4.95 1.04
N GLY E 187 19.75 -6.14 0.71
CA GLY E 187 18.79 -6.31 -0.37
C GLY E 187 19.07 -7.56 -1.20
N ASP E 188 18.26 -7.75 -2.24
CA ASP E 188 18.42 -8.88 -3.16
C ASP E 188 18.81 -8.40 -4.55
N ARG E 189 19.63 -9.19 -5.24
CA ARG E 189 20.14 -8.83 -6.57
C ARG E 189 19.13 -9.07 -7.68
N LYS E 190 17.97 -8.40 -7.63
CA LYS E 190 16.93 -8.64 -8.61
C LYS E 190 16.60 -7.41 -9.43
N TYR E 191 16.67 -7.55 -10.74
CA TYR E 191 16.45 -6.42 -11.64
C TYR E 191 15.04 -5.94 -11.83
N GLN E 192 14.89 -4.63 -11.69
CA GLN E 192 13.68 -3.91 -11.99
C GLN E 192 14.02 -2.59 -12.62
N LYS E 193 13.45 -2.34 -13.78
CA LYS E 193 13.66 -1.09 -14.50
C LYS E 193 13.19 0.13 -13.71
N GLN E 194 12.35 -0.10 -12.71
CA GLN E 194 11.88 0.96 -11.87
C GLN E 194 12.98 1.37 -10.92
N LYS E 195 13.79 0.39 -10.52
CA LYS E 195 14.90 0.63 -9.63
C LYS E 195 15.89 1.43 -10.43
N LEU E 196 16.08 1.00 -11.67
CA LEU E 196 16.94 1.68 -12.61
C LEU E 196 16.59 3.11 -12.79
N ALA E 197 15.31 3.36 -13.05
CA ALA E 197 14.84 4.72 -13.22
C ALA E 197 15.21 5.57 -12.02
N GLY E 198 14.96 5.03 -10.83
CA GLY E 198 15.30 5.72 -9.61
C GLY E 198 16.79 5.97 -9.52
N ASP E 199 17.59 4.98 -9.92
CA ASP E 199 19.03 5.07 -9.89
C ASP E 199 19.58 6.07 -10.87
N LEU E 200 18.92 6.20 -12.01
CA LEU E 200 19.33 7.18 -13.00
C LEU E 200 19.14 8.56 -12.42
N GLU E 201 18.04 8.74 -11.70
CA GLU E 201 17.79 10.00 -11.07
C GLU E 201 18.65 10.18 -9.84
N THR E 202 18.97 9.09 -9.18
CA THR E 202 19.87 9.13 -8.04
C THR E 202 21.19 9.63 -8.52
N LEU E 203 21.63 9.07 -9.62
CA LEU E 203 22.85 9.46 -10.29
C LEU E 203 22.81 10.91 -10.64
N ARG E 204 21.72 11.32 -11.25
CA ARG E 204 21.56 12.70 -11.62
C ARG E 204 21.72 13.60 -10.42
N SER E 205 21.05 13.27 -9.32
CA SER E 205 21.13 14.08 -8.13
C SER E 205 22.50 13.99 -7.48
N TYR E 206 23.16 12.85 -7.65
CA TYR E 206 24.50 12.66 -7.12
C TYR E 206 25.40 13.74 -7.64
N TYR E 207 25.33 13.98 -8.94
CA TYR E 207 26.14 15.01 -9.54
C TYR E 207 25.54 16.39 -9.35
N LEU E 208 24.23 16.47 -9.40
CA LEU E 208 23.52 17.72 -9.24
C LEU E 208 23.99 18.51 -8.03
N ASP E 209 24.03 17.84 -6.89
CA ASP E 209 24.41 18.48 -5.66
C ASP E 209 25.93 18.60 -5.46
N ARG E 210 26.73 18.25 -6.47
CA ARG E 210 28.17 18.35 -6.36
C ARG E 210 28.69 19.46 -7.24
N GLY E 211 27.77 20.27 -7.79
CA GLY E 211 28.23 21.33 -8.64
C GLY E 211 27.98 21.05 -10.09
N TYR E 212 27.52 19.87 -10.42
CA TYR E 212 27.39 19.59 -11.82
C TYR E 212 26.12 20.10 -12.44
N ALA E 213 26.07 21.41 -12.66
CA ALA E 213 24.92 22.05 -13.27
C ALA E 213 24.67 21.48 -14.66
N ARG E 214 25.75 21.14 -15.37
CA ARG E 214 25.62 20.56 -16.69
C ARG E 214 25.56 19.03 -16.73
N PHE E 215 25.47 18.38 -15.58
CA PHE E 215 25.39 16.93 -15.59
C PHE E 215 24.15 16.45 -16.28
N ASN E 216 24.31 15.44 -17.11
CA ASN E 216 23.15 14.83 -17.70
C ASN E 216 23.44 13.39 -18.04
N ILE E 217 22.39 12.71 -18.45
CA ILE E 217 22.50 11.32 -18.82
C ILE E 217 22.21 11.24 -20.28
N ASP E 218 23.04 10.53 -21.00
CA ASP E 218 22.88 10.43 -22.42
C ASP E 218 21.83 9.38 -22.73
N SER E 219 22.08 8.18 -22.26
CA SER E 219 21.16 7.07 -22.49
C SER E 219 21.58 5.87 -21.67
N THR E 220 20.79 4.83 -21.70
CA THR E 220 21.19 3.62 -21.03
C THR E 220 20.61 2.42 -21.72
N GLN E 221 21.38 1.34 -21.70
CA GLN E 221 20.97 0.10 -22.33
C GLN E 221 21.27 -1.04 -21.38
N VAL E 222 20.23 -1.64 -20.85
CA VAL E 222 20.41 -2.75 -19.94
C VAL E 222 20.73 -4.00 -20.68
N SER E 223 21.77 -4.68 -20.25
CA SER E 223 22.22 -5.90 -20.88
C SER E 223 21.34 -7.08 -20.65
N LEU E 224 20.86 -7.64 -21.77
CA LEU E 224 20.06 -8.84 -21.80
C LEU E 224 20.95 -9.97 -22.17
N THR E 225 21.46 -10.66 -21.16
CA THR E 225 22.39 -11.73 -21.36
C THR E 225 21.74 -13.05 -21.67
N PRO E 226 22.24 -13.76 -22.69
CA PRO E 226 21.87 -15.09 -23.10
C PRO E 226 21.85 -16.09 -21.95
N ASP E 227 20.70 -16.13 -21.29
CA ASP E 227 20.37 -17.02 -20.18
C ASP E 227 19.24 -16.45 -19.33
N LYS E 228 18.53 -15.45 -19.85
CA LYS E 228 17.43 -14.80 -19.15
C LYS E 228 17.75 -14.27 -17.74
N LYS E 229 19.04 -14.09 -17.40
CA LYS E 229 19.35 -13.68 -16.04
C LYS E 229 20.48 -12.69 -15.93
N GLY E 230 21.51 -12.85 -16.75
CA GLY E 230 22.65 -11.95 -16.71
C GLY E 230 22.28 -10.48 -16.93
N ILE E 231 21.96 -9.77 -15.85
CA ILE E 231 21.66 -8.36 -16.01
C ILE E 231 22.88 -7.48 -15.77
N TYR E 232 23.32 -6.86 -16.83
CA TYR E 232 24.44 -5.94 -16.70
C TYR E 232 23.86 -4.62 -17.17
N VAL E 233 24.48 -3.49 -16.89
CA VAL E 233 23.86 -2.27 -17.38
C VAL E 233 24.82 -1.32 -18.07
N THR E 234 24.45 -0.85 -19.26
CA THR E 234 25.25 0.18 -19.93
C THR E 234 24.70 1.55 -19.61
N VAL E 235 25.48 2.35 -18.92
CA VAL E 235 25.04 3.69 -18.59
C VAL E 235 25.87 4.71 -19.32
N ASN E 236 25.23 5.53 -20.12
CA ASN E 236 25.93 6.53 -20.91
C ASN E 236 25.63 7.91 -20.35
N ILE E 237 26.63 8.61 -19.84
CA ILE E 237 26.40 9.94 -19.28
C ILE E 237 27.36 11.01 -19.73
N THR E 238 27.00 12.24 -19.42
CA THR E 238 27.87 13.38 -19.63
C THR E 238 28.06 14.06 -18.31
N GLU E 239 29.25 13.94 -17.77
CA GLU E 239 29.53 14.52 -16.46
C GLU E 239 29.24 16.02 -16.37
N GLY E 240 29.50 16.77 -17.43
CA GLY E 240 29.15 18.20 -17.47
C GLY E 240 30.20 19.15 -16.90
N ASP E 241 30.66 18.85 -15.69
CA ASP E 241 31.69 19.58 -14.94
C ASP E 241 31.05 20.39 -13.81
N GLN E 242 31.78 20.52 -12.72
CA GLN E 242 31.34 21.19 -11.50
C GLN E 242 31.21 22.70 -11.59
N TYR E 243 30.07 23.16 -12.08
CA TYR E 243 29.77 24.59 -12.11
C TYR E 243 29.50 25.13 -10.72
N LYS E 244 29.83 26.40 -10.50
CA LYS E 244 29.65 27.00 -9.20
C LYS E 244 28.48 27.95 -9.13
N LEU E 245 27.69 27.83 -8.10
CA LEU E 245 26.61 28.76 -7.89
C LEU E 245 27.24 30.10 -7.59
N SER E 246 26.99 31.06 -8.47
CA SER E 246 27.53 32.39 -8.32
C SER E 246 26.48 33.37 -7.82
N GLY E 247 25.22 32.97 -7.86
CA GLY E 247 24.20 33.86 -7.31
C GLY E 247 22.79 33.35 -7.50
N VAL E 248 21.85 34.13 -7.01
CA VAL E 248 20.41 33.86 -7.10
C VAL E 248 19.72 35.12 -7.58
N GLU E 249 18.82 34.99 -8.54
CA GLU E 249 18.14 36.13 -9.10
C GLU E 249 16.65 36.00 -8.87
N VAL E 250 16.26 35.81 -7.60
CA VAL E 250 14.86 35.67 -7.26
C VAL E 250 14.03 36.92 -7.53
N SER E 251 12.83 36.72 -8.06
CA SER E 251 11.89 37.79 -8.36
C SER E 251 10.45 37.30 -8.47
N GLY E 252 9.57 38.21 -8.90
CA GLY E 252 8.16 37.94 -9.06
C GLY E 252 7.39 38.40 -7.84
N ASN E 253 6.22 37.80 -7.61
CA ASN E 253 5.43 38.15 -6.46
C ASN E 253 6.03 37.55 -5.23
N LEU E 254 6.91 38.31 -4.60
CA LEU E 254 7.60 37.89 -3.41
C LEU E 254 6.84 38.24 -2.14
N ALA E 255 5.59 38.71 -2.30
CA ALA E 255 4.66 39.00 -1.21
C ALA E 255 5.13 40.01 -0.17
N GLY E 256 6.16 40.79 -0.46
CA GLY E 256 6.66 41.72 0.54
C GLY E 256 7.50 40.99 1.60
N HIS E 257 7.81 39.72 1.34
CA HIS E 257 8.58 38.90 2.25
C HIS E 257 9.87 38.52 1.58
N SER E 258 10.28 39.37 0.64
CA SER E 258 11.49 39.15 -0.10
C SER E 258 12.69 39.11 0.81
N ALA E 259 12.63 39.82 1.93
CA ALA E 259 13.71 39.80 2.89
C ALA E 259 13.90 38.41 3.44
N GLU E 260 12.80 37.77 3.82
CA GLU E 260 12.87 36.42 4.34
C GLU E 260 13.37 35.48 3.26
N ILE E 261 12.98 35.75 2.03
CA ILE E 261 13.41 34.97 0.89
C ILE E 261 14.90 35.13 0.66
N GLU E 262 15.38 36.35 0.80
CA GLU E 262 16.80 36.63 0.70
C GLU E 262 17.55 35.82 1.71
N GLN E 263 17.00 35.74 2.91
CA GLN E 263 17.58 34.95 3.97
C GLN E 263 17.60 33.47 3.56
N LEU E 264 16.51 33.00 2.97
CA LEU E 264 16.45 31.63 2.50
C LEU E 264 17.46 31.34 1.42
N THR E 265 17.74 32.35 0.60
CA THR E 265 18.67 32.20 -0.49
C THR E 265 20.08 32.71 -0.20
N LYS E 266 20.45 32.84 1.08
CA LYS E 266 21.81 33.24 1.44
C LYS E 266 22.84 32.19 1.07
N ILE E 267 23.19 32.14 -0.20
CA ILE E 267 24.16 31.19 -0.69
C ILE E 267 25.50 31.87 -0.88
N GLU E 268 26.52 31.07 -1.15
CA GLU E 268 27.83 31.63 -1.36
C GLU E 268 28.21 31.64 -2.84
N PRO E 269 28.59 32.78 -3.38
CA PRO E 269 29.10 32.94 -4.72
C PRO E 269 30.35 32.10 -4.84
N GLY E 270 30.38 31.25 -5.86
CA GLY E 270 31.50 30.35 -6.04
C GLY E 270 31.26 29.02 -5.30
N GLU E 271 30.07 28.85 -4.73
CA GLU E 271 29.73 27.62 -4.05
C GLU E 271 29.43 26.59 -5.09
N LEU E 272 29.86 25.35 -4.88
CA LEU E 272 29.50 24.38 -5.89
C LEU E 272 28.01 24.35 -6.03
N TYR E 273 27.55 24.44 -7.25
CA TYR E 273 26.14 24.40 -7.51
C TYR E 273 25.49 23.18 -6.86
N ASN E 274 24.38 23.41 -6.21
CA ASN E 274 23.72 22.31 -5.57
C ASN E 274 22.25 22.37 -5.83
N GLY E 275 21.82 21.61 -6.83
CA GLY E 275 20.42 21.62 -7.22
C GLY E 275 19.45 21.07 -6.18
N THR E 276 19.95 20.38 -5.17
CA THR E 276 19.05 19.86 -4.16
C THR E 276 18.90 20.92 -3.11
N LYS E 277 19.93 21.75 -2.98
CA LYS E 277 19.87 22.91 -2.13
C LYS E 277 18.88 23.85 -2.73
N VAL E 278 18.95 23.98 -4.05
CA VAL E 278 18.01 24.79 -4.80
C VAL E 278 16.61 24.33 -4.59
N THR E 279 16.40 23.04 -4.78
CA THR E 279 15.11 22.43 -4.58
C THR E 279 14.57 22.77 -3.22
N LYS E 280 15.42 22.55 -2.23
CA LYS E 280 15.11 22.86 -0.86
C LYS E 280 14.68 24.29 -0.68
N MET E 281 15.48 25.22 -1.22
CA MET E 281 15.19 26.63 -1.08
C MET E 281 13.88 27.00 -1.73
N GLU E 282 13.56 26.38 -2.86
CA GLU E 282 12.29 26.65 -3.50
C GLU E 282 11.16 26.31 -2.57
N ASP E 283 11.27 25.13 -1.97
CA ASP E 283 10.26 24.66 -1.06
C ASP E 283 10.25 25.45 0.21
N ASP E 284 11.41 25.91 0.66
CA ASP E 284 11.50 26.74 1.84
C ASP E 284 10.69 27.98 1.65
N ILE E 285 10.77 28.57 0.47
CA ILE E 285 10.01 29.75 0.12
C ILE E 285 8.54 29.43 0.11
N LYS E 286 8.18 28.29 -0.48
CA LYS E 286 6.79 27.89 -0.53
C LYS E 286 6.22 27.79 0.88
N LYS E 287 6.99 27.18 1.78
CA LYS E 287 6.61 27.01 3.17
C LYS E 287 6.55 28.33 3.88
N LEU E 288 7.52 29.18 3.61
CA LEU E 288 7.58 30.52 4.15
C LEU E 288 6.30 31.24 3.86
N LEU E 289 5.94 31.22 2.61
CA LEU E 289 4.76 31.88 2.17
C LEU E 289 3.53 31.17 2.69
N GLY E 290 3.58 29.84 2.80
CA GLY E 290 2.48 29.07 3.37
C GLY E 290 2.18 29.56 4.76
N ARG E 291 3.22 29.85 5.53
CA ARG E 291 3.12 30.47 6.84
C ARG E 291 2.43 31.81 6.74
N TYR E 292 2.78 32.56 5.71
CA TYR E 292 2.21 33.87 5.46
C TYR E 292 0.83 33.88 4.81
N GLY E 293 0.19 32.72 4.67
CA GLY E 293 -1.12 32.69 4.09
C GLY E 293 -1.15 32.15 2.68
N TYR E 294 -0.01 32.00 2.07
CA TYR E 294 -0.02 31.63 0.68
C TYR E 294 -0.08 30.14 0.47
N ALA E 295 -1.29 29.65 0.25
CA ALA E 295 -1.57 28.26 -0.07
C ALA E 295 -0.99 27.87 -1.41
N TYR E 296 -1.00 28.79 -2.37
CA TYR E 296 -0.47 28.49 -3.70
C TYR E 296 0.58 29.49 -4.18
N PRO E 297 1.83 29.36 -3.72
CA PRO E 297 2.93 30.24 -4.06
C PRO E 297 3.84 29.57 -5.06
N ARG E 298 3.61 29.85 -6.33
CA ARG E 298 4.43 29.23 -7.36
C ARG E 298 5.87 29.64 -7.21
N VAL E 299 6.77 28.67 -7.23
CA VAL E 299 8.19 28.99 -7.17
C VAL E 299 8.89 28.23 -8.28
N GLN E 300 9.67 28.92 -9.09
CA GLN E 300 10.37 28.27 -10.17
C GLN E 300 11.77 28.78 -10.38
N SER E 301 12.74 28.03 -9.89
CA SER E 301 14.12 28.40 -10.09
C SER E 301 14.56 28.20 -11.53
N MET E 302 15.65 28.85 -11.89
CA MET E 302 16.21 28.80 -13.22
C MET E 302 17.69 29.10 -13.22
N PRO E 303 18.52 28.08 -13.22
CA PRO E 303 19.94 28.15 -13.20
C PRO E 303 20.47 28.81 -14.46
N GLU E 304 20.65 30.12 -14.40
CA GLU E 304 21.25 30.87 -15.51
C GLU E 304 22.72 30.50 -15.63
N ILE E 305 22.99 29.38 -16.25
CA ILE E 305 24.32 28.85 -16.36
C ILE E 305 25.24 29.62 -17.28
N ASN E 306 26.40 29.96 -16.72
CA ASN E 306 27.46 30.63 -17.45
C ASN E 306 28.59 29.68 -17.77
N ASP E 307 28.60 29.19 -19.00
CA ASP E 307 29.60 28.23 -19.43
C ASP E 307 30.95 28.87 -19.71
N ALA E 308 31.00 30.20 -19.72
CA ALA E 308 32.23 30.92 -19.97
C ALA E 308 33.15 30.88 -18.76
N ASP E 309 32.64 30.46 -17.62
CA ASP E 309 33.46 30.36 -16.42
C ASP E 309 32.97 29.25 -15.51
N LYS E 310 31.89 28.58 -15.94
CA LYS E 310 31.32 27.47 -15.25
C LYS E 310 30.75 27.87 -13.91
N THR E 311 29.84 28.83 -13.97
CA THR E 311 29.13 29.29 -12.80
C THR E 311 27.66 29.41 -13.13
N VAL E 312 26.84 29.74 -12.15
CA VAL E 312 25.42 29.87 -12.42
C VAL E 312 24.66 30.84 -11.51
N LYS E 313 23.79 31.63 -12.14
CA LYS E 313 22.90 32.59 -11.46
C LYS E 313 21.49 32.03 -11.39
N LEU E 314 21.17 31.45 -10.26
CA LEU E 314 19.90 30.81 -10.09
C LEU E 314 18.76 31.79 -10.07
N ARG E 315 18.14 32.04 -11.19
CA ARG E 315 16.99 32.91 -11.21
C ARG E 315 15.79 32.25 -10.63
N VAL E 316 14.99 32.98 -9.89
CA VAL E 316 13.83 32.31 -9.34
C VAL E 316 12.58 33.12 -9.55
N ASN E 317 11.60 32.50 -10.16
CA ASN E 317 10.36 33.20 -10.40
C ASN E 317 9.34 32.80 -9.36
N VAL E 318 8.69 33.78 -8.75
CA VAL E 318 7.74 33.47 -7.71
C VAL E 318 6.38 34.13 -7.90
N ASP E 319 5.33 33.38 -7.61
CA ASP E 319 3.98 33.93 -7.65
C ASP E 319 3.25 33.51 -6.39
N ALA E 320 3.44 34.29 -5.33
CA ALA E 320 2.86 34.00 -4.01
C ALA E 320 1.34 33.76 -4.02
N GLY E 321 0.57 34.58 -4.73
CA GLY E 321 -0.90 34.40 -4.76
C GLY E 321 -1.64 35.25 -3.70
N ASN E 322 -2.67 34.65 -3.08
CA ASN E 322 -3.48 35.30 -2.04
C ASN E 322 -3.00 34.82 -0.68
N ARG E 323 -3.46 35.45 0.40
CA ARG E 323 -3.11 35.08 1.79
C ARG E 323 -4.23 34.42 2.58
N PHE E 324 -5.48 34.69 2.21
CA PHE E 324 -6.57 34.27 3.07
C PHE E 324 -7.45 33.23 2.46
N TYR E 325 -7.01 31.99 2.46
CA TYR E 325 -7.77 30.92 1.85
C TYR E 325 -8.52 30.09 2.84
N VAL E 326 -8.30 30.28 4.13
CA VAL E 326 -8.88 29.30 5.00
C VAL E 326 -10.31 29.58 5.30
N ARG E 327 -11.14 28.92 4.51
CA ARG E 327 -12.56 28.99 4.63
C ARG E 327 -13.02 28.15 5.82
N LYS E 328 -13.35 26.88 5.56
CA LYS E 328 -13.78 25.98 6.60
C LYS E 328 -13.01 24.66 6.56
N ILE E 329 -13.12 23.87 7.60
CA ILE E 329 -12.45 22.59 7.57
C ILE E 329 -13.41 21.45 7.80
N ARG E 330 -12.94 20.27 7.53
CA ARG E 330 -13.73 19.08 7.72
C ARG E 330 -12.86 18.04 8.32
N PHE E 331 -13.46 16.97 8.74
CA PHE E 331 -12.74 15.82 9.24
C PHE E 331 -13.36 14.63 8.60
N GLU E 332 -12.59 13.57 8.46
CA GLU E 332 -13.16 12.39 7.87
C GLU E 332 -12.58 11.17 8.52
N GLY E 333 -13.40 10.14 8.65
CA GLY E 333 -13.01 8.94 9.35
C GLY E 333 -13.17 9.13 10.86
N ASN E 334 -13.93 10.15 11.27
CA ASN E 334 -14.14 10.43 12.69
C ASN E 334 -15.42 9.76 13.20
N ASP E 335 -15.86 8.70 12.54
CA ASP E 335 -17.14 8.09 12.88
C ASP E 335 -17.14 7.23 14.14
N THR E 336 -16.06 7.24 14.89
CA THR E 336 -16.02 6.53 16.13
C THR E 336 -15.87 7.50 17.28
N SER E 337 -15.72 8.80 16.99
CA SER E 337 -15.48 9.75 18.07
C SER E 337 -15.97 11.15 17.80
N LYS E 338 -16.34 11.83 18.88
CA LYS E 338 -16.79 13.21 18.80
C LYS E 338 -15.85 14.09 18.01
N ASP E 339 -16.37 14.74 16.99
CA ASP E 339 -15.54 15.56 16.11
C ASP E 339 -14.85 16.71 16.82
N ALA E 340 -15.50 17.29 17.82
CA ALA E 340 -14.96 18.41 18.58
C ALA E 340 -13.63 18.06 19.25
N VAL E 341 -13.41 16.77 19.51
CA VAL E 341 -12.18 16.29 20.10
C VAL E 341 -11.03 16.50 19.14
N LEU E 342 -11.34 16.46 17.86
CA LEU E 342 -10.35 16.64 16.85
C LEU E 342 -10.20 18.12 16.57
N ARG E 343 -11.33 18.82 16.58
CA ARG E 343 -11.35 20.25 16.30
C ARG E 343 -10.48 21.02 17.24
N ARG E 344 -10.60 20.70 18.52
CA ARG E 344 -9.78 21.30 19.55
C ARG E 344 -8.28 21.06 19.41
N GLU E 345 -7.88 20.17 18.51
CA GLU E 345 -6.49 19.90 18.31
C GLU E 345 -5.94 20.60 17.11
N MET E 346 -6.76 21.39 16.43
CA MET E 346 -6.24 22.14 15.32
C MET E 346 -5.86 23.53 15.73
N ARG E 347 -4.63 23.90 15.42
CA ARG E 347 -4.17 25.25 15.69
C ARG E 347 -4.66 26.16 14.58
N GLN E 348 -4.78 25.60 13.38
CA GLN E 348 -5.34 26.32 12.25
C GLN E 348 -6.83 26.51 12.48
N MET E 349 -7.32 27.71 12.23
CA MET E 349 -8.72 28.01 12.43
C MET E 349 -9.39 28.54 11.17
N GLU E 350 -10.72 28.64 11.21
CA GLU E 350 -11.52 29.03 10.06
C GLU E 350 -11.70 30.54 9.92
N GLY E 351 -11.88 31.00 8.67
CA GLY E 351 -12.01 32.43 8.39
C GLY E 351 -10.64 33.04 8.55
N ALA E 352 -9.63 32.38 8.00
CA ALA E 352 -8.30 32.77 8.34
C ALA E 352 -7.30 32.80 7.23
N TRP E 353 -6.17 33.38 7.56
CA TRP E 353 -5.04 33.30 6.67
C TRP E 353 -4.55 31.90 6.77
N LEU E 354 -3.95 31.41 5.71
CA LEU E 354 -3.37 30.09 5.84
C LEU E 354 -2.16 30.10 6.72
N GLY E 355 -2.19 29.28 7.73
CA GLY E 355 -1.07 29.08 8.62
C GLY E 355 -0.62 27.67 8.38
N SER E 356 0.04 27.41 7.24
CA SER E 356 0.40 26.03 6.90
C SER E 356 1.13 25.32 8.03
N ASP E 357 1.87 26.07 8.84
CA ASP E 357 2.53 25.51 9.98
C ASP E 357 1.52 25.11 11.04
N LEU E 358 0.45 25.89 11.18
CA LEU E 358 -0.61 25.64 12.15
C LEU E 358 -1.36 24.40 11.76
N VAL E 359 -1.48 24.20 10.46
CA VAL E 359 -2.13 23.03 9.92
C VAL E 359 -1.34 21.81 10.30
N ASP E 360 -0.05 21.88 10.06
CA ASP E 360 0.85 20.81 10.41
C ASP E 360 0.93 20.60 11.89
N GLN E 361 0.87 21.70 12.64
CA GLN E 361 0.92 21.67 14.08
C GLN E 361 -0.27 20.93 14.62
N GLY E 362 -1.44 21.24 14.09
CA GLY E 362 -2.64 20.57 14.49
C GLY E 362 -2.55 19.10 14.18
N LYS E 363 -2.05 18.76 13.00
CA LYS E 363 -1.88 17.37 12.65
C LYS E 363 -0.91 16.67 13.58
N GLU E 364 0.13 17.39 14.02
CA GLU E 364 1.05 16.84 15.01
C GLU E 364 0.32 16.50 16.28
N ARG E 365 -0.50 17.44 16.74
CA ARG E 365 -1.27 17.24 17.95
C ARG E 365 -2.16 16.02 17.79
N LEU E 366 -2.80 15.90 16.62
CA LEU E 366 -3.66 14.80 16.28
C LEU E 366 -2.88 13.51 16.18
N ASN E 367 -1.64 13.62 15.78
CA ASN E 367 -0.77 12.49 15.71
C ASN E 367 -0.44 12.04 17.13
N ARG E 368 -0.19 12.99 18.01
CA ARG E 368 0.09 12.66 19.40
C ARG E 368 -1.17 12.21 20.17
N LEU E 369 -2.36 12.52 19.64
CA LEU E 369 -3.64 12.17 20.25
C LEU E 369 -3.73 10.74 20.79
N GLY E 370 -3.41 9.78 19.93
CA GLY E 370 -3.42 8.35 20.27
C GLY E 370 -4.72 7.61 20.01
N PHE E 371 -5.77 8.32 19.60
CA PHE E 371 -7.06 7.70 19.35
C PHE E 371 -7.32 7.52 17.87
N PHE E 372 -6.27 7.55 17.09
CA PHE E 372 -6.35 7.49 15.66
C PHE E 372 -5.21 6.61 15.23
N GLU E 373 -5.27 6.04 14.05
CA GLU E 373 -4.20 5.22 13.52
C GLU E 373 -3.32 6.01 12.59
N THR E 374 -3.92 6.79 11.68
CA THR E 374 -3.12 7.59 10.76
C THR E 374 -3.64 9.01 10.66
N VAL E 375 -2.75 9.94 10.33
CA VAL E 375 -3.12 11.35 10.16
C VAL E 375 -2.88 11.81 8.73
N ASP E 376 -3.91 12.38 8.14
CA ASP E 376 -3.79 12.90 6.80
C ASP E 376 -4.83 14.00 6.62
N THR E 377 -4.82 14.64 5.46
CA THR E 377 -5.78 15.68 5.21
C THR E 377 -6.04 15.90 3.73
N ASP E 378 -6.78 16.97 3.43
CA ASP E 378 -7.11 17.32 2.07
C ASP E 378 -7.43 18.78 1.87
N THR E 379 -6.41 19.57 1.58
CA THR E 379 -6.58 20.99 1.32
C THR E 379 -7.28 21.24 -0.01
N GLN E 380 -8.59 21.01 -0.03
CA GLN E 380 -9.35 21.17 -1.26
C GLN E 380 -9.81 22.58 -1.53
N ARG E 381 -9.24 23.16 -2.57
CA ARG E 381 -9.64 24.50 -2.94
C ARG E 381 -11.07 24.53 -3.38
N VAL E 382 -11.78 25.51 -2.87
CA VAL E 382 -13.15 25.70 -3.25
C VAL E 382 -13.15 26.48 -4.54
N PRO E 383 -13.79 25.95 -5.58
CA PRO E 383 -13.84 26.50 -6.90
C PRO E 383 -14.57 27.81 -6.85
N GLY E 384 -14.09 28.74 -7.63
CA GLY E 384 -14.67 30.06 -7.69
C GLY E 384 -13.98 31.09 -6.79
N SER E 385 -13.05 30.68 -5.92
CA SER E 385 -12.43 31.72 -5.10
C SER E 385 -11.07 31.42 -4.48
N PRO E 386 -10.10 32.35 -4.62
CA PRO E 386 -8.76 32.35 -4.08
C PRO E 386 -8.76 32.64 -2.58
N ASP E 387 -9.94 32.93 -2.04
CA ASP E 387 -10.05 33.13 -0.62
C ASP E 387 -10.73 31.94 0.00
N GLN E 388 -11.00 30.91 -0.79
CA GLN E 388 -11.72 29.78 -0.26
C GLN E 388 -11.11 28.44 -0.54
N VAL E 389 -10.56 27.86 0.50
CA VAL E 389 -10.04 26.51 0.51
C VAL E 389 -10.57 25.78 1.72
N ASP E 390 -11.13 24.60 1.50
CA ASP E 390 -11.59 23.81 2.61
C ASP E 390 -10.65 22.67 2.83
N VAL E 391 -10.39 22.37 4.08
CA VAL E 391 -9.41 21.35 4.37
C VAL E 391 -10.03 20.18 5.10
N VAL E 392 -10.04 19.01 4.47
CA VAL E 392 -10.66 17.84 5.08
C VAL E 392 -9.63 16.96 5.73
N TYR E 393 -9.66 16.88 7.04
CA TYR E 393 -8.71 16.07 7.77
C TYR E 393 -9.13 14.63 7.83
N LYS E 394 -8.91 13.94 6.71
CA LYS E 394 -9.24 12.54 6.63
C LYS E 394 -8.21 11.71 7.32
N VAL E 395 -8.64 11.04 8.36
CA VAL E 395 -7.76 10.23 9.16
C VAL E 395 -8.30 8.84 9.35
N LYS E 396 -7.44 7.96 9.81
CA LYS E 396 -7.87 6.62 10.14
C LYS E 396 -7.97 6.56 11.62
N GLU E 397 -9.14 6.23 12.13
CA GLU E 397 -9.38 6.12 13.56
C GLU E 397 -8.77 4.86 14.14
N ARG E 398 -8.52 4.86 15.44
CA ARG E 398 -7.95 3.71 16.15
C ARG E 398 -8.86 3.13 17.20
N ASN E 399 -8.89 1.80 17.27
CA ASN E 399 -9.64 1.15 18.34
C ASN E 399 -8.82 1.31 19.60
N THR E 400 -9.47 1.72 20.68
CA THR E 400 -8.74 2.01 21.90
C THR E 400 -9.26 1.18 23.05
N GLY E 401 -8.60 1.29 24.19
CA GLY E 401 -8.99 0.52 25.34
C GLY E 401 -8.18 -0.76 25.42
N SER E 402 -8.41 -1.54 26.48
CA SER E 402 -7.66 -2.77 26.67
C SER E 402 -8.00 -3.50 27.95
N PHE E 403 -8.50 -4.72 27.83
CA PHE E 403 -8.81 -5.54 28.99
C PHE E 403 -7.76 -6.62 29.21
N ASN E 404 -7.37 -6.80 30.46
CA ASN E 404 -6.39 -7.82 30.78
C ASN E 404 -6.47 -8.24 32.23
N PHE E 405 -5.95 -9.41 32.56
CA PHE E 405 -5.98 -9.84 33.94
C PHE E 405 -5.15 -11.11 34.14
N GLY E 406 -4.71 -11.33 35.37
CA GLY E 406 -4.01 -12.56 35.72
C GLY E 406 -4.91 -13.37 36.64
N ILE E 407 -4.71 -14.68 36.70
CA ILE E 407 -5.57 -15.49 37.56
C ILE E 407 -4.95 -16.84 37.92
N GLY E 408 -5.16 -17.25 39.16
CA GLY E 408 -4.69 -18.54 39.65
C GLY E 408 -3.64 -18.39 40.76
N TYR E 409 -3.93 -19.06 41.89
CA TYR E 409 -4.59 -20.36 41.84
C TYR E 409 -5.98 -20.30 42.45
N GLY E 410 -6.94 -20.93 41.77
CA GLY E 410 -8.31 -20.99 42.25
C GLY E 410 -8.98 -22.26 41.72
N THR E 411 -10.20 -22.50 42.18
CA THR E 411 -11.04 -23.67 41.86
C THR E 411 -11.30 -24.41 43.16
N GLU E 412 -10.24 -24.97 43.71
CA GLU E 412 -10.31 -25.67 44.98
C GLU E 412 -9.97 -24.73 46.12
N SER E 413 -9.60 -23.49 45.77
CA SER E 413 -9.29 -22.44 46.71
C SER E 413 -10.37 -21.37 46.60
N GLY E 414 -10.34 -20.40 47.51
CA GLY E 414 -11.34 -19.33 47.52
C GLY E 414 -11.36 -18.63 46.18
N VAL E 415 -12.52 -18.72 45.50
CA VAL E 415 -12.72 -18.13 44.18
C VAL E 415 -12.06 -16.78 44.03
N SER E 416 -11.31 -16.62 42.94
CA SER E 416 -10.60 -15.37 42.74
C SER E 416 -10.43 -15.02 41.27
N PHE E 417 -10.18 -13.74 41.02
CA PHE E 417 -9.99 -13.25 39.66
C PHE E 417 -9.50 -11.80 39.64
N GLN E 418 -8.89 -11.42 38.53
CA GLN E 418 -8.46 -10.04 38.36
C GLN E 418 -9.26 -9.33 37.28
N ALA E 419 -9.47 -8.03 37.50
CA ALA E 419 -10.18 -7.16 36.59
C ALA E 419 -9.26 -6.04 36.11
N GLY E 420 -9.61 -5.40 35.00
CA GLY E 420 -8.79 -4.31 34.51
C GLY E 420 -8.98 -4.03 33.05
N VAL E 421 -9.62 -2.90 32.78
CA VAL E 421 -9.91 -2.52 31.42
C VAL E 421 -9.82 -1.02 31.20
N GLN E 422 -9.23 -0.67 30.09
CA GLN E 422 -9.13 0.70 29.67
C GLN E 422 -10.13 0.96 28.58
N GLN E 423 -10.64 2.17 28.51
CA GLN E 423 -11.52 2.53 27.41
C GLN E 423 -10.78 3.47 26.49
N ASP E 424 -9.97 4.36 27.10
CA ASP E 424 -9.17 5.31 26.33
C ASP E 424 -10.01 6.07 25.33
N ASN E 425 -10.72 7.11 25.76
CA ASN E 425 -11.71 7.79 24.90
C ASN E 425 -12.93 6.92 24.78
N TRP E 426 -13.45 6.58 25.95
CA TRP E 426 -14.64 5.78 26.12
C TRP E 426 -15.69 6.14 25.14
N LEU E 427 -16.02 5.22 24.25
CA LEU E 427 -17.07 5.43 23.24
C LEU E 427 -16.98 6.74 22.46
N GLY E 428 -15.78 7.32 22.33
CA GLY E 428 -15.62 8.56 21.59
C GLY E 428 -16.09 9.80 22.35
N THR E 429 -16.25 9.66 23.66
CA THR E 429 -16.70 10.75 24.52
C THR E 429 -15.60 11.69 24.94
N GLY E 430 -14.36 11.27 24.74
CA GLY E 430 -13.21 12.06 25.13
C GLY E 430 -12.68 11.67 26.49
N TYR E 431 -13.34 10.73 27.17
CA TYR E 431 -12.86 10.38 28.50
C TYR E 431 -11.86 9.24 28.50
N ALA E 432 -10.74 9.47 29.15
CA ALA E 432 -9.74 8.45 29.28
C ALA E 432 -10.13 7.59 30.45
N VAL E 433 -10.21 6.29 30.23
CA VAL E 433 -10.63 5.40 31.30
C VAL E 433 -9.69 4.24 31.47
N GLY E 434 -9.40 3.92 32.73
CA GLY E 434 -8.56 2.80 33.12
C GLY E 434 -9.00 2.30 34.49
N ILE E 435 -9.95 1.38 34.48
CA ILE E 435 -10.54 0.86 35.71
C ILE E 435 -10.21 -0.59 35.96
N ASN E 436 -9.83 -0.91 37.18
CA ASN E 436 -9.38 -2.25 37.46
C ASN E 436 -9.67 -2.72 38.87
N GLY E 437 -9.23 -3.92 39.17
CA GLY E 437 -9.39 -4.46 40.49
C GLY E 437 -9.03 -5.93 40.51
N THR E 438 -9.34 -6.59 41.60
CA THR E 438 -9.11 -8.02 41.72
C THR E 438 -9.69 -8.55 43.00
N LYS E 439 -10.47 -9.61 42.92
CA LYS E 439 -11.02 -10.18 44.13
C LYS E 439 -10.35 -11.48 44.43
N ASN E 440 -9.66 -11.54 45.55
CA ASN E 440 -8.98 -12.75 45.92
C ASN E 440 -9.35 -13.14 47.32
N ASP E 441 -8.91 -14.33 47.71
CA ASP E 441 -9.09 -14.78 49.08
C ASP E 441 -7.91 -14.36 49.97
N TYR E 442 -7.10 -13.41 49.48
CA TYR E 442 -5.97 -12.84 50.18
C TYR E 442 -6.22 -11.33 50.34
N GLN E 443 -6.78 -10.75 49.28
CA GLN E 443 -7.14 -9.35 49.24
C GLN E 443 -8.14 -9.06 48.14
N THR E 444 -8.88 -7.98 48.30
CA THR E 444 -9.79 -7.53 47.27
C THR E 444 -9.44 -6.08 46.96
N TYR E 445 -9.34 -5.75 45.69
CA TYR E 445 -8.91 -4.41 45.30
C TYR E 445 -9.73 -3.78 44.22
N ALA E 446 -10.02 -2.51 44.41
CA ALA E 446 -10.72 -1.76 43.39
C ALA E 446 -9.98 -0.48 43.03
N GLU E 447 -10.02 -0.10 41.76
CA GLU E 447 -9.45 1.17 41.36
C GLU E 447 -10.17 1.82 40.20
N LEU E 448 -10.48 3.08 40.38
CA LEU E 448 -11.14 3.84 39.36
C LEU E 448 -10.21 4.89 38.83
N SER E 449 -10.25 5.15 37.54
CA SER E 449 -9.44 6.23 37.01
C SER E 449 -10.02 6.74 35.73
N VAL E 450 -10.53 7.96 35.78
CA VAL E 450 -11.12 8.57 34.60
C VAL E 450 -10.68 10.00 34.46
N THR E 451 -10.29 10.37 33.24
CA THR E 451 -9.85 11.72 32.98
C THR E 451 -10.58 12.39 31.84
N ASN E 452 -11.03 13.61 32.09
CA ASN E 452 -11.60 14.42 31.05
C ASN E 452 -10.56 15.41 30.62
N PRO E 453 -9.73 15.07 29.63
CA PRO E 453 -8.59 15.84 29.13
C PRO E 453 -8.94 17.26 28.71
N TYR E 454 -10.23 17.55 28.50
CA TYR E 454 -10.64 18.87 28.13
C TYR E 454 -11.91 19.20 28.83
N PHE E 455 -11.88 19.26 30.16
CA PHE E 455 -13.09 19.58 30.88
C PHE E 455 -13.60 20.92 30.40
N THR E 456 -12.69 21.86 30.17
CA THR E 456 -13.06 23.09 29.54
C THR E 456 -12.09 23.26 28.39
N VAL E 457 -12.43 24.20 27.52
CA VAL E 457 -11.71 24.55 26.30
C VAL E 457 -10.20 24.48 26.37
N ASP E 458 -9.64 25.03 27.43
CA ASP E 458 -8.21 25.12 27.61
C ASP E 458 -7.47 23.81 27.74
N GLY E 459 -8.18 22.72 28.03
CA GLY E 459 -7.49 21.45 28.20
C GLY E 459 -7.45 21.09 29.66
N VAL E 460 -8.53 21.38 30.36
CA VAL E 460 -8.60 21.05 31.78
C VAL E 460 -8.67 19.57 31.96
N SER E 461 -7.51 18.92 32.07
CA SER E 461 -7.51 17.47 32.18
C SER E 461 -7.94 17.02 33.55
N LEU E 462 -9.23 16.96 33.71
CA LEU E 462 -9.83 16.59 34.97
C LEU E 462 -9.65 15.11 35.24
N GLY E 463 -8.60 14.75 35.96
CA GLY E 463 -8.36 13.33 36.22
C GLY E 463 -8.60 12.92 37.66
N GLY E 464 -9.47 11.94 37.84
CA GLY E 464 -9.74 11.48 39.19
C GLY E 464 -9.47 9.99 39.32
N ARG E 465 -8.81 9.63 40.42
CA ARG E 465 -8.51 8.24 40.68
C ARG E 465 -8.90 7.86 42.09
N LEU E 466 -9.56 6.73 42.22
CA LEU E 466 -9.99 6.25 43.51
C LEU E 466 -9.53 4.84 43.72
N PHE E 467 -9.28 4.46 44.96
CA PHE E 467 -8.86 3.09 45.14
C PHE E 467 -9.24 2.51 46.49
N TYR E 468 -9.34 1.20 46.53
CA TYR E 468 -9.72 0.52 47.75
C TYR E 468 -9.10 -0.84 47.83
N ASN E 469 -7.98 -0.92 48.53
CA ASN E 469 -7.31 -2.19 48.64
C ASN E 469 -7.60 -2.89 49.93
N ASP E 470 -8.61 -3.75 49.91
CA ASP E 470 -8.89 -4.58 51.07
C ASP E 470 -7.84 -5.66 51.17
N PHE E 471 -6.64 -5.29 51.59
CA PHE E 471 -5.55 -6.22 51.68
C PHE E 471 -5.33 -6.65 53.06
N GLN E 472 -5.41 -7.95 53.28
CA GLN E 472 -5.21 -8.40 54.62
C GLN E 472 -4.20 -9.50 54.71
N ALA E 473 -3.54 -9.83 53.59
CA ALA E 473 -2.62 -10.96 53.58
C ALA E 473 -3.40 -12.14 54.16
N ASP E 474 -4.64 -12.31 53.68
CA ASP E 474 -5.58 -13.21 54.33
C ASP E 474 -5.30 -14.70 54.25
N ASP E 475 -4.35 -15.13 55.07
CA ASP E 475 -4.09 -16.52 55.34
C ASP E 475 -4.84 -16.90 56.62
N ALA E 476 -5.52 -15.90 57.20
CA ALA E 476 -6.36 -16.01 58.38
C ALA E 476 -7.22 -14.74 58.51
N ASP E 477 -6.57 -13.58 58.39
CA ASP E 477 -7.15 -12.22 58.47
C ASP E 477 -6.08 -11.17 58.80
N LEU E 478 -5.15 -11.59 59.64
CA LEU E 478 -4.00 -10.81 60.08
C LEU E 478 -2.93 -11.75 60.51
N SER E 479 -1.84 -11.21 61.09
CA SER E 479 -0.67 -11.96 61.60
C SER E 479 0.42 -12.04 60.57
N ASP E 480 0.04 -12.04 59.31
CA ASP E 480 0.99 -12.10 58.22
C ASP E 480 1.08 -10.76 57.50
N TYR E 481 0.76 -9.66 58.22
CA TYR E 481 0.77 -8.28 57.69
C TYR E 481 -0.51 -7.85 57.00
N THR E 482 -1.52 -7.49 57.80
CA THR E 482 -2.74 -6.89 57.25
C THR E 482 -2.40 -5.48 56.84
N ASN E 483 -2.97 -5.00 55.74
CA ASN E 483 -2.74 -3.62 55.31
C ASN E 483 -3.77 -3.09 54.34
N LYS E 484 -4.95 -2.76 54.83
CA LYS E 484 -5.93 -2.18 53.94
C LYS E 484 -5.44 -0.84 53.50
N SER E 485 -5.54 -0.53 52.23
CA SER E 485 -5.07 0.76 51.77
C SER E 485 -6.05 1.34 50.80
N TYR E 486 -6.68 2.43 51.18
CA TYR E 486 -7.67 2.99 50.27
C TYR E 486 -7.66 4.50 50.31
N GLY E 487 -8.25 5.11 49.30
CA GLY E 487 -8.25 6.54 49.31
C GLY E 487 -8.57 7.24 48.00
N THR E 488 -8.04 8.46 47.89
CA THR E 488 -8.32 9.38 46.81
C THR E 488 -7.08 9.95 46.14
N ASP E 489 -7.15 10.13 44.85
CA ASP E 489 -6.08 10.73 44.09
C ASP E 489 -6.62 11.52 42.92
N VAL E 490 -6.79 12.83 43.11
CA VAL E 490 -7.36 13.64 42.04
C VAL E 490 -6.44 14.75 41.64
N THR E 491 -6.15 14.82 40.34
CA THR E 491 -5.23 15.80 39.80
C THR E 491 -5.77 16.49 38.56
N LEU E 492 -5.05 17.53 38.18
CA LEU E 492 -5.39 18.31 37.02
C LEU E 492 -4.22 18.49 36.10
N GLY E 493 -4.43 18.16 34.82
CA GLY E 493 -3.42 18.40 33.82
C GLY E 493 -3.58 19.83 33.30
N PHE E 494 -2.45 20.53 33.16
CA PHE E 494 -2.50 21.92 32.75
C PHE E 494 -1.81 22.15 31.42
N PRO E 495 -2.40 22.96 30.54
CA PRO E 495 -1.88 23.40 29.27
C PRO E 495 -0.76 24.38 29.53
N ILE E 496 0.47 24.02 29.19
CA ILE E 496 1.58 24.94 29.39
C ILE E 496 2.16 25.41 28.10
N ASN E 497 2.23 24.52 27.13
CA ASN E 497 2.74 24.87 25.83
C ASN E 497 2.28 23.81 24.86
N GLU E 498 2.76 23.88 23.64
CA GLU E 498 2.42 22.87 22.65
C GLU E 498 2.97 21.53 23.04
N TYR E 499 4.09 21.53 23.76
CA TYR E 499 4.69 20.31 24.19
C TYR E 499 4.74 20.21 25.69
N ASN E 500 4.30 21.25 26.38
CA ASN E 500 4.42 21.23 27.83
C ASN E 500 3.09 21.12 28.55
N SER E 501 3.11 20.38 29.65
CA SER E 501 1.94 20.26 30.48
C SER E 501 2.27 19.95 31.93
N LEU E 502 1.50 20.50 32.87
CA LEU E 502 1.74 20.21 34.29
C LEU E 502 0.74 19.27 34.87
N ARG E 503 1.05 18.81 36.06
CA ARG E 503 0.15 18.01 36.85
C ARG E 503 0.14 18.51 38.27
N ALA E 504 -1.04 18.57 38.87
CA ALA E 504 -1.11 18.92 40.28
C ALA E 504 -2.40 18.43 40.90
N GLY E 505 -2.34 18.02 42.15
CA GLY E 505 -3.54 17.54 42.82
C GLY E 505 -3.28 17.04 44.22
N LEU E 506 -4.26 16.36 44.79
CA LEU E 506 -4.13 15.90 46.16
C LEU E 506 -4.38 14.42 46.33
N GLY E 507 -3.69 13.87 47.33
CA GLY E 507 -3.82 12.48 47.66
C GLY E 507 -4.36 12.28 49.07
N TYR E 508 -5.10 11.20 49.22
CA TYR E 508 -5.64 10.79 50.49
C TYR E 508 -5.37 9.33 50.67
N VAL E 509 -4.64 8.98 51.71
CA VAL E 509 -4.33 7.58 51.92
C VAL E 509 -4.66 7.11 53.31
N HIS E 510 -5.61 6.22 53.42
CA HIS E 510 -5.94 5.69 54.72
C HIS E 510 -5.56 4.23 54.77
N ASN E 511 -4.51 3.92 55.53
CA ASN E 511 -4.04 2.57 55.64
C ASN E 511 -4.39 1.97 56.98
N SER E 512 -4.70 0.68 56.98
CA SER E 512 -5.03 -0.02 58.21
C SER E 512 -4.27 -1.32 58.28
N LEU E 513 -3.20 -1.29 59.04
CA LEU E 513 -2.33 -2.44 59.15
C LEU E 513 -2.55 -3.18 60.44
N SER E 514 -2.25 -4.47 60.43
CA SER E 514 -2.43 -5.23 61.67
C SER E 514 -1.65 -6.53 61.73
N ASN E 515 -0.83 -6.61 62.78
CA ASN E 515 -0.03 -7.79 63.05
C ASN E 515 0.95 -8.01 61.91
N MET E 516 1.83 -7.03 61.77
CA MET E 516 2.81 -6.93 60.71
C MET E 516 4.06 -7.79 60.89
N GLN E 517 4.72 -8.11 59.77
CA GLN E 517 5.89 -8.99 59.72
C GLN E 517 7.20 -8.47 60.35
N PRO E 518 7.90 -9.36 61.07
CA PRO E 518 9.14 -9.13 61.82
C PRO E 518 10.30 -8.83 60.91
N GLN E 519 10.37 -7.65 60.33
CA GLN E 519 11.48 -7.42 59.43
C GLN E 519 12.05 -6.05 59.52
N VAL E 520 13.31 -5.96 59.15
CA VAL E 520 14.10 -4.76 59.26
C VAL E 520 13.52 -3.57 58.55
N ALA E 521 13.20 -3.71 57.28
CA ALA E 521 12.71 -2.59 56.51
C ALA E 521 11.47 -1.99 57.12
N MET E 522 10.54 -2.88 57.43
CA MET E 522 9.27 -2.51 58.01
C MET E 522 9.43 -1.87 59.35
N TRP E 523 10.18 -2.54 60.21
CA TRP E 523 10.37 -2.05 61.54
C TRP E 523 11.13 -0.76 61.52
N ARG E 524 12.15 -0.67 60.67
CA ARG E 524 12.98 0.52 60.58
C ARG E 524 12.14 1.70 60.26
N TYR E 525 11.25 1.54 59.29
CA TYR E 525 10.30 2.58 58.97
C TYR E 525 9.51 2.96 60.18
N LEU E 526 8.96 1.97 60.86
CA LEU E 526 8.18 2.27 62.03
C LEU E 526 8.99 2.93 63.13
N TYR E 527 10.26 2.59 63.25
CA TYR E 527 11.06 3.28 64.22
C TYR E 527 11.29 4.72 63.77
N SER E 528 11.36 4.96 62.45
CA SER E 528 11.42 6.33 61.94
C SER E 528 10.12 7.06 62.31
N MET E 529 9.02 6.31 62.31
CA MET E 529 7.72 6.80 62.71
C MET E 529 7.55 7.05 64.21
N GLY E 530 8.56 6.70 65.02
CA GLY E 530 8.46 6.85 66.45
C GLY E 530 7.72 5.67 67.08
N GLU E 531 7.52 4.62 66.28
CA GLU E 531 6.83 3.43 66.72
C GLU E 531 7.86 2.46 67.22
N HIS E 532 7.42 1.48 67.98
CA HIS E 532 8.37 0.54 68.55
C HIS E 532 7.94 -0.91 68.44
N PRO E 533 7.97 -1.46 67.22
CA PRO E 533 7.58 -2.82 66.87
C PRO E 533 8.56 -3.87 67.37
N SER E 534 8.05 -5.08 67.57
CA SER E 534 8.86 -6.18 68.08
C SER E 534 9.54 -6.99 66.99
N THR E 535 10.82 -7.23 67.17
CA THR E 535 11.61 -8.01 66.24
C THR E 535 11.26 -9.49 66.25
N SER E 536 10.55 -9.94 67.28
CA SER E 536 10.21 -11.35 67.33
C SER E 536 8.72 -11.60 67.20
N ASP E 537 7.95 -10.55 66.92
CA ASP E 537 6.52 -10.78 66.92
C ASP E 537 5.78 -10.09 65.81
N GLN E 538 4.64 -10.64 65.45
CA GLN E 538 3.77 -10.00 64.49
C GLN E 538 2.52 -9.61 65.23
N ASP E 539 2.72 -8.90 66.33
CA ASP E 539 1.65 -8.44 67.18
C ASP E 539 1.54 -6.92 67.13
N ASN E 540 2.07 -6.33 66.08
CA ASN E 540 2.05 -4.88 65.95
C ASN E 540 1.03 -4.46 64.92
N SER E 541 0.26 -3.43 65.22
CA SER E 541 -0.71 -2.91 64.28
C SER E 541 -0.34 -1.50 63.89
N PHE E 542 -1.04 -0.92 62.91
CA PHE E 542 -0.70 0.43 62.48
C PHE E 542 -1.71 1.06 61.54
N LYS E 543 -2.46 2.02 62.04
CA LYS E 543 -3.41 2.74 61.21
C LYS E 543 -2.88 4.13 60.93
N THR E 544 -3.00 4.57 59.68
CA THR E 544 -2.53 5.90 59.34
C THR E 544 -3.33 6.56 58.26
N ASP E 545 -3.38 7.88 58.33
CA ASP E 545 -4.16 8.65 57.38
C ASP E 545 -3.36 9.84 56.87
N ASP E 546 -2.86 9.71 55.65
CA ASP E 546 -2.02 10.72 55.05
C ASP E 546 -2.71 11.59 54.02
N PHE E 547 -2.32 12.86 54.02
CA PHE E 547 -2.77 13.82 53.06
C PHE E 547 -1.55 14.28 52.30
N THR E 548 -1.62 14.24 50.98
CA THR E 548 -0.44 14.58 50.20
C THR E 548 -0.73 15.52 49.05
N PHE E 549 0.33 16.01 48.44
CA PHE E 549 0.26 16.83 47.25
C PHE E 549 0.97 16.16 46.10
N ASN E 550 0.23 15.98 45.02
CA ASN E 550 0.75 15.33 43.85
C ASN E 550 1.07 16.33 42.78
N TYR E 551 2.12 16.08 42.01
CA TYR E 551 2.45 16.99 40.93
C TYR E 551 3.31 16.40 39.84
N GLY E 552 3.44 17.14 38.75
CA GLY E 552 4.28 16.69 37.67
C GLY E 552 4.37 17.65 36.51
N TRP E 553 5.03 17.19 35.46
CA TRP E 553 5.22 17.91 34.23
C TRP E 553 5.66 17.04 33.08
N THR E 554 5.07 17.26 31.93
CA THR E 554 5.41 16.50 30.76
C THR E 554 5.82 17.30 29.56
N TYR E 555 6.80 16.74 28.86
CA TYR E 555 7.24 17.22 27.58
C TYR E 555 6.77 16.23 26.56
N ASN E 556 6.16 16.69 25.50
CA ASN E 556 5.72 15.71 24.53
C ASN E 556 5.84 16.07 23.10
N LYS E 557 7.00 15.84 22.52
CA LYS E 557 7.10 16.06 21.11
C LYS E 557 7.50 14.77 20.47
N LEU E 558 6.59 13.81 20.53
CA LEU E 558 6.83 12.49 19.98
C LEU E 558 5.66 11.92 19.18
N ASP E 559 5.91 11.73 17.87
CA ASP E 559 4.98 11.21 16.82
C ASP E 559 3.58 10.73 17.25
N ARG E 560 3.31 9.42 17.05
CA ARG E 560 2.03 8.81 17.29
C ARG E 560 1.77 8.56 18.74
N GLY E 561 0.55 8.85 19.18
CA GLY E 561 0.15 8.61 20.55
C GLY E 561 -0.22 7.16 20.87
N TYR E 562 0.41 6.20 20.20
CA TYR E 562 0.17 4.81 20.50
C TYR E 562 1.25 3.91 19.89
N PHE E 563 2.28 4.52 19.29
CA PHE E 563 3.38 3.80 18.65
C PHE E 563 4.17 4.74 17.75
N PRO E 564 4.82 5.75 18.32
CA PRO E 564 5.60 6.77 17.67
C PRO E 564 6.93 6.23 17.18
N THR E 565 7.62 6.99 16.33
CA THR E 565 8.91 6.55 15.80
C THR E 565 10.01 7.64 15.85
N ASP E 566 9.66 8.86 16.24
CA ASP E 566 10.61 9.96 16.21
C ASP E 566 10.22 11.13 17.11
N GLY E 567 11.02 11.38 18.13
CA GLY E 567 10.76 12.49 19.03
C GLY E 567 11.10 12.12 20.45
N SER E 568 10.55 12.82 21.40
CA SER E 568 10.83 12.46 22.78
C SER E 568 9.83 13.02 23.77
N ARG E 569 9.59 12.25 24.82
CA ARG E 569 8.71 12.66 25.90
C ARG E 569 9.39 12.61 27.25
N VAL E 570 9.00 13.53 28.11
CA VAL E 570 9.54 13.58 29.46
C VAL E 570 8.40 13.56 30.41
N ASN E 571 8.47 12.75 31.44
CA ASN E 571 7.36 12.66 32.36
C ASN E 571 7.76 12.81 33.80
N LEU E 572 7.83 14.04 34.24
CA LEU E 572 8.11 14.38 35.62
C LEU E 572 6.91 14.15 36.49
N THR E 573 7.04 13.32 37.49
CA THR E 573 5.93 13.16 38.40
C THR E 573 6.43 12.84 39.79
N GLY E 574 5.98 13.60 40.76
CA GLY E 574 6.41 13.37 42.11
C GLY E 574 5.37 13.84 43.09
N LYS E 575 5.67 13.67 44.35
CA LYS E 575 4.75 14.09 45.36
C LYS E 575 5.47 14.53 46.59
N VAL E 576 4.74 15.23 47.43
CA VAL E 576 5.23 15.64 48.69
C VAL E 576 4.07 15.68 49.62
N THR E 577 4.25 15.21 50.84
CA THR E 577 3.15 15.21 51.77
C THR E 577 2.87 16.60 52.29
N ILE E 578 1.68 16.77 52.82
CA ILE E 578 1.29 18.05 53.36
C ILE E 578 0.85 17.87 54.81
N PRO E 579 0.81 18.97 55.59
CA PRO E 579 0.36 19.04 56.96
C PRO E 579 -1.01 18.39 57.05
N GLY E 580 -1.18 17.56 58.07
CA GLY E 580 -2.40 16.80 58.23
C GLY E 580 -2.08 15.32 58.05
N SER E 581 -0.97 15.03 57.35
CA SER E 581 -0.57 13.63 57.21
C SER E 581 0.01 13.16 58.52
N ASP E 582 0.31 11.89 58.59
CA ASP E 582 0.94 11.32 59.77
C ASP E 582 2.45 11.16 59.59
N ASN E 583 2.99 11.72 58.51
CA ASN E 583 4.39 11.53 58.17
C ASN E 583 4.74 12.51 57.06
N GLU E 584 5.79 13.28 57.27
CA GLU E 584 6.20 14.24 56.26
C GLU E 584 7.32 13.66 55.42
N TYR E 585 7.03 13.41 54.15
CA TYR E 585 7.99 12.80 53.24
C TYR E 585 7.68 13.13 51.80
N TYR E 586 8.54 12.69 50.91
CA TYR E 586 8.35 12.95 49.50
C TYR E 586 8.83 11.81 48.66
N LYS E 587 8.41 11.80 47.41
CA LYS E 587 8.84 10.83 46.44
C LYS E 587 8.73 11.45 45.09
N VAL E 588 9.85 11.67 44.43
CA VAL E 588 9.80 12.32 43.14
C VAL E 588 10.49 11.51 42.08
N THR E 589 9.81 11.33 40.96
CA THR E 589 10.32 10.49 39.90
C THR E 589 10.23 11.14 38.53
N LEU E 590 10.83 10.48 37.54
CA LEU E 590 10.75 10.97 36.18
C LEU E 590 11.05 9.91 35.15
N ASP E 591 10.21 9.86 34.12
CA ASP E 591 10.41 8.90 33.04
C ASP E 591 10.80 9.58 31.72
N THR E 592 11.62 8.90 30.94
CA THR E 592 12.03 9.45 29.64
C THR E 592 11.74 8.47 28.53
N ALA E 593 11.15 8.98 27.44
CA ALA E 593 10.86 8.17 26.26
C ALA E 593 11.44 8.83 25.00
N THR E 594 12.61 8.38 24.56
CA THR E 594 13.22 9.01 23.39
C THR E 594 13.30 8.09 22.19
N TYR E 595 12.85 8.61 21.05
CA TYR E 595 12.83 7.91 19.78
C TYR E 595 13.72 8.57 18.74
N VAL E 596 14.78 7.88 18.34
CA VAL E 596 15.64 8.43 17.31
C VAL E 596 15.75 7.47 16.16
N PRO E 597 14.84 7.58 15.19
CA PRO E 597 14.81 6.75 14.00
C PRO E 597 16.21 6.53 13.45
N ILE E 598 16.59 5.28 13.39
CA ILE E 598 17.87 4.85 12.85
C ILE E 598 17.80 5.01 11.36
N ASP E 599 16.78 4.40 10.80
CA ASP E 599 16.51 4.47 9.40
C ASP E 599 15.81 5.77 9.11
N ASP E 600 16.12 6.39 8.00
CA ASP E 600 15.48 7.66 7.65
C ASP E 600 13.98 7.51 7.39
N ASP E 601 13.52 6.29 7.10
CA ASP E 601 12.10 6.02 6.93
C ASP E 601 11.48 5.51 8.22
N HIS E 602 12.25 5.53 9.30
CA HIS E 602 11.81 5.10 10.62
C HIS E 602 11.57 3.60 10.73
N LYS E 603 12.07 2.82 9.78
CA LYS E 603 11.93 1.38 9.78
C LYS E 603 12.63 0.78 10.99
N TRP E 604 13.75 1.38 11.35
CA TRP E 604 14.48 1.03 12.54
C TRP E 604 14.60 2.25 13.41
N VAL E 605 14.37 2.08 14.71
CA VAL E 605 14.39 3.25 15.62
C VAL E 605 15.12 3.04 16.95
N VAL E 606 15.93 4.02 17.35
CA VAL E 606 16.59 3.96 18.64
C VAL E 606 15.62 4.31 19.74
N LEU E 607 15.45 3.41 20.70
CA LEU E 607 14.56 3.70 21.80
C LEU E 607 15.32 3.84 23.10
N GLY E 608 15.25 5.01 23.70
CA GLY E 608 15.88 5.18 24.98
C GLY E 608 14.82 5.38 26.03
N ARG E 609 14.78 4.50 27.01
CA ARG E 609 13.80 4.68 28.07
C ARG E 609 14.44 4.59 29.41
N THR E 610 14.19 5.58 30.24
CA THR E 610 14.79 5.56 31.56
C THR E 610 13.79 5.94 32.62
N ARG E 611 14.13 5.60 33.86
CA ARG E 611 13.29 6.01 34.95
C ARG E 611 14.15 6.41 36.11
N TRP E 612 13.76 7.49 36.76
CA TRP E 612 14.54 8.03 37.83
C TRP E 612 13.67 8.32 39.02
N GLY E 613 14.23 8.21 40.21
CA GLY E 613 13.42 8.60 41.33
C GLY E 613 14.10 8.52 42.67
N TYR E 614 13.50 9.23 43.62
CA TYR E 614 14.01 9.22 44.97
C TYR E 614 12.96 9.69 45.96
N GLY E 615 12.87 9.01 47.08
CA GLY E 615 11.93 9.43 48.09
C GLY E 615 12.53 9.30 49.47
N ASP E 616 12.17 10.24 50.35
CA ASP E 616 12.69 10.25 51.71
C ASP E 616 11.84 11.18 52.56
N GLY E 617 12.23 11.38 53.80
CA GLY E 617 11.47 12.25 54.69
C GLY E 617 11.79 13.71 54.48
N LEU E 618 10.95 14.56 55.07
CA LEU E 618 11.10 16.00 55.02
C LEU E 618 11.77 16.57 56.29
N GLY E 619 12.35 15.71 57.11
CA GLY E 619 13.03 16.14 58.32
C GLY E 619 12.61 15.32 59.54
N GLY E 620 13.40 14.28 59.85
CA GLY E 620 13.11 13.40 60.99
C GLY E 620 12.01 12.39 60.66
N LYS E 621 11.67 12.32 59.39
CA LYS E 621 10.60 11.49 58.88
C LYS E 621 11.11 10.57 57.80
N GLU E 622 10.23 9.88 57.07
CA GLU E 622 10.74 9.01 56.02
C GLU E 622 9.66 8.45 55.10
N MET E 623 9.99 8.29 53.83
CA MET E 623 9.06 7.65 52.91
C MET E 623 8.86 6.20 53.37
N PRO E 624 7.63 5.71 53.42
CA PRO E 624 7.24 4.37 53.81
C PRO E 624 7.84 3.31 52.94
N PHE E 625 8.18 2.19 53.57
CA PHE E 625 8.76 1.06 52.87
C PHE E 625 7.82 0.46 51.83
N TYR E 626 6.53 0.66 52.01
CA TYR E 626 5.59 0.13 51.04
C TYR E 626 5.42 1.05 49.84
N GLU E 627 6.15 2.17 49.83
CA GLU E 627 6.11 3.07 48.72
C GLU E 627 7.41 3.00 47.95
N ASN E 628 8.29 2.10 48.35
CA ASN E 628 9.56 1.87 47.69
C ASN E 628 9.52 1.71 46.18
N PHE E 629 10.70 1.64 45.61
CA PHE E 629 10.87 1.43 44.19
C PHE E 629 11.03 -0.06 43.94
N TYR E 630 10.37 -0.56 42.89
CA TYR E 630 10.39 -1.99 42.56
C TYR E 630 10.64 -2.23 41.08
N ALA E 631 11.28 -3.35 40.74
CA ALA E 631 11.47 -3.63 39.32
C ALA E 631 11.55 -5.12 38.99
N GLY E 632 11.20 -5.44 37.75
CA GLY E 632 11.24 -6.81 37.23
C GLY E 632 9.85 -7.28 36.83
N GLY E 633 9.79 -8.27 35.94
CA GLY E 633 8.54 -8.90 35.52
C GLY E 633 7.75 -8.14 34.47
N SER E 634 7.33 -6.94 34.83
CA SER E 634 6.50 -6.14 33.96
C SER E 634 6.96 -4.70 33.90
N SER E 635 6.00 -3.78 33.70
CA SER E 635 6.34 -2.38 33.55
C SER E 635 7.39 -2.25 32.46
N THR E 636 8.57 -1.75 32.81
CA THR E 636 9.61 -1.61 31.82
C THR E 636 10.67 -2.70 31.93
N VAL E 637 10.69 -3.43 33.03
CA VAL E 637 11.77 -4.39 33.21
C VAL E 637 11.37 -5.81 32.92
N ARG E 638 12.23 -6.47 32.17
CA ARG E 638 12.00 -7.82 31.73
C ARG E 638 13.29 -8.63 31.81
N GLY E 639 13.15 -9.93 31.97
CA GLY E 639 14.27 -10.85 32.14
C GLY E 639 14.32 -11.34 33.57
N PHE E 640 13.97 -10.45 34.50
CA PHE E 640 13.94 -10.75 35.91
C PHE E 640 12.48 -10.81 36.33
N GLN E 641 12.17 -11.51 37.42
CA GLN E 641 10.79 -11.68 37.86
C GLN E 641 10.19 -10.46 38.54
N SER E 642 8.86 -10.48 38.62
CA SER E 642 8.00 -9.41 39.11
C SER E 642 8.44 -8.77 40.40
N ASN E 643 8.91 -7.54 40.28
CA ASN E 643 9.35 -6.73 41.41
C ASN E 643 10.39 -7.42 42.27
N THR E 644 11.27 -8.22 41.65
CA THR E 644 12.30 -8.91 42.41
C THR E 644 13.61 -8.13 42.43
N ILE E 645 13.64 -6.99 41.76
CA ILE E 645 14.80 -6.13 41.76
C ILE E 645 14.63 -5.01 42.77
N GLY E 646 15.65 -4.89 43.62
CA GLY E 646 15.70 -3.91 44.68
C GLY E 646 16.15 -4.61 45.94
N PRO E 647 16.22 -3.86 47.04
CA PRO E 647 16.59 -4.30 48.38
C PRO E 647 15.64 -5.37 48.89
N LYS E 648 16.17 -6.35 49.60
CA LYS E 648 15.35 -7.43 50.13
C LYS E 648 15.14 -7.29 51.62
N ALA E 649 13.93 -7.61 52.06
CA ALA E 649 13.60 -7.54 53.47
C ALA E 649 14.38 -8.57 54.26
N VAL E 650 14.87 -8.15 55.42
CA VAL E 650 15.57 -9.06 56.30
C VAL E 650 14.69 -9.37 57.49
N TYR E 651 14.35 -10.62 57.70
CA TYR E 651 13.51 -10.89 58.84
C TYR E 651 14.33 -11.01 60.11
N PHE E 652 13.67 -10.78 61.22
CA PHE E 652 14.21 -10.89 62.56
C PHE E 652 13.74 -12.16 63.24
N PRO E 653 14.53 -12.74 64.17
CA PRO E 653 14.23 -13.93 64.98
C PRO E 653 12.87 -13.91 65.61
N HIS E 654 11.90 -14.24 64.79
CA HIS E 654 10.49 -14.32 65.10
C HIS E 654 10.11 -15.53 65.90
N GLN E 655 9.21 -15.34 66.85
CA GLN E 655 8.73 -16.43 67.67
C GLN E 655 7.20 -16.48 67.78
N ALA E 656 6.52 -15.33 67.76
CA ALA E 656 5.06 -15.38 67.88
C ALA E 656 4.36 -14.38 66.96
N SER E 657 3.62 -14.92 66.00
CA SER E 657 2.90 -14.12 65.01
C SER E 657 1.43 -13.93 65.25
N ASN E 658 0.90 -14.66 66.23
CA ASN E 658 -0.54 -14.70 66.49
C ASN E 658 -1.27 -15.53 65.40
N TYR E 659 -0.55 -16.52 64.84
CA TYR E 659 -1.01 -17.47 63.79
C TYR E 659 0.16 -17.95 62.96
N ASP E 660 0.52 -19.21 63.11
CA ASP E 660 1.68 -19.70 62.38
C ASP E 660 1.56 -21.21 62.14
N PRO E 661 0.89 -21.62 61.06
CA PRO E 661 0.69 -22.98 60.58
C PRO E 661 1.96 -23.77 60.81
N ASP E 662 1.83 -24.89 61.53
CA ASP E 662 2.97 -25.70 61.90
C ASP E 662 3.90 -25.94 60.73
N TYR E 663 5.02 -25.23 60.75
CA TYR E 663 6.05 -25.26 59.72
C TYR E 663 5.44 -24.89 58.38
N ASP E 664 5.56 -23.61 58.04
CA ASP E 664 5.01 -23.03 56.81
C ASP E 664 5.01 -21.52 56.98
N TYR E 665 5.24 -20.82 55.89
CA TYR E 665 5.33 -19.36 55.88
C TYR E 665 6.40 -18.83 56.82
N GLU E 666 7.56 -19.49 56.85
CA GLU E 666 8.62 -19.04 57.75
C GLU E 666 9.06 -17.63 57.41
N CYS E 667 9.15 -16.81 58.44
CA CYS E 667 9.54 -15.41 58.34
C CYS E 667 10.62 -15.11 59.34
N ALA E 668 11.53 -16.07 59.50
CA ALA E 668 12.58 -16.06 60.52
C ALA E 668 11.95 -16.53 61.81
N THR E 669 11.02 -17.45 61.68
CA THR E 669 10.14 -17.81 62.77
C THR E 669 10.64 -18.87 63.75
N GLN E 670 9.70 -19.31 64.57
CA GLN E 670 9.87 -20.34 65.57
C GLN E 670 10.03 -21.68 64.91
N ASP E 671 9.02 -22.05 64.11
CA ASP E 671 8.98 -23.31 63.38
C ASP E 671 10.01 -23.36 62.26
N GLY E 672 11.27 -23.52 62.61
CA GLY E 672 12.34 -23.58 61.65
C GLY E 672 12.77 -22.18 61.28
N ALA E 673 13.82 -22.08 60.44
CA ALA E 673 14.38 -20.81 59.98
C ALA E 673 14.45 -19.75 61.08
N LYS E 674 15.18 -20.04 62.15
CA LYS E 674 15.33 -19.11 63.26
C LYS E 674 16.52 -18.17 63.06
N ASP E 675 16.45 -17.00 63.73
CA ASP E 675 17.48 -15.92 63.75
C ASP E 675 17.13 -14.88 62.72
N LEU E 676 18.05 -13.98 62.35
CA LEU E 676 17.69 -12.95 61.37
C LEU E 676 17.71 -13.51 59.96
N CYS E 677 16.67 -14.26 59.62
CA CYS E 677 16.59 -14.85 58.32
C CYS E 677 16.27 -13.84 57.25
N LYS E 678 17.30 -13.37 56.59
CA LYS E 678 17.08 -12.51 55.45
C LYS E 678 16.29 -13.24 54.40
N SER E 679 15.35 -12.54 53.80
CA SER E 679 14.53 -13.14 52.78
C SER E 679 14.92 -12.67 51.40
N ASP E 680 14.19 -13.19 50.44
CA ASP E 680 14.31 -12.83 49.05
C ASP E 680 13.23 -11.82 48.68
N ASP E 681 12.56 -11.27 49.68
CA ASP E 681 11.50 -10.32 49.44
C ASP E 681 12.01 -8.97 49.11
N ALA E 682 12.27 -8.75 47.81
CA ALA E 682 12.68 -7.47 47.26
C ALA E 682 11.77 -6.34 47.69
N VAL E 683 11.90 -5.91 48.95
CA VAL E 683 11.07 -4.88 49.57
C VAL E 683 11.16 -3.55 48.87
N GLY E 684 12.23 -3.33 48.12
CA GLY E 684 12.34 -2.15 47.31
C GLY E 684 13.28 -1.15 47.91
N GLY E 685 13.61 -0.15 47.12
CA GLY E 685 14.56 0.86 47.54
C GLY E 685 13.92 2.21 47.69
N ASN E 686 14.74 3.21 47.93
CA ASN E 686 14.23 4.56 48.01
C ASN E 686 14.86 5.38 46.91
N ALA E 687 15.57 4.70 46.01
CA ALA E 687 16.19 5.35 44.89
C ALA E 687 16.09 4.49 43.64
N MET E 688 15.87 5.14 42.51
CA MET E 688 15.72 4.47 41.23
C MET E 688 16.51 5.07 40.10
N ALA E 689 17.15 4.19 39.36
CA ALA E 689 17.92 4.56 38.18
C ALA E 689 17.93 3.42 37.20
N VAL E 690 17.02 3.42 36.23
CA VAL E 690 17.01 2.32 35.28
C VAL E 690 17.05 2.84 33.86
N ALA E 691 17.45 1.97 32.94
CA ALA E 691 17.53 2.34 31.54
C ALA E 691 17.22 1.18 30.60
N SER E 692 16.72 1.51 29.44
CA SER E 692 16.35 0.53 28.45
C SER E 692 16.77 0.92 27.06
N LEU E 693 17.51 0.02 26.42
CA LEU E 693 17.97 0.23 25.07
C LEU E 693 17.22 -0.66 24.13
N GLU E 694 16.18 -0.14 23.52
CA GLU E 694 15.36 -0.94 22.62
C GLU E 694 15.49 -0.44 21.20
N PHE E 695 15.39 -1.33 20.22
CA PHE E 695 15.57 -0.90 18.85
C PHE E 695 14.47 -1.44 17.98
N ILE E 696 13.67 -0.55 17.39
CA ILE E 696 12.56 -1.03 16.61
C ILE E 696 13.03 -1.71 15.37
N THR E 697 12.48 -2.89 15.13
CA THR E 697 12.76 -3.64 13.93
C THR E 697 11.44 -3.97 13.23
N PRO E 698 11.47 -4.11 11.89
CA PRO E 698 10.37 -4.45 11.01
C PRO E 698 10.12 -5.94 10.97
N THR E 699 8.86 -6.32 10.73
CA THR E 699 8.49 -7.72 10.62
C THR E 699 8.25 -8.04 9.14
N PRO E 700 9.10 -8.86 8.52
CA PRO E 700 9.09 -9.28 7.11
C PRO E 700 8.10 -10.39 6.79
N PHE E 701 7.15 -10.63 7.68
CA PHE E 701 6.18 -11.69 7.49
C PHE E 701 4.76 -11.16 7.45
N ILE E 702 4.53 -10.10 8.22
CA ILE E 702 3.22 -9.51 8.28
C ILE E 702 3.07 -8.46 7.21
N SER E 703 1.95 -8.49 6.51
CA SER E 703 1.71 -7.49 5.48
C SER E 703 1.75 -6.12 6.11
N ASP E 704 2.50 -5.21 5.45
CA ASP E 704 2.70 -3.83 5.90
C ASP E 704 1.42 -3.15 6.32
N LYS E 705 0.33 -3.49 5.62
CA LYS E 705 -1.02 -3.03 5.89
C LYS E 705 -1.35 -2.89 7.36
N TYR E 706 -0.87 -3.81 8.17
CA TYR E 706 -1.11 -3.73 9.59
C TYR E 706 0.13 -4.12 10.37
N ALA E 707 1.22 -4.44 9.64
CA ALA E 707 2.49 -4.68 10.31
C ALA E 707 2.95 -3.41 10.96
N ASN E 708 2.56 -2.26 10.40
CA ASN E 708 2.91 -0.97 10.97
C ASN E 708 2.20 -0.62 12.30
N SER E 709 1.38 -1.53 12.83
CA SER E 709 0.78 -1.39 14.14
C SER E 709 1.47 -2.33 15.13
N VAL E 710 2.35 -3.15 14.57
CA VAL E 710 3.09 -4.18 15.28
C VAL E 710 4.51 -3.72 15.51
N ARG E 711 5.04 -3.99 16.68
CA ARG E 711 6.38 -3.53 16.94
C ARG E 711 7.26 -4.51 17.62
N THR E 712 8.29 -4.92 16.89
CA THR E 712 9.28 -5.80 17.45
C THR E 712 10.47 -4.98 17.80
N SER E 713 11.25 -5.42 18.77
CA SER E 713 12.40 -4.63 19.13
C SER E 713 13.53 -5.39 19.80
N PHE E 714 14.73 -5.06 19.41
CA PHE E 714 15.90 -5.69 19.99
C PHE E 714 16.27 -4.94 21.23
N PHE E 715 16.79 -5.59 22.24
CA PHE E 715 17.15 -4.77 23.38
C PHE E 715 18.25 -5.24 24.29
N TRP E 716 18.74 -4.25 25.04
CA TRP E 716 19.74 -4.41 26.07
C TRP E 716 19.29 -3.55 27.22
N ASP E 717 18.77 -4.18 28.25
CA ASP E 717 18.20 -3.44 29.36
C ASP E 717 18.92 -3.64 30.66
N MET E 718 18.97 -2.60 31.47
CA MET E 718 19.66 -2.71 32.73
C MET E 718 19.22 -1.63 33.71
N GLY E 719 19.41 -1.87 34.99
CA GLY E 719 19.04 -0.83 35.93
C GLY E 719 19.14 -1.22 37.38
N THR E 720 18.94 -0.25 38.26
CA THR E 720 19.07 -0.48 39.68
C THR E 720 18.09 0.25 40.57
N VAL E 721 17.81 -0.42 41.67
CA VAL E 721 16.97 0.06 42.74
C VAL E 721 17.72 -0.14 44.03
N TRP E 722 17.80 0.89 44.86
CA TRP E 722 18.54 0.68 46.09
C TRP E 722 18.03 1.58 47.19
N ASP E 723 18.44 1.27 48.41
CA ASP E 723 18.02 1.98 49.61
C ASP E 723 19.15 2.80 50.19
N THR E 724 19.17 4.11 49.94
CA THR E 724 20.24 4.95 50.46
C THR E 724 20.32 5.00 51.99
N ASN E 725 19.25 4.57 52.67
CA ASN E 725 19.24 4.54 54.12
C ASN E 725 19.56 3.13 54.63
N TRP E 726 20.10 2.30 53.75
CA TRP E 726 20.49 0.96 54.08
C TRP E 726 21.77 1.00 54.89
N ASP E 727 21.60 0.99 56.20
CA ASP E 727 22.73 1.06 57.10
C ASP E 727 23.50 -0.22 57.17
N SER E 728 24.47 -0.36 56.27
CA SER E 728 25.35 -1.52 56.14
C SER E 728 26.02 -2.02 57.42
N SER E 729 26.07 -1.23 58.49
CA SER E 729 26.67 -1.70 59.73
C SER E 729 25.67 -2.53 60.51
N GLN E 730 24.39 -2.32 60.20
CA GLN E 730 23.32 -3.05 60.83
C GLN E 730 22.98 -4.20 59.91
N TYR E 731 23.30 -4.00 58.64
CA TYR E 731 23.20 -5.03 57.63
C TYR E 731 24.56 -5.65 57.40
N SER E 732 25.40 -5.72 58.43
CA SER E 732 26.77 -6.19 58.30
C SER E 732 26.91 -7.61 57.74
N GLY E 733 25.91 -8.46 57.97
CA GLY E 733 25.95 -9.81 57.44
C GLY E 733 25.09 -9.94 56.17
N TYR E 734 24.72 -8.81 55.58
CA TYR E 734 23.83 -8.79 54.44
C TYR E 734 24.44 -7.89 53.35
N PRO E 735 23.84 -7.85 52.15
CA PRO E 735 24.20 -7.01 51.00
C PRO E 735 24.20 -5.54 51.37
N ASP E 736 24.70 -4.71 50.46
CA ASP E 736 24.74 -3.28 50.72
C ASP E 736 24.02 -2.46 49.66
N TYR E 737 22.74 -2.23 49.90
CA TYR E 737 21.95 -1.45 48.97
C TYR E 737 21.96 0.03 49.23
N SER E 738 22.97 0.54 49.92
CA SER E 738 23.10 1.98 50.01
C SER E 738 23.92 2.40 48.81
N ASP E 739 24.62 1.41 48.22
CA ASP E 739 25.45 1.58 47.04
C ASP E 739 24.63 1.42 45.76
N PRO E 740 24.61 2.43 44.88
CA PRO E 740 23.99 2.46 43.56
C PRO E 740 24.47 1.33 42.62
N SER E 741 25.56 0.64 42.97
CA SER E 741 26.17 -0.43 42.15
C SER E 741 25.43 -1.76 42.30
N ASN E 742 24.16 -1.72 41.94
CA ASN E 742 23.21 -2.81 41.99
C ASN E 742 22.50 -2.98 40.65
N ILE E 743 23.21 -2.67 39.58
CA ILE E 743 22.63 -2.71 38.24
C ILE E 743 22.47 -4.10 37.68
N ARG E 744 21.22 -4.47 37.43
CA ARG E 744 20.85 -5.75 36.89
C ARG E 744 20.82 -5.65 35.39
N MET E 745 21.03 -6.77 34.69
CA MET E 745 21.03 -6.68 33.23
C MET E 745 20.53 -7.89 32.46
N SER E 746 19.70 -7.62 31.45
CA SER E 746 19.12 -8.63 30.58
C SER E 746 19.06 -8.12 29.13
N ALA E 747 18.83 -9.01 28.17
CA ALA E 747 18.81 -8.59 26.77
C ALA E 747 18.05 -9.58 25.89
N GLY E 748 17.54 -9.11 24.75
CA GLY E 748 16.82 -9.99 23.83
C GLY E 748 15.83 -9.29 22.89
N ILE E 749 14.54 -9.67 22.94
CA ILE E 749 13.56 -9.12 22.00
C ILE E 749 12.16 -8.87 22.56
N ALA E 750 11.56 -7.76 22.14
CA ALA E 750 10.21 -7.38 22.51
C ALA E 750 9.27 -7.62 21.34
N LEU E 751 8.05 -8.06 21.63
CA LEU E 751 7.08 -8.41 20.62
C LEU E 751 5.70 -7.78 20.84
N GLN E 752 5.52 -6.56 20.34
CA GLN E 752 4.25 -5.84 20.47
C GLN E 752 3.20 -6.22 19.45
N TRP E 753 2.16 -6.91 19.90
CA TRP E 753 1.06 -7.25 19.02
C TRP E 753 -0.18 -6.43 19.27
N MET E 754 -0.61 -5.68 18.28
CA MET E 754 -1.81 -4.89 18.50
C MET E 754 -3.05 -5.72 18.27
N SER E 755 -3.54 -6.27 19.37
CA SER E 755 -4.74 -7.09 19.42
C SER E 755 -5.96 -6.18 19.44
N PRO E 756 -7.16 -6.77 19.43
CA PRO E 756 -8.44 -6.09 19.62
C PRO E 756 -8.48 -5.33 20.94
N LEU E 757 -7.66 -5.72 21.91
CA LEU E 757 -7.56 -5.03 23.17
C LEU E 757 -6.23 -4.29 23.25
N GLY E 758 -5.74 -3.84 22.10
CA GLY E 758 -4.54 -3.04 22.02
C GLY E 758 -3.27 -3.88 21.99
N PRO E 759 -2.12 -3.20 21.96
CA PRO E 759 -0.76 -3.68 21.97
C PRO E 759 -0.47 -4.56 23.17
N LEU E 760 -0.03 -5.77 22.88
CA LEU E 760 0.35 -6.72 23.89
C LEU E 760 1.81 -7.07 23.69
N VAL E 761 2.68 -6.65 24.59
CA VAL E 761 4.09 -6.88 24.38
C VAL E 761 4.59 -8.10 25.10
N PHE E 762 5.13 -9.04 24.33
CA PHE E 762 5.68 -10.25 24.90
C PHE E 762 7.18 -10.17 24.74
N SER E 763 7.95 -10.87 25.57
CA SER E 763 9.38 -10.71 25.38
C SER E 763 10.25 -11.85 25.82
N TYR E 764 11.47 -11.81 25.32
CA TYR E 764 12.49 -12.75 25.67
C TYR E 764 13.72 -12.00 26.12
N ALA E 765 14.21 -12.34 27.29
CA ALA E 765 15.37 -11.65 27.79
C ALA E 765 16.29 -12.60 28.52
N GLN E 766 17.58 -12.31 28.49
CA GLN E 766 18.55 -13.14 29.17
C GLN E 766 19.21 -12.42 30.36
N PRO E 767 18.53 -12.41 31.51
CA PRO E 767 18.99 -11.83 32.78
C PRO E 767 20.41 -12.25 33.15
N PHE E 768 21.39 -11.63 32.51
CA PHE E 768 22.79 -11.92 32.74
C PHE E 768 23.28 -11.46 34.08
N LYS E 769 23.11 -10.18 34.35
CA LYS E 769 23.68 -9.68 35.57
C LYS E 769 22.70 -9.85 36.69
N LYS E 770 22.88 -10.97 37.38
CA LYS E 770 22.07 -11.38 38.50
C LYS E 770 22.77 -11.17 39.84
N TYR E 771 22.01 -10.68 40.81
CA TYR E 771 22.52 -10.47 42.15
C TYR E 771 21.82 -11.40 43.14
N ASP E 772 22.38 -11.50 44.34
CA ASP E 772 21.83 -12.37 45.36
C ASP E 772 20.39 -12.00 45.69
N GLY E 773 19.54 -13.02 45.71
CA GLY E 773 18.12 -12.86 46.04
C GLY E 773 17.26 -12.60 44.80
N ASP E 774 17.89 -12.36 43.65
CA ASP E 774 17.13 -12.09 42.44
C ASP E 774 16.48 -13.33 41.89
N LYS E 775 15.35 -13.13 41.25
CA LYS E 775 14.65 -14.21 40.61
C LYS E 775 14.49 -13.83 39.17
N ALA E 776 14.38 -14.79 38.29
CA ALA E 776 14.34 -14.43 36.90
C ALA E 776 13.57 -15.41 36.04
N GLU E 777 13.26 -14.95 34.84
CA GLU E 777 12.51 -15.72 33.87
C GLU E 777 12.68 -15.13 32.49
N GLN E 778 13.33 -15.88 31.63
CA GLN E 778 13.65 -15.41 30.30
C GLN E 778 12.41 -15.14 29.44
N PHE E 779 11.34 -15.91 29.63
CA PHE E 779 10.14 -15.72 28.83
C PHE E 779 9.06 -15.03 29.60
N GLN E 780 8.77 -13.78 29.24
CA GLN E 780 7.78 -13.03 29.96
C GLN E 780 6.72 -12.50 29.03
N PHE E 781 5.50 -12.36 29.54
CA PHE E 781 4.41 -11.98 28.69
C PHE E 781 3.62 -10.84 29.30
N ASN E 782 3.58 -9.72 28.59
CA ASN E 782 2.91 -8.54 29.11
C ASN E 782 1.84 -7.97 28.18
N ILE E 783 1.22 -6.91 28.65
CA ILE E 783 0.14 -6.23 27.95
C ILE E 783 0.63 -4.92 27.33
#